data_5E20
# 
_entry.id   5E20 
# 
_audit_conform.dict_name       mmcif_pdbx.dic 
_audit_conform.dict_version    5.383 
_audit_conform.dict_location   http://mmcif.pdb.org/dictionaries/ascii/mmcif_pdbx.dic 
# 
loop_
_database_2.database_id 
_database_2.database_code 
_database_2.pdbx_database_accession 
_database_2.pdbx_DOI 
PDB   5E20         pdb_00005e20 10.2210/pdb5e20/pdb 
WWPDB D_1000214215 ?            ?                   
# 
loop_
_pdbx_audit_revision_history.ordinal 
_pdbx_audit_revision_history.data_content_type 
_pdbx_audit_revision_history.major_revision 
_pdbx_audit_revision_history.minor_revision 
_pdbx_audit_revision_history.revision_date 
1 'Structure model' 1 0 2016-10-05 
2 'Structure model' 1 1 2024-01-10 
# 
_pdbx_audit_revision_details.ordinal             1 
_pdbx_audit_revision_details.revision_ordinal    1 
_pdbx_audit_revision_details.data_content_type   'Structure model' 
_pdbx_audit_revision_details.provider            repository 
_pdbx_audit_revision_details.type                'Initial release' 
_pdbx_audit_revision_details.description         ? 
_pdbx_audit_revision_details.details             ? 
# 
loop_
_pdbx_audit_revision_group.ordinal 
_pdbx_audit_revision_group.revision_ordinal 
_pdbx_audit_revision_group.data_content_type 
_pdbx_audit_revision_group.group 
1 2 'Structure model' 'Author supporting evidence' 
2 2 'Structure model' 'Data collection'            
3 2 'Structure model' 'Database references'        
4 2 'Structure model' 'Refinement description'     
# 
loop_
_pdbx_audit_revision_category.ordinal 
_pdbx_audit_revision_category.revision_ordinal 
_pdbx_audit_revision_category.data_content_type 
_pdbx_audit_revision_category.category 
1 2 'Structure model' chem_comp_atom                
2 2 'Structure model' chem_comp_bond                
3 2 'Structure model' database_2                    
4 2 'Structure model' pdbx_audit_support            
5 2 'Structure model' pdbx_initial_refinement_model 
# 
loop_
_pdbx_audit_revision_item.ordinal 
_pdbx_audit_revision_item.revision_ordinal 
_pdbx_audit_revision_item.data_content_type 
_pdbx_audit_revision_item.item 
1 2 'Structure model' '_database_2.pdbx_DOI'                     
2 2 'Structure model' '_database_2.pdbx_database_accession'      
3 2 'Structure model' '_pdbx_audit_support.funding_organization' 
# 
_pdbx_database_status.status_code                     REL 
_pdbx_database_status.status_code_sf                  REL 
_pdbx_database_status.status_code_mr                  ? 
_pdbx_database_status.entry_id                        5E20 
_pdbx_database_status.recvd_initial_deposition_date   2015-09-30 
_pdbx_database_status.SG_entry                        N 
_pdbx_database_status.deposit_site                    RCSB 
_pdbx_database_status.process_site                    PDBE 
_pdbx_database_status.status_code_cs                  ? 
_pdbx_database_status.methods_development_category    ? 
_pdbx_database_status.pdb_format_compatible           Y 
_pdbx_database_status.status_code_nmr_data            ? 
# 
loop_
_audit_author.name 
_audit_author.pdbx_ordinal 
'Quezada, C.P.' 1 
'Dunstan, M.S.' 2 
'Fisher, K.'    3 
'Leys, D.'      4 
# 
_citation.abstract                  ? 
_citation.abstract_id_CAS           ? 
_citation.book_id_ISBN              ? 
_citation.book_publisher            ? 
_citation.book_publisher_city       ? 
_citation.book_title                ? 
_citation.coordinate_linkage        ? 
_citation.country                   ? 
_citation.database_id_Medline       ? 
_citation.details                   ? 
_citation.id                        primary 
_citation.journal_abbrev            'To be published' 
_citation.journal_id_ASTM           ? 
_citation.journal_id_CSD            0353 
_citation.journal_id_ISSN           ? 
_citation.journal_full              ? 
_citation.journal_issue             ? 
_citation.journal_volume            ? 
_citation.language                  ? 
_citation.page_first                ? 
_citation.page_last                 ? 
_citation.title                     
'Crystal structures of RdhRCbdbA1625 provide insight into sensing of chloroaromatic compounds by MarR-type regulators' 
_citation.year                      ? 
_citation.database_id_CSD           ? 
_citation.pdbx_database_id_DOI      ? 
_citation.pdbx_database_id_PubMed   ? 
_citation.unpublished_flag          ? 
# 
loop_
_citation_author.citation_id 
_citation_author.name 
_citation_author.ordinal 
_citation_author.identifier_ORCID 
primary 'Quezada, C.P.' 1 ? 
primary 'Dunstan, M.S.' 2 ? 
primary 'Fisher, K.'    3 ? 
primary 'Leys, D.'      4 ? 
# 
loop_
_entity.id 
_entity.type 
_entity.src_method 
_entity.pdbx_description 
_entity.formula_weight 
_entity.pdbx_number_of_molecules 
_entity.pdbx_ec 
_entity.pdbx_mutation 
_entity.pdbx_fragment 
_entity.details 
1 polymer     man 'Transcriptional regulator, MarR family' 21016.482 1  ? ? ? ? 
2 non-polymer syn 2,3-dichlorophenol                       163.001   1  ? ? ? ? 
3 water       nat water                                    18.015    88 ? ? ? ? 
# 
_entity_poly.entity_id                      1 
_entity_poly.type                           'polypeptide(L)' 
_entity_poly.nstd_linkage                   no 
_entity_poly.nstd_monomer                   no 
_entity_poly.pdbx_seq_one_letter_code       
;MAHHHHHHSSGLEVLFQGPNEFETLELEHLLWVNITQVKHSIERAWTRELKSLNLSTEKFAILHELMCLGGESTPHTLAR
RIVFEPHSVSAIVSRMEKDGLIIKTKDLDKKHMVRIKLSEKAIDTFYQALEISNRVYKQMMASITREEKVELSKTLTKLR
NHTLPLTHKHTKTLTPFKYI
;
_entity_poly.pdbx_seq_one_letter_code_can   
;MAHHHHHHSSGLEVLFQGPNEFETLELEHLLWVNITQVKHSIERAWTRELKSLNLSTEKFAILHELMCLGGESTPHTLAR
RIVFEPHSVSAIVSRMEKDGLIIKTKDLDKKHMVRIKLSEKAIDTFYQALEISNRVYKQMMASITREEKVELSKTLTKLR
NHTLPLTHKHTKTLTPFKYI
;
_entity_poly.pdbx_strand_id                 A 
_entity_poly.pdbx_target_identifier         ? 
# 
loop_
_pdbx_entity_nonpoly.entity_id 
_pdbx_entity_nonpoly.name 
_pdbx_entity_nonpoly.comp_id 
2 2,3-dichlorophenol 5JF 
3 water              HOH 
# 
loop_
_entity_poly_seq.entity_id 
_entity_poly_seq.num 
_entity_poly_seq.mon_id 
_entity_poly_seq.hetero 
1 1   MET n 
1 2   ALA n 
1 3   HIS n 
1 4   HIS n 
1 5   HIS n 
1 6   HIS n 
1 7   HIS n 
1 8   HIS n 
1 9   SER n 
1 10  SER n 
1 11  GLY n 
1 12  LEU n 
1 13  GLU n 
1 14  VAL n 
1 15  LEU n 
1 16  PHE n 
1 17  GLN n 
1 18  GLY n 
1 19  PRO n 
1 20  ASN n 
1 21  GLU n 
1 22  PHE n 
1 23  GLU n 
1 24  THR n 
1 25  LEU n 
1 26  GLU n 
1 27  LEU n 
1 28  GLU n 
1 29  HIS n 
1 30  LEU n 
1 31  LEU n 
1 32  TRP n 
1 33  VAL n 
1 34  ASN n 
1 35  ILE n 
1 36  THR n 
1 37  GLN n 
1 38  VAL n 
1 39  LYS n 
1 40  HIS n 
1 41  SER n 
1 42  ILE n 
1 43  GLU n 
1 44  ARG n 
1 45  ALA n 
1 46  TRP n 
1 47  THR n 
1 48  ARG n 
1 49  GLU n 
1 50  LEU n 
1 51  LYS n 
1 52  SER n 
1 53  LEU n 
1 54  ASN n 
1 55  LEU n 
1 56  SER n 
1 57  THR n 
1 58  GLU n 
1 59  LYS n 
1 60  PHE n 
1 61  ALA n 
1 62  ILE n 
1 63  LEU n 
1 64  HIS n 
1 65  GLU n 
1 66  LEU n 
1 67  MET n 
1 68  CYS n 
1 69  LEU n 
1 70  GLY n 
1 71  GLY n 
1 72  GLU n 
1 73  SER n 
1 74  THR n 
1 75  PRO n 
1 76  HIS n 
1 77  THR n 
1 78  LEU n 
1 79  ALA n 
1 80  ARG n 
1 81  ARG n 
1 82  ILE n 
1 83  VAL n 
1 84  PHE n 
1 85  GLU n 
1 86  PRO n 
1 87  HIS n 
1 88  SER n 
1 89  VAL n 
1 90  SER n 
1 91  ALA n 
1 92  ILE n 
1 93  VAL n 
1 94  SER n 
1 95  ARG n 
1 96  MET n 
1 97  GLU n 
1 98  LYS n 
1 99  ASP n 
1 100 GLY n 
1 101 LEU n 
1 102 ILE n 
1 103 ILE n 
1 104 LYS n 
1 105 THR n 
1 106 LYS n 
1 107 ASP n 
1 108 LEU n 
1 109 ASP n 
1 110 LYS n 
1 111 LYS n 
1 112 HIS n 
1 113 MET n 
1 114 VAL n 
1 115 ARG n 
1 116 ILE n 
1 117 LYS n 
1 118 LEU n 
1 119 SER n 
1 120 GLU n 
1 121 LYS n 
1 122 ALA n 
1 123 ILE n 
1 124 ASP n 
1 125 THR n 
1 126 PHE n 
1 127 TYR n 
1 128 GLN n 
1 129 ALA n 
1 130 LEU n 
1 131 GLU n 
1 132 ILE n 
1 133 SER n 
1 134 ASN n 
1 135 ARG n 
1 136 VAL n 
1 137 TYR n 
1 138 LYS n 
1 139 GLN n 
1 140 MET n 
1 141 MET n 
1 142 ALA n 
1 143 SER n 
1 144 ILE n 
1 145 THR n 
1 146 ARG n 
1 147 GLU n 
1 148 GLU n 
1 149 LYS n 
1 150 VAL n 
1 151 GLU n 
1 152 LEU n 
1 153 SER n 
1 154 LYS n 
1 155 THR n 
1 156 LEU n 
1 157 THR n 
1 158 LYS n 
1 159 LEU n 
1 160 ARG n 
1 161 ASN n 
1 162 HIS n 
1 163 THR n 
1 164 LEU n 
1 165 PRO n 
1 166 LEU n 
1 167 THR n 
1 168 HIS n 
1 169 LYS n 
1 170 HIS n 
1 171 THR n 
1 172 LYS n 
1 173 THR n 
1 174 LEU n 
1 175 THR n 
1 176 PRO n 
1 177 PHE n 
1 178 LYS n 
1 179 TYR n 
1 180 ILE n 
# 
_entity_src_gen.entity_id                          1 
_entity_src_gen.pdbx_src_id                        1 
_entity_src_gen.pdbx_alt_source_flag               sample 
_entity_src_gen.pdbx_seq_type                      'Biological sequence' 
_entity_src_gen.pdbx_beg_seq_num                   1 
_entity_src_gen.pdbx_end_seq_num                   180 
_entity_src_gen.gene_src_common_name               ? 
_entity_src_gen.gene_src_genus                     ? 
_entity_src_gen.pdbx_gene_src_gene                 'rdhR, btf_1489' 
_entity_src_gen.gene_src_species                   ? 
_entity_src_gen.gene_src_strain                    ? 
_entity_src_gen.gene_src_tissue                    ? 
_entity_src_gen.gene_src_tissue_fraction           ? 
_entity_src_gen.gene_src_details                   ? 
_entity_src_gen.pdbx_gene_src_fragment             ? 
_entity_src_gen.pdbx_gene_src_scientific_name      'Dehalococcoides sp. CBDB1' 
_entity_src_gen.pdbx_gene_src_ncbi_taxonomy_id     255470 
_entity_src_gen.pdbx_gene_src_variant              ? 
_entity_src_gen.pdbx_gene_src_cell_line            ? 
_entity_src_gen.pdbx_gene_src_atcc                 ? 
_entity_src_gen.pdbx_gene_src_organ                ? 
_entity_src_gen.pdbx_gene_src_organelle            ? 
_entity_src_gen.pdbx_gene_src_cell                 ? 
_entity_src_gen.pdbx_gene_src_cellular_location    ? 
_entity_src_gen.host_org_common_name               ? 
_entity_src_gen.pdbx_host_org_scientific_name      'Escherichia coli' 
_entity_src_gen.pdbx_host_org_ncbi_taxonomy_id     562 
_entity_src_gen.host_org_genus                     ? 
_entity_src_gen.pdbx_host_org_gene                 ? 
_entity_src_gen.pdbx_host_org_organ                ? 
_entity_src_gen.host_org_species                   ? 
_entity_src_gen.pdbx_host_org_tissue               ? 
_entity_src_gen.pdbx_host_org_tissue_fraction      ? 
_entity_src_gen.pdbx_host_org_strain               ? 
_entity_src_gen.pdbx_host_org_variant              ? 
_entity_src_gen.pdbx_host_org_cell_line            ? 
_entity_src_gen.pdbx_host_org_atcc                 ? 
_entity_src_gen.pdbx_host_org_culture_collection   ? 
_entity_src_gen.pdbx_host_org_cell                 ? 
_entity_src_gen.pdbx_host_org_organelle            ? 
_entity_src_gen.pdbx_host_org_cellular_location    ? 
_entity_src_gen.pdbx_host_org_vector_type          ? 
_entity_src_gen.pdbx_host_org_vector               ? 
_entity_src_gen.host_org_details                   ? 
_entity_src_gen.expression_system_id               ? 
_entity_src_gen.plasmid_name                       ? 
_entity_src_gen.plasmid_details                    ? 
_entity_src_gen.pdbx_description                   ? 
# 
loop_
_chem_comp.id 
_chem_comp.type 
_chem_comp.mon_nstd_flag 
_chem_comp.name 
_chem_comp.pdbx_synonyms 
_chem_comp.formula 
_chem_comp.formula_weight 
5JF non-polymer         . 2,3-dichlorophenol ? 'C6 H4 Cl2 O'    163.001 
ALA 'L-peptide linking' y ALANINE            ? 'C3 H7 N O2'     89.093  
ARG 'L-peptide linking' y ARGININE           ? 'C6 H15 N4 O2 1' 175.209 
ASN 'L-peptide linking' y ASPARAGINE         ? 'C4 H8 N2 O3'    132.118 
ASP 'L-peptide linking' y 'ASPARTIC ACID'    ? 'C4 H7 N O4'     133.103 
CYS 'L-peptide linking' y CYSTEINE           ? 'C3 H7 N O2 S'   121.158 
GLN 'L-peptide linking' y GLUTAMINE          ? 'C5 H10 N2 O3'   146.144 
GLU 'L-peptide linking' y 'GLUTAMIC ACID'    ? 'C5 H9 N O4'     147.129 
GLY 'peptide linking'   y GLYCINE            ? 'C2 H5 N O2'     75.067  
HIS 'L-peptide linking' y HISTIDINE          ? 'C6 H10 N3 O2 1' 156.162 
HOH non-polymer         . WATER              ? 'H2 O'           18.015  
ILE 'L-peptide linking' y ISOLEUCINE         ? 'C6 H13 N O2'    131.173 
LEU 'L-peptide linking' y LEUCINE            ? 'C6 H13 N O2'    131.173 
LYS 'L-peptide linking' y LYSINE             ? 'C6 H15 N2 O2 1' 147.195 
MET 'L-peptide linking' y METHIONINE         ? 'C5 H11 N O2 S'  149.211 
PHE 'L-peptide linking' y PHENYLALANINE      ? 'C9 H11 N O2'    165.189 
PRO 'L-peptide linking' y PROLINE            ? 'C5 H9 N O2'     115.130 
SER 'L-peptide linking' y SERINE             ? 'C3 H7 N O3'     105.093 
THR 'L-peptide linking' y THREONINE          ? 'C4 H9 N O3'     119.119 
TRP 'L-peptide linking' y TRYPTOPHAN         ? 'C11 H12 N2 O2'  204.225 
TYR 'L-peptide linking' y TYROSINE           ? 'C9 H11 N O3'    181.189 
VAL 'L-peptide linking' y VALINE             ? 'C5 H11 N O2'    117.146 
# 
loop_
_pdbx_poly_seq_scheme.asym_id 
_pdbx_poly_seq_scheme.entity_id 
_pdbx_poly_seq_scheme.seq_id 
_pdbx_poly_seq_scheme.mon_id 
_pdbx_poly_seq_scheme.ndb_seq_num 
_pdbx_poly_seq_scheme.pdb_seq_num 
_pdbx_poly_seq_scheme.auth_seq_num 
_pdbx_poly_seq_scheme.pdb_mon_id 
_pdbx_poly_seq_scheme.auth_mon_id 
_pdbx_poly_seq_scheme.pdb_strand_id 
_pdbx_poly_seq_scheme.pdb_ins_code 
_pdbx_poly_seq_scheme.hetero 
A 1 1   MET 1   -18 ?   ?   ?   A . n 
A 1 2   ALA 2   -17 ?   ?   ?   A . n 
A 1 3   HIS 3   -16 ?   ?   ?   A . n 
A 1 4   HIS 4   -15 ?   ?   ?   A . n 
A 1 5   HIS 5   -14 ?   ?   ?   A . n 
A 1 6   HIS 6   -13 ?   ?   ?   A . n 
A 1 7   HIS 7   -12 ?   ?   ?   A . n 
A 1 8   HIS 8   -11 ?   ?   ?   A . n 
A 1 9   SER 9   -10 ?   ?   ?   A . n 
A 1 10  SER 10  -9  ?   ?   ?   A . n 
A 1 11  GLY 11  -8  ?   ?   ?   A . n 
A 1 12  LEU 12  -7  -7  LEU LEU A . n 
A 1 13  GLU 13  -6  -6  GLU GLU A . n 
A 1 14  VAL 14  -5  -5  VAL VAL A . n 
A 1 15  LEU 15  -4  -4  LEU LEU A . n 
A 1 16  PHE 16  -3  -3  PHE PHE A . n 
A 1 17  GLN 17  -2  -2  GLN GLN A . n 
A 1 18  GLY 18  -1  -1  GLY GLY A . n 
A 1 19  PRO 19  1   1   PRO PRO A . n 
A 1 20  ASN 20  2   2   ASN ASN A . n 
A 1 21  GLU 21  3   3   GLU GLU A . n 
A 1 22  PHE 22  4   4   PHE PHE A . n 
A 1 23  GLU 23  5   5   GLU GLU A . n 
A 1 24  THR 24  6   6   THR THR A . n 
A 1 25  LEU 25  7   7   LEU LEU A . n 
A 1 26  GLU 26  8   8   GLU GLU A . n 
A 1 27  LEU 27  9   9   LEU LEU A . n 
A 1 28  GLU 28  10  10  GLU GLU A . n 
A 1 29  HIS 29  11  11  HIS HIS A . n 
A 1 30  LEU 30  12  12  LEU LEU A . n 
A 1 31  LEU 31  13  13  LEU LEU A . n 
A 1 32  TRP 32  14  14  TRP TRP A . n 
A 1 33  VAL 33  15  15  VAL VAL A . n 
A 1 34  ASN 34  16  16  ASN ASN A . n 
A 1 35  ILE 35  17  17  ILE ILE A . n 
A 1 36  THR 36  18  18  THR THR A . n 
A 1 37  GLN 37  19  19  GLN GLN A . n 
A 1 38  VAL 38  20  20  VAL VAL A . n 
A 1 39  LYS 39  21  21  LYS LYS A . n 
A 1 40  HIS 40  22  22  HIS HIS A . n 
A 1 41  SER 41  23  23  SER SER A . n 
A 1 42  ILE 42  24  24  ILE ILE A . n 
A 1 43  GLU 43  25  25  GLU GLU A . n 
A 1 44  ARG 44  26  26  ARG ARG A . n 
A 1 45  ALA 45  27  27  ALA ALA A . n 
A 1 46  TRP 46  28  28  TRP TRP A . n 
A 1 47  THR 47  29  29  THR THR A . n 
A 1 48  ARG 48  30  30  ARG ARG A . n 
A 1 49  GLU 49  31  31  GLU GLU A . n 
A 1 50  LEU 50  32  32  LEU LEU A . n 
A 1 51  LYS 51  33  33  LYS LYS A . n 
A 1 52  SER 52  34  34  SER SER A . n 
A 1 53  LEU 53  35  35  LEU LEU A . n 
A 1 54  ASN 54  36  36  ASN ASN A . n 
A 1 55  LEU 55  37  37  LEU LEU A . n 
A 1 56  SER 56  38  38  SER SER A . n 
A 1 57  THR 57  39  39  THR THR A . n 
A 1 58  GLU 58  40  40  GLU GLU A . n 
A 1 59  LYS 59  41  41  LYS LYS A . n 
A 1 60  PHE 60  42  42  PHE PHE A . n 
A 1 61  ALA 61  43  43  ALA ALA A . n 
A 1 62  ILE 62  44  44  ILE ILE A . n 
A 1 63  LEU 63  45  45  LEU LEU A . n 
A 1 64  HIS 64  46  46  HIS HIS A . n 
A 1 65  GLU 65  47  47  GLU GLU A . n 
A 1 66  LEU 66  48  48  LEU LEU A . n 
A 1 67  MET 67  49  49  MET MET A . n 
A 1 68  CYS 68  50  50  CYS CYS A . n 
A 1 69  LEU 69  51  51  LEU LEU A . n 
A 1 70  GLY 70  52  52  GLY GLY A . n 
A 1 71  GLY 71  53  53  GLY GLY A . n 
A 1 72  GLU 72  54  54  GLU GLU A . n 
A 1 73  SER 73  55  55  SER SER A . n 
A 1 74  THR 74  56  56  THR THR A . n 
A 1 75  PRO 75  57  57  PRO PRO A . n 
A 1 76  HIS 76  58  58  HIS HIS A . n 
A 1 77  THR 77  59  59  THR THR A . n 
A 1 78  LEU 78  60  60  LEU LEU A . n 
A 1 79  ALA 79  61  61  ALA ALA A . n 
A 1 80  ARG 80  62  62  ARG ARG A . n 
A 1 81  ARG 81  63  63  ARG ARG A . n 
A 1 82  ILE 82  64  64  ILE ILE A . n 
A 1 83  VAL 83  65  65  VAL VAL A . n 
A 1 84  PHE 84  66  66  PHE PHE A . n 
A 1 85  GLU 85  67  67  GLU GLU A . n 
A 1 86  PRO 86  68  68  PRO PRO A . n 
A 1 87  HIS 87  69  69  HIS HIS A . n 
A 1 88  SER 88  70  70  SER SER A . n 
A 1 89  VAL 89  71  71  VAL VAL A . n 
A 1 90  SER 90  72  72  SER SER A . n 
A 1 91  ALA 91  73  73  ALA ALA A . n 
A 1 92  ILE 92  74  74  ILE ILE A . n 
A 1 93  VAL 93  75  75  VAL VAL A . n 
A 1 94  SER 94  76  76  SER SER A . n 
A 1 95  ARG 95  77  77  ARG ARG A . n 
A 1 96  MET 96  78  78  MET MET A . n 
A 1 97  GLU 97  79  79  GLU GLU A . n 
A 1 98  LYS 98  80  80  LYS LYS A . n 
A 1 99  ASP 99  81  81  ASP ASP A . n 
A 1 100 GLY 100 82  82  GLY GLY A . n 
A 1 101 LEU 101 83  83  LEU LEU A . n 
A 1 102 ILE 102 84  84  ILE ILE A . n 
A 1 103 ILE 103 85  85  ILE ILE A . n 
A 1 104 LYS 104 86  86  LYS LYS A . n 
A 1 105 THR 105 87  87  THR THR A . n 
A 1 106 LYS 106 88  88  LYS LYS A . n 
A 1 107 ASP 107 89  89  ASP ASP A . n 
A 1 108 LEU 108 90  90  LEU GLY A . n 
A 1 109 ASP 109 91  91  ASP GLY A . n 
A 1 110 LYS 110 92  92  LYS GLY A . n 
A 1 111 LYS 111 93  93  LYS LYS A . n 
A 1 112 HIS 112 94  94  HIS HIS A . n 
A 1 113 MET 113 95  95  MET MET A . n 
A 1 114 VAL 114 96  96  VAL VAL A . n 
A 1 115 ARG 115 97  97  ARG ARG A . n 
A 1 116 ILE 116 98  98  ILE ILE A . n 
A 1 117 LYS 117 99  99  LYS LYS A . n 
A 1 118 LEU 118 100 100 LEU LEU A . n 
A 1 119 SER 119 101 101 SER SER A . n 
A 1 120 GLU 120 102 102 GLU GLU A . n 
A 1 121 LYS 121 103 103 LYS LYS A . n 
A 1 122 ALA 122 104 104 ALA ALA A . n 
A 1 123 ILE 123 105 105 ILE ILE A . n 
A 1 124 ASP 124 106 106 ASP ASP A . n 
A 1 125 THR 125 107 107 THR THR A . n 
A 1 126 PHE 126 108 108 PHE PHE A . n 
A 1 127 TYR 127 109 109 TYR TYR A . n 
A 1 128 GLN 128 110 110 GLN GLN A . n 
A 1 129 ALA 129 111 111 ALA ALA A . n 
A 1 130 LEU 130 112 112 LEU LEU A . n 
A 1 131 GLU 131 113 113 GLU GLU A . n 
A 1 132 ILE 132 114 114 ILE ILE A . n 
A 1 133 SER 133 115 115 SER SER A . n 
A 1 134 ASN 134 116 116 ASN ASN A . n 
A 1 135 ARG 135 117 117 ARG ARG A . n 
A 1 136 VAL 136 118 118 VAL VAL A . n 
A 1 137 TYR 137 119 119 TYR TYR A . n 
A 1 138 LYS 138 120 120 LYS LYS A . n 
A 1 139 GLN 139 121 121 GLN GLN A . n 
A 1 140 MET 140 122 122 MET MET A . n 
A 1 141 MET 141 123 123 MET MET A . n 
A 1 142 ALA 142 124 124 ALA ALA A . n 
A 1 143 SER 143 125 125 SER SER A . n 
A 1 144 ILE 144 126 126 ILE ILE A . n 
A 1 145 THR 145 127 127 THR THR A . n 
A 1 146 ARG 146 128 128 ARG ARG A . n 
A 1 147 GLU 147 129 129 GLU GLU A . n 
A 1 148 GLU 148 130 130 GLU GLU A . n 
A 1 149 LYS 149 131 131 LYS LYS A . n 
A 1 150 VAL 150 132 132 VAL VAL A . n 
A 1 151 GLU 151 133 133 GLU GLU A . n 
A 1 152 LEU 152 134 134 LEU LEU A . n 
A 1 153 SER 153 135 135 SER SER A . n 
A 1 154 LYS 154 136 136 LYS LYS A . n 
A 1 155 THR 155 137 137 THR THR A . n 
A 1 156 LEU 156 138 138 LEU LEU A . n 
A 1 157 THR 157 139 139 THR THR A . n 
A 1 158 LYS 158 140 140 LYS LYS A . n 
A 1 159 LEU 159 141 141 LEU LEU A . n 
A 1 160 ARG 160 142 142 ARG ARG A . n 
A 1 161 ASN 161 143 143 ASN ASN A . n 
A 1 162 HIS 162 144 144 HIS HIS A . n 
A 1 163 THR 163 145 145 THR THR A . n 
A 1 164 LEU 164 146 146 LEU LEU A . n 
A 1 165 PRO 165 147 147 PRO PRO A . n 
A 1 166 LEU 166 148 148 LEU LEU A . n 
A 1 167 THR 167 149 149 THR THR A . n 
A 1 168 HIS 168 150 150 HIS HIS A . n 
A 1 169 LYS 169 151 151 LYS LYS A . n 
A 1 170 HIS 170 152 152 HIS HIS A . n 
A 1 171 THR 171 153 153 THR THR A . n 
A 1 172 LYS 172 154 154 LYS LYS A . n 
A 1 173 THR 173 155 155 THR THR A . n 
A 1 174 LEU 174 156 156 LEU LEU A . n 
A 1 175 THR 175 157 157 THR THR A . n 
A 1 176 PRO 176 158 158 PRO PRO A . n 
A 1 177 PHE 177 159 159 PHE PHE A . n 
A 1 178 LYS 178 160 160 LYS LYS A . n 
A 1 179 TYR 179 161 161 TYR TYR A . n 
A 1 180 ILE 180 162 162 ILE ILE A . n 
# 
loop_
_pdbx_nonpoly_scheme.asym_id 
_pdbx_nonpoly_scheme.entity_id 
_pdbx_nonpoly_scheme.mon_id 
_pdbx_nonpoly_scheme.ndb_seq_num 
_pdbx_nonpoly_scheme.pdb_seq_num 
_pdbx_nonpoly_scheme.auth_seq_num 
_pdbx_nonpoly_scheme.pdb_mon_id 
_pdbx_nonpoly_scheme.auth_mon_id 
_pdbx_nonpoly_scheme.pdb_strand_id 
_pdbx_nonpoly_scheme.pdb_ins_code 
B 2 5JF 1  201 1  5JF DRG A . 
C 3 HOH 1  301 92 HOH HOH A . 
C 3 HOH 2  302 49 HOH HOH A . 
C 3 HOH 3  303 53 HOH HOH A . 
C 3 HOH 4  304 47 HOH HOH A . 
C 3 HOH 5  305 57 HOH HOH A . 
C 3 HOH 6  306 62 HOH HOH A . 
C 3 HOH 7  307 94 HOH HOH A . 
C 3 HOH 8  308 3  HOH HOH A . 
C 3 HOH 9  309 90 HOH HOH A . 
C 3 HOH 10 310 77 HOH HOH A . 
C 3 HOH 11 311 10 HOH HOH A . 
C 3 HOH 12 312 16 HOH HOH A . 
C 3 HOH 13 313 14 HOH HOH A . 
C 3 HOH 14 314 74 HOH HOH A . 
C 3 HOH 15 315 25 HOH HOH A . 
C 3 HOH 16 316 79 HOH HOH A . 
C 3 HOH 17 317 52 HOH HOH A . 
C 3 HOH 18 318 28 HOH HOH A . 
C 3 HOH 19 319 6  HOH HOH A . 
C 3 HOH 20 320 42 HOH HOH A . 
C 3 HOH 21 321 51 HOH HOH A . 
C 3 HOH 22 322 11 HOH HOH A . 
C 3 HOH 23 323 19 HOH HOH A . 
C 3 HOH 24 324 34 HOH HOH A . 
C 3 HOH 25 325 36 HOH HOH A . 
C 3 HOH 26 326 48 HOH HOH A . 
C 3 HOH 27 327 9  HOH HOH A . 
C 3 HOH 28 328 64 HOH HOH A . 
C 3 HOH 29 329 5  HOH HOH A . 
C 3 HOH 30 330 63 HOH HOH A . 
C 3 HOH 31 331 24 HOH HOH A . 
C 3 HOH 32 332 15 HOH HOH A . 
C 3 HOH 33 333 39 HOH HOH A . 
C 3 HOH 34 334 1  HOH HOH A . 
C 3 HOH 35 335 75 HOH HOH A . 
C 3 HOH 36 336 97 HOH HOH A . 
C 3 HOH 37 337 33 HOH HOH A . 
C 3 HOH 38 338 93 HOH HOH A . 
C 3 HOH 39 339 30 HOH HOH A . 
C 3 HOH 40 340 67 HOH HOH A . 
C 3 HOH 41 341 32 HOH HOH A . 
C 3 HOH 42 342 37 HOH HOH A . 
C 3 HOH 43 343 43 HOH HOH A . 
C 3 HOH 44 344 8  HOH HOH A . 
C 3 HOH 45 345 66 HOH HOH A . 
C 3 HOH 46 346 2  HOH HOH A . 
C 3 HOH 47 347 45 HOH HOH A . 
C 3 HOH 48 348 4  HOH HOH A . 
C 3 HOH 49 349 41 HOH HOH A . 
C 3 HOH 50 350 27 HOH HOH A . 
C 3 HOH 51 351 26 HOH HOH A . 
C 3 HOH 52 352 40 HOH HOH A . 
C 3 HOH 53 353 89 HOH HOH A . 
C 3 HOH 54 354 85 HOH HOH A . 
C 3 HOH 55 355 78 HOH HOH A . 
C 3 HOH 56 356 83 HOH HOH A . 
C 3 HOH 57 357 7  HOH HOH A . 
C 3 HOH 58 358 87 HOH HOH A . 
C 3 HOH 59 359 21 HOH HOH A . 
C 3 HOH 60 360 44 HOH HOH A . 
C 3 HOH 61 361 23 HOH HOH A . 
C 3 HOH 62 362 29 HOH HOH A . 
C 3 HOH 63 363 96 HOH HOH A . 
C 3 HOH 64 364 73 HOH HOH A . 
C 3 HOH 65 365 22 HOH HOH A . 
C 3 HOH 66 366 13 HOH HOH A . 
C 3 HOH 67 367 12 HOH HOH A . 
C 3 HOH 68 368 18 HOH HOH A . 
C 3 HOH 69 369 59 HOH HOH A . 
C 3 HOH 70 370 61 HOH HOH A . 
C 3 HOH 71 371 50 HOH HOH A . 
C 3 HOH 72 372 69 HOH HOH A . 
C 3 HOH 73 373 99 HOH HOH A . 
C 3 HOH 74 374 35 HOH HOH A . 
C 3 HOH 75 375 60 HOH HOH A . 
C 3 HOH 76 376 46 HOH HOH A . 
C 3 HOH 77 377 72 HOH HOH A . 
C 3 HOH 78 378 80 HOH HOH A . 
C 3 HOH 79 379 76 HOH HOH A . 
C 3 HOH 80 380 54 HOH HOH A . 
C 3 HOH 81 381 17 HOH HOH A . 
C 3 HOH 82 382 70 HOH HOH A . 
C 3 HOH 83 383 95 HOH HOH A . 
C 3 HOH 84 384 68 HOH HOH A . 
C 3 HOH 85 385 31 HOH HOH A . 
C 3 HOH 86 386 38 HOH HOH A . 
C 3 HOH 87 387 88 HOH HOH A . 
C 3 HOH 88 388 65 HOH HOH A . 
# 
loop_
_pdbx_unobs_or_zero_occ_atoms.id 
_pdbx_unobs_or_zero_occ_atoms.PDB_model_num 
_pdbx_unobs_or_zero_occ_atoms.polymer_flag 
_pdbx_unobs_or_zero_occ_atoms.occupancy_flag 
_pdbx_unobs_or_zero_occ_atoms.auth_asym_id 
_pdbx_unobs_or_zero_occ_atoms.auth_comp_id 
_pdbx_unobs_or_zero_occ_atoms.auth_seq_id 
_pdbx_unobs_or_zero_occ_atoms.PDB_ins_code 
_pdbx_unobs_or_zero_occ_atoms.auth_atom_id 
_pdbx_unobs_or_zero_occ_atoms.label_alt_id 
_pdbx_unobs_or_zero_occ_atoms.label_asym_id 
_pdbx_unobs_or_zero_occ_atoms.label_comp_id 
_pdbx_unobs_or_zero_occ_atoms.label_seq_id 
_pdbx_unobs_or_zero_occ_atoms.label_atom_id 
1  1 Y 1 A LEU 90 ? CB  ? A LEU 108 CB  
2  1 Y 1 A LEU 90 ? CG  ? A LEU 108 CG  
3  1 Y 1 A LEU 90 ? CD1 ? A LEU 108 CD1 
4  1 Y 1 A LEU 90 ? CD2 ? A LEU 108 CD2 
5  1 Y 1 A ASP 91 ? CB  ? A ASP 109 CB  
6  1 Y 1 A ASP 91 ? CG  ? A ASP 109 CG  
7  1 Y 1 A ASP 91 ? OD1 ? A ASP 109 OD1 
8  1 Y 1 A ASP 91 ? OD2 ? A ASP 109 OD2 
9  1 Y 1 A LYS 92 ? CB  ? A LYS 110 CB  
10 1 Y 1 A LYS 92 ? CG  ? A LYS 110 CG  
11 1 Y 1 A LYS 92 ? CD  ? A LYS 110 CD  
12 1 Y 1 A LYS 92 ? CE  ? A LYS 110 CE  
13 1 Y 1 A LYS 92 ? NZ  ? A LYS 110 NZ  
# 
loop_
_software.citation_id 
_software.classification 
_software.compiler_name 
_software.compiler_version 
_software.contact_author 
_software.contact_author_email 
_software.date 
_software.description 
_software.dependencies 
_software.hardware 
_software.language 
_software.location 
_software.mods 
_software.name 
_software.os 
_software.os_version 
_software.type 
_software.version 
_software.pdbx_ordinal 
? refinement       ? ? ? ? ? ? ? ? ? ? ? REFMAC ? ? ? 5.8.0049 1 
? 'data reduction' ? ? ? ? ? ? ? ? ? ? ? XDS    ? ? ? .        2 
? 'data scaling'   ? ? ? ? ? ? ? ? ? ? ? XDS    ? ? ? .        3 
? phasing          ? ? ? ? ? ? ? ? ? ? ? REFMAC ? ? ? 5.8.0049 4 
# 
_cell.angle_alpha                  90.00 
_cell.angle_alpha_esd              ? 
_cell.angle_beta                   90.00 
_cell.angle_beta_esd               ? 
_cell.angle_gamma                  120.00 
_cell.angle_gamma_esd              ? 
_cell.entry_id                     5E20 
_cell.details                      ? 
_cell.formula_units_Z              ? 
_cell.length_a                     71.320 
_cell.length_a_esd                 ? 
_cell.length_b                     71.320 
_cell.length_b_esd                 ? 
_cell.length_c                     87.120 
_cell.length_c_esd                 ? 
_cell.volume                       ? 
_cell.volume_esd                   ? 
_cell.Z_PDB                        6 
_cell.reciprocal_angle_alpha       ? 
_cell.reciprocal_angle_beta        ? 
_cell.reciprocal_angle_gamma       ? 
_cell.reciprocal_angle_alpha_esd   ? 
_cell.reciprocal_angle_beta_esd    ? 
_cell.reciprocal_angle_gamma_esd   ? 
_cell.reciprocal_length_a          ? 
_cell.reciprocal_length_b          ? 
_cell.reciprocal_length_c          ? 
_cell.reciprocal_length_a_esd      ? 
_cell.reciprocal_length_b_esd      ? 
_cell.reciprocal_length_c_esd      ? 
_cell.pdbx_unique_axis             ? 
# 
_symmetry.entry_id                         5E20 
_symmetry.cell_setting                     ? 
_symmetry.Int_Tables_number                152 
_symmetry.space_group_name_Hall            ? 
_symmetry.space_group_name_H-M             'P 31 2 1' 
_symmetry.pdbx_full_space_group_name_H-M   ? 
# 
_exptl.absorpt_coefficient_mu     ? 
_exptl.absorpt_correction_T_max   ? 
_exptl.absorpt_correction_T_min   ? 
_exptl.absorpt_correction_type    ? 
_exptl.absorpt_process_details    ? 
_exptl.entry_id                   5E20 
_exptl.crystals_number            ? 
_exptl.details                    ? 
_exptl.method                     'X-RAY DIFFRACTION' 
_exptl.method_details             ? 
# 
_exptl_crystal.colour                      ? 
_exptl_crystal.density_diffrn              ? 
_exptl_crystal.density_Matthews            3.04 
_exptl_crystal.density_method              ? 
_exptl_crystal.density_percent_sol         59.58 
_exptl_crystal.description                 ? 
_exptl_crystal.F_000                       ? 
_exptl_crystal.id                          1 
_exptl_crystal.preparation                 ? 
_exptl_crystal.size_max                    ? 
_exptl_crystal.size_mid                    ? 
_exptl_crystal.size_min                    ? 
_exptl_crystal.size_rad                    ? 
_exptl_crystal.colour_lustre               ? 
_exptl_crystal.colour_modifier             ? 
_exptl_crystal.colour_primary              ? 
_exptl_crystal.density_meas                ? 
_exptl_crystal.density_meas_esd            ? 
_exptl_crystal.density_meas_gt             ? 
_exptl_crystal.density_meas_lt             ? 
_exptl_crystal.density_meas_temp           ? 
_exptl_crystal.density_meas_temp_esd       ? 
_exptl_crystal.density_meas_temp_gt        ? 
_exptl_crystal.density_meas_temp_lt        ? 
_exptl_crystal.pdbx_crystal_image_url      ? 
_exptl_crystal.pdbx_crystal_image_format   ? 
_exptl_crystal.pdbx_mosaicity              ? 
_exptl_crystal.pdbx_mosaicity_esd          ? 
# 
_exptl_crystal_grow.apparatus       ? 
_exptl_crystal_grow.atmosphere      ? 
_exptl_crystal_grow.crystal_id      1 
_exptl_crystal_grow.details         ? 
_exptl_crystal_grow.method          'VAPOR DIFFUSION, SITTING DROP' 
_exptl_crystal_grow.method_ref      ? 
_exptl_crystal_grow.pH              ? 
_exptl_crystal_grow.pressure        ? 
_exptl_crystal_grow.pressure_esd    ? 
_exptl_crystal_grow.seeding         ? 
_exptl_crystal_grow.seeding_ref     ? 
_exptl_crystal_grow.temp            277 
_exptl_crystal_grow.temp_details    ? 
_exptl_crystal_grow.temp_esd        ? 
_exptl_crystal_grow.time            ? 
_exptl_crystal_grow.pdbx_details    
;Crystals formed in 0.1M Tris pH 7.5, 0.3M sodium acetate, 15% w/v PEG 4K were flash-cooled in liquid nitrogen by supplementing the mother liquor with 10% PEG 200
;
_exptl_crystal_grow.pdbx_pH_range   ? 
# 
_diffrn.ambient_environment    ? 
_diffrn.ambient_temp           100 
_diffrn.ambient_temp_details   ? 
_diffrn.ambient_temp_esd       ? 
_diffrn.crystal_id             1 
_diffrn.crystal_support        ? 
_diffrn.crystal_treatment      ? 
_diffrn.details                ? 
_diffrn.id                     1 
_diffrn.ambient_pressure       ? 
_diffrn.ambient_pressure_esd   ? 
_diffrn.ambient_pressure_gt    ? 
_diffrn.ambient_pressure_lt    ? 
_diffrn.ambient_temp_gt        ? 
_diffrn.ambient_temp_lt        ? 
# 
_diffrn_detector.details                      ? 
_diffrn_detector.detector                     PIXEL 
_diffrn_detector.diffrn_id                    1 
_diffrn_detector.type                         'PSI PILATUS 6M' 
_diffrn_detector.area_resol_mean              ? 
_diffrn_detector.dtime                        ? 
_diffrn_detector.pdbx_frames_total            ? 
_diffrn_detector.pdbx_collection_time_total   ? 
_diffrn_detector.pdbx_collection_date         2012-04-26 
# 
_diffrn_radiation.collimation                      ? 
_diffrn_radiation.diffrn_id                        1 
_diffrn_radiation.filter_edge                      ? 
_diffrn_radiation.inhomogeneity                    ? 
_diffrn_radiation.monochromator                    ? 
_diffrn_radiation.polarisn_norm                    ? 
_diffrn_radiation.polarisn_ratio                   ? 
_diffrn_radiation.probe                            ? 
_diffrn_radiation.type                             ? 
_diffrn_radiation.xray_symbol                      ? 
_diffrn_radiation.wavelength_id                    1 
_diffrn_radiation.pdbx_monochromatic_or_laue_m_l   M 
_diffrn_radiation.pdbx_wavelength_list             ? 
_diffrn_radiation.pdbx_wavelength                  ? 
_diffrn_radiation.pdbx_diffrn_protocol             'SINGLE WAVELENGTH' 
_diffrn_radiation.pdbx_analyzer                    ? 
_diffrn_radiation.pdbx_scattering_type             x-ray 
# 
_diffrn_radiation_wavelength.id           1 
_diffrn_radiation_wavelength.wavelength   0.987 
_diffrn_radiation_wavelength.wt           1.0 
# 
_diffrn_source.current                     ? 
_diffrn_source.details                     ? 
_diffrn_source.diffrn_id                   1 
_diffrn_source.power                       ? 
_diffrn_source.size                        ? 
_diffrn_source.source                      SYNCHROTRON 
_diffrn_source.target                      ? 
_diffrn_source.type                        'DIAMOND BEAMLINE I04-1' 
_diffrn_source.voltage                     ? 
_diffrn_source.take-off_angle              ? 
_diffrn_source.pdbx_wavelength_list        0.987 
_diffrn_source.pdbx_wavelength             ? 
_diffrn_source.pdbx_synchrotron_beamline   I04-1 
_diffrn_source.pdbx_synchrotron_site       Diamond 
# 
_reflns.B_iso_Wilson_estimate            ? 
_reflns.entry_id                         5E20 
_reflns.data_reduction_details           ? 
_reflns.data_reduction_method            ? 
_reflns.d_resolution_high                1.97 
_reflns.d_resolution_low                 50.39 
_reflns.details                          ? 
_reflns.limit_h_max                      ? 
_reflns.limit_h_min                      ? 
_reflns.limit_k_max                      ? 
_reflns.limit_k_min                      ? 
_reflns.limit_l_max                      ? 
_reflns.limit_l_min                      ? 
_reflns.number_all                       ? 
_reflns.number_obs                       17630 
_reflns.observed_criterion               ? 
_reflns.observed_criterion_F_max         ? 
_reflns.observed_criterion_F_min         ? 
_reflns.observed_criterion_I_max         ? 
_reflns.observed_criterion_I_min         ? 
_reflns.observed_criterion_sigma_F       ? 
_reflns.observed_criterion_sigma_I       ? 
_reflns.percent_possible_obs             99.9 
_reflns.R_free_details                   ? 
_reflns.Rmerge_F_all                     ? 
_reflns.Rmerge_F_obs                     ? 
_reflns.Friedel_coverage                 ? 
_reflns.number_gt                        ? 
_reflns.threshold_expression             ? 
_reflns.pdbx_redundancy                  9.8 
_reflns.pdbx_Rmerge_I_obs                0.061 
_reflns.pdbx_Rmerge_I_all                ? 
_reflns.pdbx_Rsym_value                  ? 
_reflns.pdbx_netI_over_av_sigmaI         ? 
_reflns.pdbx_netI_over_sigmaI            24.4 
_reflns.pdbx_res_netI_over_av_sigmaI_2   ? 
_reflns.pdbx_res_netI_over_sigmaI_2      ? 
_reflns.pdbx_chi_squared                 ? 
_reflns.pdbx_scaling_rejects             ? 
_reflns.pdbx_d_res_high_opt              ? 
_reflns.pdbx_d_res_low_opt               ? 
_reflns.pdbx_d_res_opt_method            ? 
_reflns.phase_calculation_details        ? 
_reflns.pdbx_Rrim_I_all                  ? 
_reflns.pdbx_Rpim_I_all                  ? 
_reflns.pdbx_d_opt                       ? 
_reflns.pdbx_number_measured_all         ? 
_reflns.pdbx_diffrn_id                   1 
_reflns.pdbx_ordinal                     1 
_reflns.pdbx_CC_half                     ? 
_reflns.pdbx_R_split                     ? 
# 
_reflns_shell.d_res_high                  1.97 
_reflns_shell.d_res_low                   2.02 
_reflns_shell.meanI_over_sigI_all         ? 
_reflns_shell.meanI_over_sigI_obs         3.9 
_reflns_shell.number_measured_all         ? 
_reflns_shell.number_measured_obs         ? 
_reflns_shell.number_possible             ? 
_reflns_shell.number_unique_all           ? 
_reflns_shell.number_unique_obs           ? 
_reflns_shell.percent_possible_all        100 
_reflns_shell.percent_possible_obs        ? 
_reflns_shell.Rmerge_F_all                ? 
_reflns_shell.Rmerge_F_obs                ? 
_reflns_shell.Rmerge_I_all                ? 
_reflns_shell.Rmerge_I_obs                0.543 
_reflns_shell.meanI_over_sigI_gt          ? 
_reflns_shell.meanI_over_uI_all           ? 
_reflns_shell.meanI_over_uI_gt            ? 
_reflns_shell.number_measured_gt          ? 
_reflns_shell.number_unique_gt            ? 
_reflns_shell.percent_possible_gt         ? 
_reflns_shell.Rmerge_F_gt                 ? 
_reflns_shell.Rmerge_I_gt                 ? 
_reflns_shell.pdbx_redundancy             10.2 
_reflns_shell.pdbx_Rsym_value             ? 
_reflns_shell.pdbx_chi_squared            ? 
_reflns_shell.pdbx_netI_over_sigmaI_all   ? 
_reflns_shell.pdbx_netI_over_sigmaI_obs   ? 
_reflns_shell.pdbx_Rrim_I_all             ? 
_reflns_shell.pdbx_Rpim_I_all             ? 
_reflns_shell.pdbx_rejects                ? 
_reflns_shell.pdbx_ordinal                1 
_reflns_shell.pdbx_diffrn_id              1 
_reflns_shell.pdbx_CC_half                ? 
_reflns_shell.pdbx_R_split                ? 
# 
_refine.aniso_B[1][1]                            0.72 
_refine.aniso_B[1][2]                            0.36 
_refine.aniso_B[1][3]                            0.00 
_refine.aniso_B[2][2]                            0.72 
_refine.aniso_B[2][3]                            0.00 
_refine.aniso_B[3][3]                            -2.32 
_refine.B_iso_max                                ? 
_refine.B_iso_mean                               32.702 
_refine.B_iso_min                                ? 
_refine.correlation_coeff_Fo_to_Fc               0.952 
_refine.correlation_coeff_Fo_to_Fc_free          0.934 
_refine.details                                  'HYDROGENS HAVE BEEN USED IF PRESENT IN THE INPUT' 
_refine.diff_density_max                         ? 
_refine.diff_density_max_esd                     ? 
_refine.diff_density_min                         ? 
_refine.diff_density_min_esd                     ? 
_refine.diff_density_rms                         ? 
_refine.diff_density_rms_esd                     ? 
_refine.entry_id                                 5E20 
_refine.pdbx_refine_id                           'X-RAY DIFFRACTION' 
_refine.ls_abs_structure_details                 ? 
_refine.ls_abs_structure_Flack                   ? 
_refine.ls_abs_structure_Flack_esd               ? 
_refine.ls_abs_structure_Rogers                  ? 
_refine.ls_abs_structure_Rogers_esd              ? 
_refine.ls_d_res_high                            1.97 
_refine.ls_d_res_low                             50.39 
_refine.ls_extinction_coef                       ? 
_refine.ls_extinction_coef_esd                   ? 
_refine.ls_extinction_expression                 ? 
_refine.ls_extinction_method                     ? 
_refine.ls_goodness_of_fit_all                   ? 
_refine.ls_goodness_of_fit_all_esd               ? 
_refine.ls_goodness_of_fit_obs                   ? 
_refine.ls_goodness_of_fit_obs_esd               ? 
_refine.ls_hydrogen_treatment                    ? 
_refine.ls_matrix_type                           ? 
_refine.ls_number_constraints                    ? 
_refine.ls_number_parameters                     ? 
_refine.ls_number_reflns_all                     ? 
_refine.ls_number_reflns_obs                     17630 
_refine.ls_number_reflns_R_free                  950 
_refine.ls_number_reflns_R_work                  ? 
_refine.ls_number_restraints                     ? 
_refine.ls_percent_reflns_obs                    99.85 
_refine.ls_percent_reflns_R_free                 5.1 
_refine.ls_R_factor_all                          ? 
_refine.ls_R_factor_obs                          0.19315 
_refine.ls_R_factor_R_free                       0.23412 
_refine.ls_R_factor_R_free_error                 ? 
_refine.ls_R_factor_R_free_error_details         ? 
_refine.ls_R_factor_R_work                       0.19101 
_refine.ls_R_Fsqd_factor_obs                     ? 
_refine.ls_R_I_factor_obs                        ? 
_refine.ls_redundancy_reflns_all                 ? 
_refine.ls_redundancy_reflns_obs                 ? 
_refine.ls_restrained_S_all                      ? 
_refine.ls_restrained_S_obs                      ? 
_refine.ls_shift_over_esd_max                    ? 
_refine.ls_shift_over_esd_mean                   ? 
_refine.ls_structure_factor_coef                 ? 
_refine.ls_weighting_details                     ? 
_refine.ls_weighting_scheme                      ? 
_refine.ls_wR_factor_all                         ? 
_refine.ls_wR_factor_obs                         ? 
_refine.ls_wR_factor_R_free                      ? 
_refine.ls_wR_factor_R_work                      ? 
_refine.occupancy_max                            ? 
_refine.occupancy_min                            ? 
_refine.solvent_model_details                    MASK 
_refine.solvent_model_param_bsol                 ? 
_refine.solvent_model_param_ksol                 ? 
_refine.ls_R_factor_gt                           ? 
_refine.ls_goodness_of_fit_gt                    ? 
_refine.ls_goodness_of_fit_ref                   ? 
_refine.ls_shift_over_su_max                     ? 
_refine.ls_shift_over_su_max_lt                  ? 
_refine.ls_shift_over_su_mean                    ? 
_refine.ls_shift_over_su_mean_lt                 ? 
_refine.pdbx_ls_sigma_I                          ? 
_refine.pdbx_ls_sigma_F                          ? 
_refine.pdbx_ls_sigma_Fsqd                       ? 
_refine.pdbx_data_cutoff_high_absF               ? 
_refine.pdbx_data_cutoff_high_rms_absF           ? 
_refine.pdbx_data_cutoff_low_absF                ? 
_refine.pdbx_isotropic_thermal_model             ? 
_refine.pdbx_ls_cross_valid_method               THROUGHOUT 
_refine.pdbx_method_to_determine_struct          'MOLECULAR REPLACEMENT' 
_refine.pdbx_starting_model                      5E1W 
_refine.pdbx_stereochemistry_target_values       'MAXIMUM LIKELIHOOD' 
_refine.pdbx_R_Free_selection_details            RANDOM 
_refine.pdbx_stereochem_target_val_spec_case     ? 
_refine.pdbx_overall_ESU_R                       0.141 
_refine.pdbx_overall_ESU_R_Free                  0.139 
_refine.pdbx_solvent_vdw_probe_radii             1.20 
_refine.pdbx_solvent_ion_probe_radii             0.80 
_refine.pdbx_solvent_shrinkage_radii             0.80 
_refine.pdbx_real_space_R                        ? 
_refine.pdbx_density_correlation                 ? 
_refine.pdbx_pd_number_of_powder_patterns        ? 
_refine.pdbx_pd_number_of_points                 ? 
_refine.pdbx_pd_meas_number_of_points            ? 
_refine.pdbx_pd_proc_ls_prof_R_factor            ? 
_refine.pdbx_pd_proc_ls_prof_wR_factor           ? 
_refine.pdbx_pd_Marquardt_correlation_coeff      ? 
_refine.pdbx_pd_Fsqrd_R_factor                   ? 
_refine.pdbx_pd_ls_matrix_band_width             ? 
_refine.pdbx_overall_phase_error                 ? 
_refine.pdbx_overall_SU_R_free_Cruickshank_DPI   ? 
_refine.pdbx_overall_SU_R_free_Blow_DPI          ? 
_refine.pdbx_overall_SU_R_Blow_DPI               ? 
_refine.pdbx_TLS_residual_ADP_flag               ? 
_refine.pdbx_diffrn_id                           1 
_refine.overall_SU_B                             3.324 
_refine.overall_SU_ML                            0.094 
_refine.overall_SU_R_Cruickshank_DPI             ? 
_refine.overall_SU_R_free                        ? 
_refine.overall_FOM_free_R_set                   ? 
_refine.overall_FOM_work_R_set                   ? 
_refine.pdbx_average_fsc_overall                 ? 
_refine.pdbx_average_fsc_work                    ? 
_refine.pdbx_average_fsc_free                    ? 
# 
_refine_hist.pdbx_refine_id                   'X-RAY DIFFRACTION' 
_refine_hist.cycle_id                         1 
_refine_hist.pdbx_number_atoms_protein        1373 
_refine_hist.pdbx_number_atoms_nucleic_acid   0 
_refine_hist.pdbx_number_atoms_ligand         9 
_refine_hist.number_atoms_solvent             88 
_refine_hist.number_atoms_total               1470 
_refine_hist.d_res_high                       1.97 
_refine_hist.d_res_low                        50.39 
# 
loop_
_refine_ls_restr.pdbx_refine_id 
_refine_ls_restr.criterion 
_refine_ls_restr.dev_ideal 
_refine_ls_restr.dev_ideal_target 
_refine_ls_restr.number 
_refine_ls_restr.rejects 
_refine_ls_restr.type 
_refine_ls_restr.weight 
_refine_ls_restr.pdbx_restraint_function 
'X-RAY DIFFRACTION' ? 0.021  0.019  1494 ? r_bond_refined_d             ? ? 
'X-RAY DIFFRACTION' ? ?      ?      ?    ? r_bond_other_d               ? ? 
'X-RAY DIFFRACTION' ? 2.006  1.969  2028 ? r_angle_refined_deg          ? ? 
'X-RAY DIFFRACTION' ? ?      ?      ?    ? r_angle_other_deg            ? ? 
'X-RAY DIFFRACTION' ? 5.552  5.000  190  ? r_dihedral_angle_1_deg       ? ? 
'X-RAY DIFFRACTION' ? 36.923 23.548 62   ? r_dihedral_angle_2_deg       ? ? 
'X-RAY DIFFRACTION' ? 15.031 15.000 297  ? r_dihedral_angle_3_deg       ? ? 
'X-RAY DIFFRACTION' ? 25.049 15.000 9    ? r_dihedral_angle_4_deg       ? ? 
'X-RAY DIFFRACTION' ? 0.145  0.200  235  ? r_chiral_restr               ? ? 
'X-RAY DIFFRACTION' ? 0.011  0.020  1080 ? r_gen_planes_refined         ? ? 
'X-RAY DIFFRACTION' ? ?      ?      ?    ? r_gen_planes_other           ? ? 
'X-RAY DIFFRACTION' ? ?      ?      ?    ? r_nbd_refined                ? ? 
'X-RAY DIFFRACTION' ? ?      ?      ?    ? r_nbd_other                  ? ? 
'X-RAY DIFFRACTION' ? ?      ?      ?    ? r_nbtor_refined              ? ? 
'X-RAY DIFFRACTION' ? ?      ?      ?    ? r_nbtor_other                ? ? 
'X-RAY DIFFRACTION' ? ?      ?      ?    ? r_xyhbond_nbd_refined        ? ? 
'X-RAY DIFFRACTION' ? ?      ?      ?    ? r_xyhbond_nbd_other          ? ? 
'X-RAY DIFFRACTION' ? ?      ?      ?    ? r_metal_ion_refined          ? ? 
'X-RAY DIFFRACTION' ? ?      ?      ?    ? r_metal_ion_other            ? ? 
'X-RAY DIFFRACTION' ? ?      ?      ?    ? r_symmetry_vdw_refined       ? ? 
'X-RAY DIFFRACTION' ? ?      ?      ?    ? r_symmetry_vdw_other         ? ? 
'X-RAY DIFFRACTION' ? ?      ?      ?    ? r_symmetry_hbond_refined     ? ? 
'X-RAY DIFFRACTION' ? ?      ?      ?    ? r_symmetry_hbond_other       ? ? 
'X-RAY DIFFRACTION' ? ?      ?      ?    ? r_symmetry_metal_ion_refined ? ? 
'X-RAY DIFFRACTION' ? ?      ?      ?    ? r_symmetry_metal_ion_other   ? ? 
'X-RAY DIFFRACTION' ? 2.690  3.012  712  ? r_mcbond_it                  ? ? 
'X-RAY DIFFRACTION' ? ?      ?      ?    ? r_mcbond_other               ? ? 
'X-RAY DIFFRACTION' ? 3.531  4.495  897  ? r_mcangle_it                 ? ? 
'X-RAY DIFFRACTION' ? ?      ?      ?    ? r_mcangle_other              ? ? 
'X-RAY DIFFRACTION' ? 4.516  3.373  782  ? r_scbond_it                  ? ? 
'X-RAY DIFFRACTION' ? ?      ?      ?    ? r_scbond_other               ? ? 
'X-RAY DIFFRACTION' ? ?      ?      ?    ? r_scangle_it                 ? ? 
'X-RAY DIFFRACTION' ? ?      ?      ?    ? r_scangle_other              ? ? 
'X-RAY DIFFRACTION' ? 7.257  25.358 2280 ? r_long_range_B_refined       ? ? 
'X-RAY DIFFRACTION' ? ?      ?      ?    ? r_long_range_B_other         ? ? 
'X-RAY DIFFRACTION' ? ?      ?      ?    ? r_rigid_bond_restr           ? ? 
'X-RAY DIFFRACTION' ? ?      ?      ?    ? r_sphericity_free            ? ? 
'X-RAY DIFFRACTION' ? ?      ?      ?    ? r_sphericity_bonded          ? ? 
# 
_refine_ls_shell.pdbx_refine_id                   'X-RAY DIFFRACTION' 
_refine_ls_shell.d_res_high                       1.970 
_refine_ls_shell.d_res_low                        2.021 
_refine_ls_shell.number_reflns_all                ? 
_refine_ls_shell.number_reflns_obs                ? 
_refine_ls_shell.number_reflns_R_free             70 
_refine_ls_shell.number_reflns_R_work             1274 
_refine_ls_shell.percent_reflns_obs               99.85 
_refine_ls_shell.percent_reflns_R_free            ? 
_refine_ls_shell.R_factor_all                     ? 
_refine_ls_shell.R_factor_obs                     ? 
_refine_ls_shell.R_factor_R_free                  0.264 
_refine_ls_shell.R_factor_R_free_error            ? 
_refine_ls_shell.R_factor_R_work                  0.247 
_refine_ls_shell.redundancy_reflns_all            ? 
_refine_ls_shell.redundancy_reflns_obs            ? 
_refine_ls_shell.wR_factor_all                    ? 
_refine_ls_shell.wR_factor_obs                    ? 
_refine_ls_shell.wR_factor_R_free                 ? 
_refine_ls_shell.wR_factor_R_work                 ? 
_refine_ls_shell.pdbx_total_number_of_bins_used   20 
_refine_ls_shell.pdbx_phase_error                 ? 
_refine_ls_shell.pdbx_fsc_work                    ? 
_refine_ls_shell.pdbx_fsc_free                    ? 
# 
_struct.entry_id                     5E20 
_struct.title                        
'Crystal structure of the organohalide sensing RdhR-CbdbA1625 transcriptional regulator in the 2,3-dichlorophenol bound form' 
_struct.pdbx_model_details           ? 
_struct.pdbx_formula_weight          ? 
_struct.pdbx_formula_weight_method   ? 
_struct.pdbx_model_type_details      ? 
_struct.pdbx_CASP_flag               ? 
# 
_struct_keywords.entry_id        5E20 
_struct_keywords.text            'Transcription, MarR transcriptional regulator, organohalide binding, DNA binding' 
_struct_keywords.pdbx_keywords   TRANSCRIPTION 
# 
loop_
_struct_asym.id 
_struct_asym.pdbx_blank_PDB_chainid_flag 
_struct_asym.pdbx_modified 
_struct_asym.entity_id 
_struct_asym.details 
A N N 1 ? 
B N N 2 ? 
C N N 3 ? 
# 
_struct_ref.id                         1 
_struct_ref.db_name                    UNP 
_struct_ref.db_code                    M1R817_9CHLR 
_struct_ref.pdbx_db_accession          M1R817 
_struct_ref.pdbx_db_isoform            ? 
_struct_ref.entity_id                  1 
_struct_ref.pdbx_seq_one_letter_code   
;NEFETLELEHLLWVNITQVKHSIERAWTRELKSLNLSTEKFAILHELMCLGGESTPHTLARRIVFEPHSVSAIVSRMEKD
GLIIKTKDLDKKHMVRIKLSEKAVDTFYQALEISNRVYKQMMASITREEKVELSKTLTKLRNHTLPLTHKHTKTLTPFKY
I
;
_struct_ref.pdbx_align_begin           2 
# 
_struct_ref_seq.align_id                      1 
_struct_ref_seq.ref_id                        1 
_struct_ref_seq.pdbx_PDB_id_code              5E20 
_struct_ref_seq.pdbx_strand_id                A 
_struct_ref_seq.seq_align_beg                 20 
_struct_ref_seq.pdbx_seq_align_beg_ins_code   ? 
_struct_ref_seq.seq_align_end                 180 
_struct_ref_seq.pdbx_seq_align_end_ins_code   ? 
_struct_ref_seq.pdbx_db_accession             M1R817 
_struct_ref_seq.db_align_beg                  2 
_struct_ref_seq.pdbx_db_align_beg_ins_code    ? 
_struct_ref_seq.db_align_end                  162 
_struct_ref_seq.pdbx_db_align_end_ins_code    ? 
_struct_ref_seq.pdbx_auth_seq_align_beg       2 
_struct_ref_seq.pdbx_auth_seq_align_end       162 
# 
loop_
_struct_ref_seq_dif.align_id 
_struct_ref_seq_dif.pdbx_pdb_id_code 
_struct_ref_seq_dif.mon_id 
_struct_ref_seq_dif.pdbx_pdb_strand_id 
_struct_ref_seq_dif.seq_num 
_struct_ref_seq_dif.pdbx_pdb_ins_code 
_struct_ref_seq_dif.pdbx_seq_db_name 
_struct_ref_seq_dif.pdbx_seq_db_accession_code 
_struct_ref_seq_dif.db_mon_id 
_struct_ref_seq_dif.pdbx_seq_db_seq_num 
_struct_ref_seq_dif.details 
_struct_ref_seq_dif.pdbx_auth_seq_num 
_struct_ref_seq_dif.pdbx_ordinal 
1 5E20 MET A 1   ? UNP M1R817 ?   ?   'initiating methionine' -18 1  
1 5E20 ALA A 2   ? UNP M1R817 ?   ?   'expression tag'        -17 2  
1 5E20 HIS A 3   ? UNP M1R817 ?   ?   'expression tag'        -16 3  
1 5E20 HIS A 4   ? UNP M1R817 ?   ?   'expression tag'        -15 4  
1 5E20 HIS A 5   ? UNP M1R817 ?   ?   'expression tag'        -14 5  
1 5E20 HIS A 6   ? UNP M1R817 ?   ?   'expression tag'        -13 6  
1 5E20 HIS A 7   ? UNP M1R817 ?   ?   'expression tag'        -12 7  
1 5E20 HIS A 8   ? UNP M1R817 ?   ?   'expression tag'        -11 8  
1 5E20 SER A 9   ? UNP M1R817 ?   ?   'expression tag'        -10 9  
1 5E20 SER A 10  ? UNP M1R817 ?   ?   'expression tag'        -9  10 
1 5E20 GLY A 11  ? UNP M1R817 ?   ?   'expression tag'        -8  11 
1 5E20 LEU A 12  ? UNP M1R817 ?   ?   'expression tag'        -7  12 
1 5E20 GLU A 13  ? UNP M1R817 ?   ?   'expression tag'        -6  13 
1 5E20 VAL A 14  ? UNP M1R817 ?   ?   'expression tag'        -5  14 
1 5E20 LEU A 15  ? UNP M1R817 ?   ?   'expression tag'        -4  15 
1 5E20 PHE A 16  ? UNP M1R817 ?   ?   'expression tag'        -3  16 
1 5E20 GLN A 17  ? UNP M1R817 ?   ?   'expression tag'        -2  17 
1 5E20 GLY A 18  ? UNP M1R817 ?   ?   'expression tag'        -1  18 
1 5E20 PRO A 19  ? UNP M1R817 ?   ?   'expression tag'        1   19 
1 5E20 ILE A 123 ? UNP M1R817 VAL 105 conflict                105 20 
# 
_pdbx_struct_assembly.id                   1 
_pdbx_struct_assembly.details              author_and_software_defined_assembly 
_pdbx_struct_assembly.method_details       PISA 
_pdbx_struct_assembly.oligomeric_details   dimeric 
_pdbx_struct_assembly.oligomeric_count     2 
# 
loop_
_pdbx_struct_assembly_prop.biol_id 
_pdbx_struct_assembly_prop.type 
_pdbx_struct_assembly_prop.value 
_pdbx_struct_assembly_prop.details 
1 'ABSA (A^2)' 7950  ? 
1 MORE         -62   ? 
1 'SSA (A^2)'  17810 ? 
# 
_pdbx_struct_assembly_gen.assembly_id       1 
_pdbx_struct_assembly_gen.oper_expression   1,2 
_pdbx_struct_assembly_gen.asym_id_list      A,B,C 
# 
loop_
_pdbx_struct_oper_list.id 
_pdbx_struct_oper_list.type 
_pdbx_struct_oper_list.name 
_pdbx_struct_oper_list.symmetry_operation 
_pdbx_struct_oper_list.matrix[1][1] 
_pdbx_struct_oper_list.matrix[1][2] 
_pdbx_struct_oper_list.matrix[1][3] 
_pdbx_struct_oper_list.vector[1] 
_pdbx_struct_oper_list.matrix[2][1] 
_pdbx_struct_oper_list.matrix[2][2] 
_pdbx_struct_oper_list.matrix[2][3] 
_pdbx_struct_oper_list.vector[2] 
_pdbx_struct_oper_list.matrix[3][1] 
_pdbx_struct_oper_list.matrix[3][2] 
_pdbx_struct_oper_list.matrix[3][3] 
_pdbx_struct_oper_list.vector[3] 
1 'identity operation'         1_555 x,y,z  1.0000000000  0.0000000000 0.0000000000 0.0000000000  0.0000000000 1.0000000000  0.0000000000 0.0000000000 0.0000000000 0.0000000000 1.0000000000 0.0000000000  
2 'crystal symmetry operation' 4_555 y,x,-z -0.9647607627 0.1691754807 0.2015349287 12.0563357459 0.1691754807 -0.1878273917 0.9675228822 7.7512725534 0.2015349287 0.9675228822 0.1525881545 -8.6147912322 
# 
loop_
_struct_conf.conf_type_id 
_struct_conf.id 
_struct_conf.pdbx_PDB_helix_id 
_struct_conf.beg_label_comp_id 
_struct_conf.beg_label_asym_id 
_struct_conf.beg_label_seq_id 
_struct_conf.pdbx_beg_PDB_ins_code 
_struct_conf.end_label_comp_id 
_struct_conf.end_label_asym_id 
_struct_conf.end_label_seq_id 
_struct_conf.pdbx_end_PDB_ins_code 
_struct_conf.beg_auth_comp_id 
_struct_conf.beg_auth_asym_id 
_struct_conf.beg_auth_seq_id 
_struct_conf.end_auth_comp_id 
_struct_conf.end_auth_asym_id 
_struct_conf.end_auth_seq_id 
_struct_conf.pdbx_PDB_helix_class 
_struct_conf.details 
_struct_conf.pdbx_PDB_helix_length 
HELX_P HELX_P1 AA1 ASN A 20  ? THR A 24  ? ASN A 2   THR A 6   5 ? 5  
HELX_P HELX_P2 AA2 GLU A 26  ? LEU A 50  ? GLU A 8   LEU A 32  1 ? 25 
HELX_P HELX_P3 AA3 LYS A 51  ? ASN A 54  ? LYS A 33  ASN A 36  5 ? 4  
HELX_P HELX_P4 AA4 SER A 56  ? LEU A 69  ? SER A 38  LEU A 51  1 ? 14 
HELX_P HELX_P5 AA5 THR A 74  ? ILE A 82  ? THR A 56  ILE A 64  1 ? 9  
HELX_P HELX_P6 AA6 GLU A 85  ? ASP A 99  ? GLU A 67  ASP A 81  1 ? 15 
HELX_P HELX_P7 AA7 SER A 119 ? MET A 141 ? SER A 101 MET A 123 1 ? 23 
HELX_P HELX_P8 AA8 THR A 145 ? LEU A 164 ? THR A 127 LEU A 146 1 ? 20 
HELX_P HELX_P9 AA9 PRO A 165 ? THR A 167 ? PRO A 147 THR A 149 5 ? 3  
# 
_struct_conf_type.id          HELX_P 
_struct_conf_type.criteria    ? 
_struct_conf_type.reference   ? 
# 
_struct_sheet.id               AA1 
_struct_sheet.type             ? 
_struct_sheet.number_strands   3 
_struct_sheet.details          ? 
# 
loop_
_struct_sheet_order.sheet_id 
_struct_sheet_order.range_id_1 
_struct_sheet_order.range_id_2 
_struct_sheet_order.offset 
_struct_sheet_order.sense 
AA1 1 2 ? anti-parallel 
AA1 2 3 ? anti-parallel 
# 
loop_
_struct_sheet_range.sheet_id 
_struct_sheet_range.id 
_struct_sheet_range.beg_label_comp_id 
_struct_sheet_range.beg_label_asym_id 
_struct_sheet_range.beg_label_seq_id 
_struct_sheet_range.pdbx_beg_PDB_ins_code 
_struct_sheet_range.end_label_comp_id 
_struct_sheet_range.end_label_asym_id 
_struct_sheet_range.end_label_seq_id 
_struct_sheet_range.pdbx_end_PDB_ins_code 
_struct_sheet_range.beg_auth_comp_id 
_struct_sheet_range.beg_auth_asym_id 
_struct_sheet_range.beg_auth_seq_id 
_struct_sheet_range.end_auth_comp_id 
_struct_sheet_range.end_auth_asym_id 
_struct_sheet_range.end_auth_seq_id 
AA1 1 GLU A 72  ? SER A 73  ? GLU A 54 SER A 55  
AA1 2 VAL A 114 ? LEU A 118 ? VAL A 96 LEU A 100 
AA1 3 ILE A 102 ? LYS A 106 ? ILE A 84 LYS A 88  
# 
loop_
_pdbx_struct_sheet_hbond.sheet_id 
_pdbx_struct_sheet_hbond.range_id_1 
_pdbx_struct_sheet_hbond.range_id_2 
_pdbx_struct_sheet_hbond.range_1_label_atom_id 
_pdbx_struct_sheet_hbond.range_1_label_comp_id 
_pdbx_struct_sheet_hbond.range_1_label_asym_id 
_pdbx_struct_sheet_hbond.range_1_label_seq_id 
_pdbx_struct_sheet_hbond.range_1_PDB_ins_code 
_pdbx_struct_sheet_hbond.range_1_auth_atom_id 
_pdbx_struct_sheet_hbond.range_1_auth_comp_id 
_pdbx_struct_sheet_hbond.range_1_auth_asym_id 
_pdbx_struct_sheet_hbond.range_1_auth_seq_id 
_pdbx_struct_sheet_hbond.range_2_label_atom_id 
_pdbx_struct_sheet_hbond.range_2_label_comp_id 
_pdbx_struct_sheet_hbond.range_2_label_asym_id 
_pdbx_struct_sheet_hbond.range_2_label_seq_id 
_pdbx_struct_sheet_hbond.range_2_PDB_ins_code 
_pdbx_struct_sheet_hbond.range_2_auth_atom_id 
_pdbx_struct_sheet_hbond.range_2_auth_comp_id 
_pdbx_struct_sheet_hbond.range_2_auth_asym_id 
_pdbx_struct_sheet_hbond.range_2_auth_seq_id 
AA1 1 2 N SER A 73  ? N SER A 55 O ILE A 116 ? O ILE A 98 
AA1 2 3 O LYS A 117 ? O LYS A 99 N ILE A 103 ? N ILE A 85 
# 
_struct_site.id                   AC1 
_struct_site.pdbx_evidence_code   Software 
_struct_site.pdbx_auth_asym_id    A 
_struct_site.pdbx_auth_comp_id    5JF 
_struct_site.pdbx_auth_seq_id     201 
_struct_site.pdbx_auth_ins_code   ? 
_struct_site.pdbx_num_residues    6 
_struct_site.details              'binding site for residue 5JF A 201' 
# 
loop_
_struct_site_gen.id 
_struct_site_gen.site_id 
_struct_site_gen.pdbx_num_res 
_struct_site_gen.label_comp_id 
_struct_site_gen.label_asym_id 
_struct_site_gen.label_seq_id 
_struct_site_gen.pdbx_auth_ins_code 
_struct_site_gen.auth_comp_id 
_struct_site_gen.auth_asym_id 
_struct_site_gen.auth_seq_id 
_struct_site_gen.label_atom_id 
_struct_site_gen.label_alt_id 
_struct_site_gen.symmetry 
_struct_site_gen.details 
1 AC1 6 TRP A 32 ? TRP A 14  . ? 4_555 ? 
2 AC1 6 THR A 36 ? THR A 18  . ? 4_555 ? 
3 AC1 6 ALA A 61 ? ALA A 43  . ? 1_555 ? 
4 AC1 6 HIS A 64 ? HIS A 46  . ? 1_555 ? 
5 AC1 6 GLU A 65 ? GLU A 47  . ? 1_555 ? 
6 AC1 6 HOH C .  ? HOH A 357 . ? 1_555 ? 
# 
loop_
_pdbx_validate_close_contact.id 
_pdbx_validate_close_contact.PDB_model_num 
_pdbx_validate_close_contact.auth_atom_id_1 
_pdbx_validate_close_contact.auth_asym_id_1 
_pdbx_validate_close_contact.auth_comp_id_1 
_pdbx_validate_close_contact.auth_seq_id_1 
_pdbx_validate_close_contact.PDB_ins_code_1 
_pdbx_validate_close_contact.label_alt_id_1 
_pdbx_validate_close_contact.auth_atom_id_2 
_pdbx_validate_close_contact.auth_asym_id_2 
_pdbx_validate_close_contact.auth_comp_id_2 
_pdbx_validate_close_contact.auth_seq_id_2 
_pdbx_validate_close_contact.PDB_ins_code_2 
_pdbx_validate_close_contact.label_alt_id_2 
_pdbx_validate_close_contact.dist 
1 1 O A HOH 305 ? ? O A HOH 374 ? ? 1.30 
2 1 O A ILE 162 ? ? O A HOH 301 ? ? 1.90 
# 
loop_
_pdbx_validate_symm_contact.id 
_pdbx_validate_symm_contact.PDB_model_num 
_pdbx_validate_symm_contact.auth_atom_id_1 
_pdbx_validate_symm_contact.auth_asym_id_1 
_pdbx_validate_symm_contact.auth_comp_id_1 
_pdbx_validate_symm_contact.auth_seq_id_1 
_pdbx_validate_symm_contact.PDB_ins_code_1 
_pdbx_validate_symm_contact.label_alt_id_1 
_pdbx_validate_symm_contact.site_symmetry_1 
_pdbx_validate_symm_contact.auth_atom_id_2 
_pdbx_validate_symm_contact.auth_asym_id_2 
_pdbx_validate_symm_contact.auth_comp_id_2 
_pdbx_validate_symm_contact.auth_seq_id_2 
_pdbx_validate_symm_contact.PDB_ins_code_2 
_pdbx_validate_symm_contact.label_alt_id_2 
_pdbx_validate_symm_contact.site_symmetry_2 
_pdbx_validate_symm_contact.dist 
1 1 O A HOH 302 ? ? 1_555 O A HOH 323 ? ? 4_555 1.13 
2 1 O A HOH 304 ? ? 1_555 O A HOH 327 ? ? 4_555 1.45 
# 
loop_
_pdbx_validate_rmsd_angle.id 
_pdbx_validate_rmsd_angle.PDB_model_num 
_pdbx_validate_rmsd_angle.auth_atom_id_1 
_pdbx_validate_rmsd_angle.auth_asym_id_1 
_pdbx_validate_rmsd_angle.auth_comp_id_1 
_pdbx_validate_rmsd_angle.auth_seq_id_1 
_pdbx_validate_rmsd_angle.PDB_ins_code_1 
_pdbx_validate_rmsd_angle.label_alt_id_1 
_pdbx_validate_rmsd_angle.auth_atom_id_2 
_pdbx_validate_rmsd_angle.auth_asym_id_2 
_pdbx_validate_rmsd_angle.auth_comp_id_2 
_pdbx_validate_rmsd_angle.auth_seq_id_2 
_pdbx_validate_rmsd_angle.PDB_ins_code_2 
_pdbx_validate_rmsd_angle.label_alt_id_2 
_pdbx_validate_rmsd_angle.auth_atom_id_3 
_pdbx_validate_rmsd_angle.auth_asym_id_3 
_pdbx_validate_rmsd_angle.auth_comp_id_3 
_pdbx_validate_rmsd_angle.auth_seq_id_3 
_pdbx_validate_rmsd_angle.PDB_ins_code_3 
_pdbx_validate_rmsd_angle.label_alt_id_3 
_pdbx_validate_rmsd_angle.angle_value 
_pdbx_validate_rmsd_angle.angle_target_value 
_pdbx_validate_rmsd_angle.angle_deviation 
_pdbx_validate_rmsd_angle.angle_standard_deviation 
_pdbx_validate_rmsd_angle.linker_flag 
1 1 CD A LYS 21 ? ? CE A LYS 21 ? ? NZ A LYS 21 ? ? 97.08  111.70 -14.62 2.30 N 
2 1 CD A LYS 33 ? ? CE A LYS 33 ? ? NZ A LYS 33 ? ? 132.63 111.70 20.93  2.30 N 
# 
loop_
_pdbx_validate_torsion.id 
_pdbx_validate_torsion.PDB_model_num 
_pdbx_validate_torsion.auth_comp_id 
_pdbx_validate_torsion.auth_asym_id 
_pdbx_validate_torsion.auth_seq_id 
_pdbx_validate_torsion.PDB_ins_code 
_pdbx_validate_torsion.label_alt_id 
_pdbx_validate_torsion.phi 
_pdbx_validate_torsion.psi 
1 1 SER A 55 ? ? -164.27 -159.93 
2 1 ASP A 91 ? ? 76.08   -51.36  
3 1 LYS A 92 ? ? -55.51  68.07   
4 1 HIS A 94 ? ? 74.54   -10.87  
# 
loop_
_pdbx_validate_polymer_linkage.id 
_pdbx_validate_polymer_linkage.PDB_model_num 
_pdbx_validate_polymer_linkage.auth_atom_id_1 
_pdbx_validate_polymer_linkage.auth_asym_id_1 
_pdbx_validate_polymer_linkage.auth_comp_id_1 
_pdbx_validate_polymer_linkage.auth_seq_id_1 
_pdbx_validate_polymer_linkage.PDB_ins_code_1 
_pdbx_validate_polymer_linkage.label_alt_id_1 
_pdbx_validate_polymer_linkage.auth_atom_id_2 
_pdbx_validate_polymer_linkage.auth_asym_id_2 
_pdbx_validate_polymer_linkage.auth_comp_id_2 
_pdbx_validate_polymer_linkage.auth_seq_id_2 
_pdbx_validate_polymer_linkage.PDB_ins_code_2 
_pdbx_validate_polymer_linkage.label_alt_id_2 
_pdbx_validate_polymer_linkage.dist 
1 1 C A GLY -1 ? ? N A PRO 1 ? A 1.82 
2 1 C A GLY -1 ? ? N A PRO 1 ? B 1.87 
# 
_pdbx_struct_special_symmetry.id              1 
_pdbx_struct_special_symmetry.PDB_model_num   1 
_pdbx_struct_special_symmetry.auth_asym_id    A 
_pdbx_struct_special_symmetry.auth_comp_id    HOH 
_pdbx_struct_special_symmetry.auth_seq_id     380 
_pdbx_struct_special_symmetry.PDB_ins_code    ? 
_pdbx_struct_special_symmetry.label_asym_id   C 
_pdbx_struct_special_symmetry.label_comp_id   HOH 
_pdbx_struct_special_symmetry.label_seq_id    . 
# 
loop_
_pdbx_unobs_or_zero_occ_residues.id 
_pdbx_unobs_or_zero_occ_residues.PDB_model_num 
_pdbx_unobs_or_zero_occ_residues.polymer_flag 
_pdbx_unobs_or_zero_occ_residues.occupancy_flag 
_pdbx_unobs_or_zero_occ_residues.auth_asym_id 
_pdbx_unobs_or_zero_occ_residues.auth_comp_id 
_pdbx_unobs_or_zero_occ_residues.auth_seq_id 
_pdbx_unobs_or_zero_occ_residues.PDB_ins_code 
_pdbx_unobs_or_zero_occ_residues.label_asym_id 
_pdbx_unobs_or_zero_occ_residues.label_comp_id 
_pdbx_unobs_or_zero_occ_residues.label_seq_id 
1  1 Y 1 A MET -18 ? A MET 1  
2  1 Y 1 A ALA -17 ? A ALA 2  
3  1 Y 1 A HIS -16 ? A HIS 3  
4  1 Y 1 A HIS -15 ? A HIS 4  
5  1 Y 1 A HIS -14 ? A HIS 5  
6  1 Y 1 A HIS -13 ? A HIS 6  
7  1 Y 1 A HIS -12 ? A HIS 7  
8  1 Y 1 A HIS -11 ? A HIS 8  
9  1 Y 1 A SER -10 ? A SER 9  
10 1 Y 1 A SER -9  ? A SER 10 
11 1 Y 1 A GLY -8  ? A GLY 11 
# 
loop_
_chem_comp_atom.comp_id 
_chem_comp_atom.atom_id 
_chem_comp_atom.type_symbol 
_chem_comp_atom.pdbx_aromatic_flag 
_chem_comp_atom.pdbx_stereo_config 
_chem_comp_atom.pdbx_ordinal 
5JF CL1  CL N N 1   
5JF CAI  C  Y N 2   
5JF CAH  C  Y N 3   
5JF CL2  CL N N 4   
5JF CAF  C  Y N 5   
5JF CAD  C  Y N 6   
5JF CAE  C  Y N 7   
5JF CAG  C  Y N 8   
5JF OAA  O  N N 9   
5JF H1   H  N N 10  
5JF H2   H  N N 11  
5JF H3   H  N N 12  
5JF H4   H  N N 13  
ALA N    N  N N 14  
ALA CA   C  N S 15  
ALA C    C  N N 16  
ALA O    O  N N 17  
ALA CB   C  N N 18  
ALA OXT  O  N N 19  
ALA H    H  N N 20  
ALA H2   H  N N 21  
ALA HA   H  N N 22  
ALA HB1  H  N N 23  
ALA HB2  H  N N 24  
ALA HB3  H  N N 25  
ALA HXT  H  N N 26  
ARG N    N  N N 27  
ARG CA   C  N S 28  
ARG C    C  N N 29  
ARG O    O  N N 30  
ARG CB   C  N N 31  
ARG CG   C  N N 32  
ARG CD   C  N N 33  
ARG NE   N  N N 34  
ARG CZ   C  N N 35  
ARG NH1  N  N N 36  
ARG NH2  N  N N 37  
ARG OXT  O  N N 38  
ARG H    H  N N 39  
ARG H2   H  N N 40  
ARG HA   H  N N 41  
ARG HB2  H  N N 42  
ARG HB3  H  N N 43  
ARG HG2  H  N N 44  
ARG HG3  H  N N 45  
ARG HD2  H  N N 46  
ARG HD3  H  N N 47  
ARG HE   H  N N 48  
ARG HH11 H  N N 49  
ARG HH12 H  N N 50  
ARG HH21 H  N N 51  
ARG HH22 H  N N 52  
ARG HXT  H  N N 53  
ASN N    N  N N 54  
ASN CA   C  N S 55  
ASN C    C  N N 56  
ASN O    O  N N 57  
ASN CB   C  N N 58  
ASN CG   C  N N 59  
ASN OD1  O  N N 60  
ASN ND2  N  N N 61  
ASN OXT  O  N N 62  
ASN H    H  N N 63  
ASN H2   H  N N 64  
ASN HA   H  N N 65  
ASN HB2  H  N N 66  
ASN HB3  H  N N 67  
ASN HD21 H  N N 68  
ASN HD22 H  N N 69  
ASN HXT  H  N N 70  
ASP N    N  N N 71  
ASP CA   C  N S 72  
ASP C    C  N N 73  
ASP O    O  N N 74  
ASP CB   C  N N 75  
ASP CG   C  N N 76  
ASP OD1  O  N N 77  
ASP OD2  O  N N 78  
ASP OXT  O  N N 79  
ASP H    H  N N 80  
ASP H2   H  N N 81  
ASP HA   H  N N 82  
ASP HB2  H  N N 83  
ASP HB3  H  N N 84  
ASP HD2  H  N N 85  
ASP HXT  H  N N 86  
CYS N    N  N N 87  
CYS CA   C  N R 88  
CYS C    C  N N 89  
CYS O    O  N N 90  
CYS CB   C  N N 91  
CYS SG   S  N N 92  
CYS OXT  O  N N 93  
CYS H    H  N N 94  
CYS H2   H  N N 95  
CYS HA   H  N N 96  
CYS HB2  H  N N 97  
CYS HB3  H  N N 98  
CYS HG   H  N N 99  
CYS HXT  H  N N 100 
GLN N    N  N N 101 
GLN CA   C  N S 102 
GLN C    C  N N 103 
GLN O    O  N N 104 
GLN CB   C  N N 105 
GLN CG   C  N N 106 
GLN CD   C  N N 107 
GLN OE1  O  N N 108 
GLN NE2  N  N N 109 
GLN OXT  O  N N 110 
GLN H    H  N N 111 
GLN H2   H  N N 112 
GLN HA   H  N N 113 
GLN HB2  H  N N 114 
GLN HB3  H  N N 115 
GLN HG2  H  N N 116 
GLN HG3  H  N N 117 
GLN HE21 H  N N 118 
GLN HE22 H  N N 119 
GLN HXT  H  N N 120 
GLU N    N  N N 121 
GLU CA   C  N S 122 
GLU C    C  N N 123 
GLU O    O  N N 124 
GLU CB   C  N N 125 
GLU CG   C  N N 126 
GLU CD   C  N N 127 
GLU OE1  O  N N 128 
GLU OE2  O  N N 129 
GLU OXT  O  N N 130 
GLU H    H  N N 131 
GLU H2   H  N N 132 
GLU HA   H  N N 133 
GLU HB2  H  N N 134 
GLU HB3  H  N N 135 
GLU HG2  H  N N 136 
GLU HG3  H  N N 137 
GLU HE2  H  N N 138 
GLU HXT  H  N N 139 
GLY N    N  N N 140 
GLY CA   C  N N 141 
GLY C    C  N N 142 
GLY O    O  N N 143 
GLY OXT  O  N N 144 
GLY H    H  N N 145 
GLY H2   H  N N 146 
GLY HA2  H  N N 147 
GLY HA3  H  N N 148 
GLY HXT  H  N N 149 
HIS N    N  N N 150 
HIS CA   C  N S 151 
HIS C    C  N N 152 
HIS O    O  N N 153 
HIS CB   C  N N 154 
HIS CG   C  Y N 155 
HIS ND1  N  Y N 156 
HIS CD2  C  Y N 157 
HIS CE1  C  Y N 158 
HIS NE2  N  Y N 159 
HIS OXT  O  N N 160 
HIS H    H  N N 161 
HIS H2   H  N N 162 
HIS HA   H  N N 163 
HIS HB2  H  N N 164 
HIS HB3  H  N N 165 
HIS HD1  H  N N 166 
HIS HD2  H  N N 167 
HIS HE1  H  N N 168 
HIS HE2  H  N N 169 
HIS HXT  H  N N 170 
HOH O    O  N N 171 
HOH H1   H  N N 172 
HOH H2   H  N N 173 
ILE N    N  N N 174 
ILE CA   C  N S 175 
ILE C    C  N N 176 
ILE O    O  N N 177 
ILE CB   C  N S 178 
ILE CG1  C  N N 179 
ILE CG2  C  N N 180 
ILE CD1  C  N N 181 
ILE OXT  O  N N 182 
ILE H    H  N N 183 
ILE H2   H  N N 184 
ILE HA   H  N N 185 
ILE HB   H  N N 186 
ILE HG12 H  N N 187 
ILE HG13 H  N N 188 
ILE HG21 H  N N 189 
ILE HG22 H  N N 190 
ILE HG23 H  N N 191 
ILE HD11 H  N N 192 
ILE HD12 H  N N 193 
ILE HD13 H  N N 194 
ILE HXT  H  N N 195 
LEU N    N  N N 196 
LEU CA   C  N S 197 
LEU C    C  N N 198 
LEU O    O  N N 199 
LEU CB   C  N N 200 
LEU CG   C  N N 201 
LEU CD1  C  N N 202 
LEU CD2  C  N N 203 
LEU OXT  O  N N 204 
LEU H    H  N N 205 
LEU H2   H  N N 206 
LEU HA   H  N N 207 
LEU HB2  H  N N 208 
LEU HB3  H  N N 209 
LEU HG   H  N N 210 
LEU HD11 H  N N 211 
LEU HD12 H  N N 212 
LEU HD13 H  N N 213 
LEU HD21 H  N N 214 
LEU HD22 H  N N 215 
LEU HD23 H  N N 216 
LEU HXT  H  N N 217 
LYS N    N  N N 218 
LYS CA   C  N S 219 
LYS C    C  N N 220 
LYS O    O  N N 221 
LYS CB   C  N N 222 
LYS CG   C  N N 223 
LYS CD   C  N N 224 
LYS CE   C  N N 225 
LYS NZ   N  N N 226 
LYS OXT  O  N N 227 
LYS H    H  N N 228 
LYS H2   H  N N 229 
LYS HA   H  N N 230 
LYS HB2  H  N N 231 
LYS HB3  H  N N 232 
LYS HG2  H  N N 233 
LYS HG3  H  N N 234 
LYS HD2  H  N N 235 
LYS HD3  H  N N 236 
LYS HE2  H  N N 237 
LYS HE3  H  N N 238 
LYS HZ1  H  N N 239 
LYS HZ2  H  N N 240 
LYS HZ3  H  N N 241 
LYS HXT  H  N N 242 
MET N    N  N N 243 
MET CA   C  N S 244 
MET C    C  N N 245 
MET O    O  N N 246 
MET CB   C  N N 247 
MET CG   C  N N 248 
MET SD   S  N N 249 
MET CE   C  N N 250 
MET OXT  O  N N 251 
MET H    H  N N 252 
MET H2   H  N N 253 
MET HA   H  N N 254 
MET HB2  H  N N 255 
MET HB3  H  N N 256 
MET HG2  H  N N 257 
MET HG3  H  N N 258 
MET HE1  H  N N 259 
MET HE2  H  N N 260 
MET HE3  H  N N 261 
MET HXT  H  N N 262 
PHE N    N  N N 263 
PHE CA   C  N S 264 
PHE C    C  N N 265 
PHE O    O  N N 266 
PHE CB   C  N N 267 
PHE CG   C  Y N 268 
PHE CD1  C  Y N 269 
PHE CD2  C  Y N 270 
PHE CE1  C  Y N 271 
PHE CE2  C  Y N 272 
PHE CZ   C  Y N 273 
PHE OXT  O  N N 274 
PHE H    H  N N 275 
PHE H2   H  N N 276 
PHE HA   H  N N 277 
PHE HB2  H  N N 278 
PHE HB3  H  N N 279 
PHE HD1  H  N N 280 
PHE HD2  H  N N 281 
PHE HE1  H  N N 282 
PHE HE2  H  N N 283 
PHE HZ   H  N N 284 
PHE HXT  H  N N 285 
PRO N    N  N N 286 
PRO CA   C  N S 287 
PRO C    C  N N 288 
PRO O    O  N N 289 
PRO CB   C  N N 290 
PRO CG   C  N N 291 
PRO CD   C  N N 292 
PRO OXT  O  N N 293 
PRO H    H  N N 294 
PRO HA   H  N N 295 
PRO HB2  H  N N 296 
PRO HB3  H  N N 297 
PRO HG2  H  N N 298 
PRO HG3  H  N N 299 
PRO HD2  H  N N 300 
PRO HD3  H  N N 301 
PRO HXT  H  N N 302 
SER N    N  N N 303 
SER CA   C  N S 304 
SER C    C  N N 305 
SER O    O  N N 306 
SER CB   C  N N 307 
SER OG   O  N N 308 
SER OXT  O  N N 309 
SER H    H  N N 310 
SER H2   H  N N 311 
SER HA   H  N N 312 
SER HB2  H  N N 313 
SER HB3  H  N N 314 
SER HG   H  N N 315 
SER HXT  H  N N 316 
THR N    N  N N 317 
THR CA   C  N S 318 
THR C    C  N N 319 
THR O    O  N N 320 
THR CB   C  N R 321 
THR OG1  O  N N 322 
THR CG2  C  N N 323 
THR OXT  O  N N 324 
THR H    H  N N 325 
THR H2   H  N N 326 
THR HA   H  N N 327 
THR HB   H  N N 328 
THR HG1  H  N N 329 
THR HG21 H  N N 330 
THR HG22 H  N N 331 
THR HG23 H  N N 332 
THR HXT  H  N N 333 
TRP N    N  N N 334 
TRP CA   C  N S 335 
TRP C    C  N N 336 
TRP O    O  N N 337 
TRP CB   C  N N 338 
TRP CG   C  Y N 339 
TRP CD1  C  Y N 340 
TRP CD2  C  Y N 341 
TRP NE1  N  Y N 342 
TRP CE2  C  Y N 343 
TRP CE3  C  Y N 344 
TRP CZ2  C  Y N 345 
TRP CZ3  C  Y N 346 
TRP CH2  C  Y N 347 
TRP OXT  O  N N 348 
TRP H    H  N N 349 
TRP H2   H  N N 350 
TRP HA   H  N N 351 
TRP HB2  H  N N 352 
TRP HB3  H  N N 353 
TRP HD1  H  N N 354 
TRP HE1  H  N N 355 
TRP HE3  H  N N 356 
TRP HZ2  H  N N 357 
TRP HZ3  H  N N 358 
TRP HH2  H  N N 359 
TRP HXT  H  N N 360 
TYR N    N  N N 361 
TYR CA   C  N S 362 
TYR C    C  N N 363 
TYR O    O  N N 364 
TYR CB   C  N N 365 
TYR CG   C  Y N 366 
TYR CD1  C  Y N 367 
TYR CD2  C  Y N 368 
TYR CE1  C  Y N 369 
TYR CE2  C  Y N 370 
TYR CZ   C  Y N 371 
TYR OH   O  N N 372 
TYR OXT  O  N N 373 
TYR H    H  N N 374 
TYR H2   H  N N 375 
TYR HA   H  N N 376 
TYR HB2  H  N N 377 
TYR HB3  H  N N 378 
TYR HD1  H  N N 379 
TYR HD2  H  N N 380 
TYR HE1  H  N N 381 
TYR HE2  H  N N 382 
TYR HH   H  N N 383 
TYR HXT  H  N N 384 
VAL N    N  N N 385 
VAL CA   C  N S 386 
VAL C    C  N N 387 
VAL O    O  N N 388 
VAL CB   C  N N 389 
VAL CG1  C  N N 390 
VAL CG2  C  N N 391 
VAL OXT  O  N N 392 
VAL H    H  N N 393 
VAL H2   H  N N 394 
VAL HA   H  N N 395 
VAL HB   H  N N 396 
VAL HG11 H  N N 397 
VAL HG12 H  N N 398 
VAL HG13 H  N N 399 
VAL HG21 H  N N 400 
VAL HG22 H  N N 401 
VAL HG23 H  N N 402 
VAL HXT  H  N N 403 
# 
loop_
_chem_comp_bond.comp_id 
_chem_comp_bond.atom_id_1 
_chem_comp_bond.atom_id_2 
_chem_comp_bond.value_order 
_chem_comp_bond.pdbx_aromatic_flag 
_chem_comp_bond.pdbx_stereo_config 
_chem_comp_bond.pdbx_ordinal 
5JF CAD CAF  doub Y N 1   
5JF CAD CAE  sing Y N 2   
5JF CAF CAH  sing Y N 3   
5JF CAE CAG  doub Y N 4   
5JF CAH CL2  sing N N 5   
5JF CAH CAI  doub Y N 6   
5JF CAG CAI  sing Y N 7   
5JF CAG OAA  sing N N 8   
5JF CAI CL1  sing N N 9   
5JF CAF H1   sing N N 10  
5JF CAD H2   sing N N 11  
5JF CAE H3   sing N N 12  
5JF OAA H4   sing N N 13  
ALA N   CA   sing N N 14  
ALA N   H    sing N N 15  
ALA N   H2   sing N N 16  
ALA CA  C    sing N N 17  
ALA CA  CB   sing N N 18  
ALA CA  HA   sing N N 19  
ALA C   O    doub N N 20  
ALA C   OXT  sing N N 21  
ALA CB  HB1  sing N N 22  
ALA CB  HB2  sing N N 23  
ALA CB  HB3  sing N N 24  
ALA OXT HXT  sing N N 25  
ARG N   CA   sing N N 26  
ARG N   H    sing N N 27  
ARG N   H2   sing N N 28  
ARG CA  C    sing N N 29  
ARG CA  CB   sing N N 30  
ARG CA  HA   sing N N 31  
ARG C   O    doub N N 32  
ARG C   OXT  sing N N 33  
ARG CB  CG   sing N N 34  
ARG CB  HB2  sing N N 35  
ARG CB  HB3  sing N N 36  
ARG CG  CD   sing N N 37  
ARG CG  HG2  sing N N 38  
ARG CG  HG3  sing N N 39  
ARG CD  NE   sing N N 40  
ARG CD  HD2  sing N N 41  
ARG CD  HD3  sing N N 42  
ARG NE  CZ   sing N N 43  
ARG NE  HE   sing N N 44  
ARG CZ  NH1  sing N N 45  
ARG CZ  NH2  doub N N 46  
ARG NH1 HH11 sing N N 47  
ARG NH1 HH12 sing N N 48  
ARG NH2 HH21 sing N N 49  
ARG NH2 HH22 sing N N 50  
ARG OXT HXT  sing N N 51  
ASN N   CA   sing N N 52  
ASN N   H    sing N N 53  
ASN N   H2   sing N N 54  
ASN CA  C    sing N N 55  
ASN CA  CB   sing N N 56  
ASN CA  HA   sing N N 57  
ASN C   O    doub N N 58  
ASN C   OXT  sing N N 59  
ASN CB  CG   sing N N 60  
ASN CB  HB2  sing N N 61  
ASN CB  HB3  sing N N 62  
ASN CG  OD1  doub N N 63  
ASN CG  ND2  sing N N 64  
ASN ND2 HD21 sing N N 65  
ASN ND2 HD22 sing N N 66  
ASN OXT HXT  sing N N 67  
ASP N   CA   sing N N 68  
ASP N   H    sing N N 69  
ASP N   H2   sing N N 70  
ASP CA  C    sing N N 71  
ASP CA  CB   sing N N 72  
ASP CA  HA   sing N N 73  
ASP C   O    doub N N 74  
ASP C   OXT  sing N N 75  
ASP CB  CG   sing N N 76  
ASP CB  HB2  sing N N 77  
ASP CB  HB3  sing N N 78  
ASP CG  OD1  doub N N 79  
ASP CG  OD2  sing N N 80  
ASP OD2 HD2  sing N N 81  
ASP OXT HXT  sing N N 82  
CYS N   CA   sing N N 83  
CYS N   H    sing N N 84  
CYS N   H2   sing N N 85  
CYS CA  C    sing N N 86  
CYS CA  CB   sing N N 87  
CYS CA  HA   sing N N 88  
CYS C   O    doub N N 89  
CYS C   OXT  sing N N 90  
CYS CB  SG   sing N N 91  
CYS CB  HB2  sing N N 92  
CYS CB  HB3  sing N N 93  
CYS SG  HG   sing N N 94  
CYS OXT HXT  sing N N 95  
GLN N   CA   sing N N 96  
GLN N   H    sing N N 97  
GLN N   H2   sing N N 98  
GLN CA  C    sing N N 99  
GLN CA  CB   sing N N 100 
GLN CA  HA   sing N N 101 
GLN C   O    doub N N 102 
GLN C   OXT  sing N N 103 
GLN CB  CG   sing N N 104 
GLN CB  HB2  sing N N 105 
GLN CB  HB3  sing N N 106 
GLN CG  CD   sing N N 107 
GLN CG  HG2  sing N N 108 
GLN CG  HG3  sing N N 109 
GLN CD  OE1  doub N N 110 
GLN CD  NE2  sing N N 111 
GLN NE2 HE21 sing N N 112 
GLN NE2 HE22 sing N N 113 
GLN OXT HXT  sing N N 114 
GLU N   CA   sing N N 115 
GLU N   H    sing N N 116 
GLU N   H2   sing N N 117 
GLU CA  C    sing N N 118 
GLU CA  CB   sing N N 119 
GLU CA  HA   sing N N 120 
GLU C   O    doub N N 121 
GLU C   OXT  sing N N 122 
GLU CB  CG   sing N N 123 
GLU CB  HB2  sing N N 124 
GLU CB  HB3  sing N N 125 
GLU CG  CD   sing N N 126 
GLU CG  HG2  sing N N 127 
GLU CG  HG3  sing N N 128 
GLU CD  OE1  doub N N 129 
GLU CD  OE2  sing N N 130 
GLU OE2 HE2  sing N N 131 
GLU OXT HXT  sing N N 132 
GLY N   CA   sing N N 133 
GLY N   H    sing N N 134 
GLY N   H2   sing N N 135 
GLY CA  C    sing N N 136 
GLY CA  HA2  sing N N 137 
GLY CA  HA3  sing N N 138 
GLY C   O    doub N N 139 
GLY C   OXT  sing N N 140 
GLY OXT HXT  sing N N 141 
HIS N   CA   sing N N 142 
HIS N   H    sing N N 143 
HIS N   H2   sing N N 144 
HIS CA  C    sing N N 145 
HIS CA  CB   sing N N 146 
HIS CA  HA   sing N N 147 
HIS C   O    doub N N 148 
HIS C   OXT  sing N N 149 
HIS CB  CG   sing N N 150 
HIS CB  HB2  sing N N 151 
HIS CB  HB3  sing N N 152 
HIS CG  ND1  sing Y N 153 
HIS CG  CD2  doub Y N 154 
HIS ND1 CE1  doub Y N 155 
HIS ND1 HD1  sing N N 156 
HIS CD2 NE2  sing Y N 157 
HIS CD2 HD2  sing N N 158 
HIS CE1 NE2  sing Y N 159 
HIS CE1 HE1  sing N N 160 
HIS NE2 HE2  sing N N 161 
HIS OXT HXT  sing N N 162 
HOH O   H1   sing N N 163 
HOH O   H2   sing N N 164 
ILE N   CA   sing N N 165 
ILE N   H    sing N N 166 
ILE N   H2   sing N N 167 
ILE CA  C    sing N N 168 
ILE CA  CB   sing N N 169 
ILE CA  HA   sing N N 170 
ILE C   O    doub N N 171 
ILE C   OXT  sing N N 172 
ILE CB  CG1  sing N N 173 
ILE CB  CG2  sing N N 174 
ILE CB  HB   sing N N 175 
ILE CG1 CD1  sing N N 176 
ILE CG1 HG12 sing N N 177 
ILE CG1 HG13 sing N N 178 
ILE CG2 HG21 sing N N 179 
ILE CG2 HG22 sing N N 180 
ILE CG2 HG23 sing N N 181 
ILE CD1 HD11 sing N N 182 
ILE CD1 HD12 sing N N 183 
ILE CD1 HD13 sing N N 184 
ILE OXT HXT  sing N N 185 
LEU N   CA   sing N N 186 
LEU N   H    sing N N 187 
LEU N   H2   sing N N 188 
LEU CA  C    sing N N 189 
LEU CA  CB   sing N N 190 
LEU CA  HA   sing N N 191 
LEU C   O    doub N N 192 
LEU C   OXT  sing N N 193 
LEU CB  CG   sing N N 194 
LEU CB  HB2  sing N N 195 
LEU CB  HB3  sing N N 196 
LEU CG  CD1  sing N N 197 
LEU CG  CD2  sing N N 198 
LEU CG  HG   sing N N 199 
LEU CD1 HD11 sing N N 200 
LEU CD1 HD12 sing N N 201 
LEU CD1 HD13 sing N N 202 
LEU CD2 HD21 sing N N 203 
LEU CD2 HD22 sing N N 204 
LEU CD2 HD23 sing N N 205 
LEU OXT HXT  sing N N 206 
LYS N   CA   sing N N 207 
LYS N   H    sing N N 208 
LYS N   H2   sing N N 209 
LYS CA  C    sing N N 210 
LYS CA  CB   sing N N 211 
LYS CA  HA   sing N N 212 
LYS C   O    doub N N 213 
LYS C   OXT  sing N N 214 
LYS CB  CG   sing N N 215 
LYS CB  HB2  sing N N 216 
LYS CB  HB3  sing N N 217 
LYS CG  CD   sing N N 218 
LYS CG  HG2  sing N N 219 
LYS CG  HG3  sing N N 220 
LYS CD  CE   sing N N 221 
LYS CD  HD2  sing N N 222 
LYS CD  HD3  sing N N 223 
LYS CE  NZ   sing N N 224 
LYS CE  HE2  sing N N 225 
LYS CE  HE3  sing N N 226 
LYS NZ  HZ1  sing N N 227 
LYS NZ  HZ2  sing N N 228 
LYS NZ  HZ3  sing N N 229 
LYS OXT HXT  sing N N 230 
MET N   CA   sing N N 231 
MET N   H    sing N N 232 
MET N   H2   sing N N 233 
MET CA  C    sing N N 234 
MET CA  CB   sing N N 235 
MET CA  HA   sing N N 236 
MET C   O    doub N N 237 
MET C   OXT  sing N N 238 
MET CB  CG   sing N N 239 
MET CB  HB2  sing N N 240 
MET CB  HB3  sing N N 241 
MET CG  SD   sing N N 242 
MET CG  HG2  sing N N 243 
MET CG  HG3  sing N N 244 
MET SD  CE   sing N N 245 
MET CE  HE1  sing N N 246 
MET CE  HE2  sing N N 247 
MET CE  HE3  sing N N 248 
MET OXT HXT  sing N N 249 
PHE N   CA   sing N N 250 
PHE N   H    sing N N 251 
PHE N   H2   sing N N 252 
PHE CA  C    sing N N 253 
PHE CA  CB   sing N N 254 
PHE CA  HA   sing N N 255 
PHE C   O    doub N N 256 
PHE C   OXT  sing N N 257 
PHE CB  CG   sing N N 258 
PHE CB  HB2  sing N N 259 
PHE CB  HB3  sing N N 260 
PHE CG  CD1  doub Y N 261 
PHE CG  CD2  sing Y N 262 
PHE CD1 CE1  sing Y N 263 
PHE CD1 HD1  sing N N 264 
PHE CD2 CE2  doub Y N 265 
PHE CD2 HD2  sing N N 266 
PHE CE1 CZ   doub Y N 267 
PHE CE1 HE1  sing N N 268 
PHE CE2 CZ   sing Y N 269 
PHE CE2 HE2  sing N N 270 
PHE CZ  HZ   sing N N 271 
PHE OXT HXT  sing N N 272 
PRO N   CA   sing N N 273 
PRO N   CD   sing N N 274 
PRO N   H    sing N N 275 
PRO CA  C    sing N N 276 
PRO CA  CB   sing N N 277 
PRO CA  HA   sing N N 278 
PRO C   O    doub N N 279 
PRO C   OXT  sing N N 280 
PRO CB  CG   sing N N 281 
PRO CB  HB2  sing N N 282 
PRO CB  HB3  sing N N 283 
PRO CG  CD   sing N N 284 
PRO CG  HG2  sing N N 285 
PRO CG  HG3  sing N N 286 
PRO CD  HD2  sing N N 287 
PRO CD  HD3  sing N N 288 
PRO OXT HXT  sing N N 289 
SER N   CA   sing N N 290 
SER N   H    sing N N 291 
SER N   H2   sing N N 292 
SER CA  C    sing N N 293 
SER CA  CB   sing N N 294 
SER CA  HA   sing N N 295 
SER C   O    doub N N 296 
SER C   OXT  sing N N 297 
SER CB  OG   sing N N 298 
SER CB  HB2  sing N N 299 
SER CB  HB3  sing N N 300 
SER OG  HG   sing N N 301 
SER OXT HXT  sing N N 302 
THR N   CA   sing N N 303 
THR N   H    sing N N 304 
THR N   H2   sing N N 305 
THR CA  C    sing N N 306 
THR CA  CB   sing N N 307 
THR CA  HA   sing N N 308 
THR C   O    doub N N 309 
THR C   OXT  sing N N 310 
THR CB  OG1  sing N N 311 
THR CB  CG2  sing N N 312 
THR CB  HB   sing N N 313 
THR OG1 HG1  sing N N 314 
THR CG2 HG21 sing N N 315 
THR CG2 HG22 sing N N 316 
THR CG2 HG23 sing N N 317 
THR OXT HXT  sing N N 318 
TRP N   CA   sing N N 319 
TRP N   H    sing N N 320 
TRP N   H2   sing N N 321 
TRP CA  C    sing N N 322 
TRP CA  CB   sing N N 323 
TRP CA  HA   sing N N 324 
TRP C   O    doub N N 325 
TRP C   OXT  sing N N 326 
TRP CB  CG   sing N N 327 
TRP CB  HB2  sing N N 328 
TRP CB  HB3  sing N N 329 
TRP CG  CD1  doub Y N 330 
TRP CG  CD2  sing Y N 331 
TRP CD1 NE1  sing Y N 332 
TRP CD1 HD1  sing N N 333 
TRP CD2 CE2  doub Y N 334 
TRP CD2 CE3  sing Y N 335 
TRP NE1 CE2  sing Y N 336 
TRP NE1 HE1  sing N N 337 
TRP CE2 CZ2  sing Y N 338 
TRP CE3 CZ3  doub Y N 339 
TRP CE3 HE3  sing N N 340 
TRP CZ2 CH2  doub Y N 341 
TRP CZ2 HZ2  sing N N 342 
TRP CZ3 CH2  sing Y N 343 
TRP CZ3 HZ3  sing N N 344 
TRP CH2 HH2  sing N N 345 
TRP OXT HXT  sing N N 346 
TYR N   CA   sing N N 347 
TYR N   H    sing N N 348 
TYR N   H2   sing N N 349 
TYR CA  C    sing N N 350 
TYR CA  CB   sing N N 351 
TYR CA  HA   sing N N 352 
TYR C   O    doub N N 353 
TYR C   OXT  sing N N 354 
TYR CB  CG   sing N N 355 
TYR CB  HB2  sing N N 356 
TYR CB  HB3  sing N N 357 
TYR CG  CD1  doub Y N 358 
TYR CG  CD2  sing Y N 359 
TYR CD1 CE1  sing Y N 360 
TYR CD1 HD1  sing N N 361 
TYR CD2 CE2  doub Y N 362 
TYR CD2 HD2  sing N N 363 
TYR CE1 CZ   doub Y N 364 
TYR CE1 HE1  sing N N 365 
TYR CE2 CZ   sing Y N 366 
TYR CE2 HE2  sing N N 367 
TYR CZ  OH   sing N N 368 
TYR OH  HH   sing N N 369 
TYR OXT HXT  sing N N 370 
VAL N   CA   sing N N 371 
VAL N   H    sing N N 372 
VAL N   H2   sing N N 373 
VAL CA  C    sing N N 374 
VAL CA  CB   sing N N 375 
VAL CA  HA   sing N N 376 
VAL C   O    doub N N 377 
VAL C   OXT  sing N N 378 
VAL CB  CG1  sing N N 379 
VAL CB  CG2  sing N N 380 
VAL CB  HB   sing N N 381 
VAL CG1 HG11 sing N N 382 
VAL CG1 HG12 sing N N 383 
VAL CG1 HG13 sing N N 384 
VAL CG2 HG21 sing N N 385 
VAL CG2 HG22 sing N N 386 
VAL CG2 HG23 sing N N 387 
VAL OXT HXT  sing N N 388 
# 
_pdbx_audit_support.funding_organization   'European Research Council' 
_pdbx_audit_support.country                'United Kingdom' 
_pdbx_audit_support.grant_number           DEHALORES206080 
_pdbx_audit_support.ordinal                1 
# 
_pdbx_initial_refinement_model.id               1 
_pdbx_initial_refinement_model.entity_id_list   ? 
_pdbx_initial_refinement_model.type             'experimental model' 
_pdbx_initial_refinement_model.source_name      PDB 
_pdbx_initial_refinement_model.accession_code   5E1W 
_pdbx_initial_refinement_model.details          ? 
# 
_atom_sites.entry_id                    5E20 
_atom_sites.fract_transf_matrix[1][1]   -0.00591957 
_atom_sites.fract_transf_matrix[1][2]   0.00809134 
_atom_sites.fract_transf_matrix[1][3]   0.01271245 
_atom_sites.fract_transf_matrix[2][1]   0.00964178 
_atom_sites.fract_transf_matrix[2][2]   0.00977834 
_atom_sites.fract_transf_matrix[2][3]   0.00857532 
_atom_sites.fract_transf_matrix[3][1]   -0.00277701 
_atom_sites.fract_transf_matrix[3][2]   0.00876438 
_atom_sites.fract_transf_matrix[3][3]   -0.00687156 
_atom_sites.fract_transf_vector[1]      -0.390043 
_atom_sites.fract_transf_vector[2]      -0.508207 
_atom_sites.fract_transf_vector[3]      -0.046826 
# 
loop_
_atom_type.symbol 
C  
CL 
N  
O  
S  
# 
loop_
_atom_site.group_PDB 
_atom_site.id 
_atom_site.type_symbol 
_atom_site.label_atom_id 
_atom_site.label_alt_id 
_atom_site.label_comp_id 
_atom_site.label_asym_id 
_atom_site.label_entity_id 
_atom_site.label_seq_id 
_atom_site.pdbx_PDB_ins_code 
_atom_site.Cartn_x 
_atom_site.Cartn_y 
_atom_site.Cartn_z 
_atom_site.occupancy 
_atom_site.B_iso_or_equiv 
_atom_site.pdbx_formal_charge 
_atom_site.auth_seq_id 
_atom_site.auth_comp_id 
_atom_site.auth_asym_id 
_atom_site.auth_atom_id 
_atom_site.pdbx_PDB_model_num 
ATOM   1    N  N   . LEU A 1 12  ? 46.716  16.998  -5.212  1.00 62.22 ? -7  LEU A N   1 
ATOM   2    C  CA  . LEU A 1 12  ? 46.223  15.600  -4.971  1.00 62.59 ? -7  LEU A CA  1 
ATOM   3    C  C   . LEU A 1 12  ? 44.826  15.429  -5.583  1.00 59.86 ? -7  LEU A C   1 
ATOM   4    O  O   . LEU A 1 12  ? 44.691  14.627  -6.510  1.00 60.77 ? -7  LEU A O   1 
ATOM   5    C  CB  . LEU A 1 12  ? 46.268  15.156  -3.483  1.00 62.99 ? -7  LEU A CB  1 
ATOM   6    C  CG  . LEU A 1 12  ? 47.539  14.463  -2.887  1.00 85.71 ? -7  LEU A CG  1 
ATOM   7    C  CD1 . LEU A 1 12  ? 47.814  14.880  -1.423  1.00 71.17 ? -7  LEU A CD1 1 
ATOM   8    C  CD2 . LEU A 1 12  ? 47.585  12.927  -3.060  1.00 71.26 ? -7  LEU A CD2 1 
ATOM   9    N  N   . GLU A 1 13  ? 43.809  16.173  -5.102  1.00 51.20 ? -6  GLU A N   1 
ATOM   10   C  CA  . GLU A 1 13  ? 42.422  16.162  -5.696  1.00 48.92 ? -6  GLU A CA  1 
ATOM   11   C  C   . GLU A 1 13  ? 42.309  16.413  -7.253  1.00 45.45 ? -6  GLU A C   1 
ATOM   12   O  O   . GLU A 1 13  ? 42.753  17.455  -7.746  1.00 43.72 ? -6  GLU A O   1 
ATOM   13   C  CB  . GLU A 1 13  ? 41.544  17.107  -4.883  1.00 55.10 ? -6  GLU A CB  1 
ATOM   14   C  CG  . GLU A 1 13  ? 40.062  17.048  -5.161  1.00 60.19 ? -6  GLU A CG  1 
ATOM   15   C  CD  . GLU A 1 13  ? 39.225  16.793  -3.918  1.00 64.22 ? -6  GLU A CD  1 
ATOM   16   O  OE1 . GLU A 1 13  ? 39.410  17.439  -2.839  1.00 71.30 ? -6  GLU A OE1 1 
ATOM   17   O  OE2 . GLU A 1 13  ? 38.364  15.921  -4.045  1.00 56.32 ? -6  GLU A OE2 1 
ATOM   18   N  N   . VAL A 1 14  ? 41.754  15.458  -8.022  1.00 40.35 ? -5  VAL A N   1 
ATOM   19   C  CA  A VAL A 1 14  ? 41.634  15.547  -9.495  0.50 38.86 ? -5  VAL A CA  1 
ATOM   20   C  CA  B VAL A 1 14  ? 41.735  15.629  -9.473  0.50 39.42 ? -5  VAL A CA  1 
ATOM   21   C  C   . VAL A 1 14  ? 40.693  16.718  -9.833  1.00 37.18 ? -5  VAL A C   1 
ATOM   22   O  O   . VAL A 1 14  ? 39.800  17.031  -9.039  1.00 36.73 ? -5  VAL A O   1 
ATOM   23   C  CB  A VAL A 1 14  ? 41.143  14.200  -10.114 0.50 40.62 ? -5  VAL A CB  1 
ATOM   24   C  CB  B VAL A 1 14  ? 41.617  14.294  -10.262 0.50 41.12 ? -5  VAL A CB  1 
ATOM   25   C  CG1 A VAL A 1 14  ? 39.753  13.822  -9.585  0.50 43.41 ? -5  VAL A CG1 1 
ATOM   26   C  CG1 B VAL A 1 14  ? 42.675  13.284  -9.803  0.50 39.05 ? -5  VAL A CG1 1 
ATOM   27   C  CG2 A VAL A 1 14  ? 41.182  14.204  -11.650 0.50 36.71 ? -5  VAL A CG2 1 
ATOM   28   C  CG2 B VAL A 1 14  ? 40.232  13.689  -10.130 0.50 44.03 ? -5  VAL A CG2 1 
ATOM   29   N  N   . LEU A 1 15  ? 40.916  17.398  -10.957 1.00 33.93 ? -4  LEU A N   1 
ATOM   30   C  CA  . LEU A 1 15  ? 40.050  18.563  -11.326 1.00 33.54 ? -4  LEU A CA  1 
ATOM   31   C  C   . LEU A 1 15  ? 38.912  18.084  -12.218 1.00 30.97 ? -4  LEU A C   1 
ATOM   32   O  O   . LEU A 1 15  ? 39.094  17.091  -12.933 1.00 32.34 ? -4  LEU A O   1 
ATOM   33   C  CB  . LEU A 1 15  ? 40.875  19.606  -12.167 1.00 27.11 ? -4  LEU A CB  1 
ATOM   34   C  CG  . LEU A 1 15  ? 42.102  20.186  -11.417 1.00 32.47 ? -4  LEU A CG  1 
ATOM   35   C  CD1 . LEU A 1 15  ? 42.935  21.134  -12.294 1.00 37.08 ? -4  LEU A CD1 1 
ATOM   36   C  CD2 . LEU A 1 15  ? 41.669  20.926  -10.176 1.00 29.22 ? -4  LEU A CD2 1 
ATOM   37   N  N   . PHE A 1 16  ? 37.775  18.817  -12.201 1.00 31.84 ? -3  PHE A N   1 
ATOM   38   C  CA  . PHE A 1 16  ? 36.706  18.728  -13.194 1.00 31.31 ? -3  PHE A CA  1 
ATOM   39   C  C   . PHE A 1 16  ? 35.924  17.420  -13.026 1.00 33.36 ? -3  PHE A C   1 
ATOM   40   O  O   . PHE A 1 16  ? 35.326  16.943  -13.966 1.00 29.83 ? -3  PHE A O   1 
ATOM   41   C  CB  . PHE A 1 16  ? 37.243  18.817  -14.647 1.00 29.03 ? -3  PHE A CB  1 
ATOM   42   C  CG  . PHE A 1 16  ? 38.220  19.973  -14.861 1.00 30.39 ? -3  PHE A CG  1 
ATOM   43   C  CD1 . PHE A 1 16  ? 37.890  21.281  -14.413 1.00 25.27 ? -3  PHE A CD1 1 
ATOM   44   C  CD2 . PHE A 1 16  ? 39.477  19.746  -15.443 1.00 29.11 ? -3  PHE A CD2 1 
ATOM   45   C  CE1 . PHE A 1 16  ? 38.801  22.343  -14.513 1.00 27.21 ? -3  PHE A CE1 1 
ATOM   46   C  CE2 . PHE A 1 16  ? 40.382  20.821  -15.597 1.00 30.06 ? -3  PHE A CE2 1 
ATOM   47   C  CZ  . PHE A 1 16  ? 40.042  22.109  -15.146 1.00 29.05 ? -3  PHE A CZ  1 
ATOM   48   N  N   . GLN A 1 17  ? 35.975  16.829  -11.844 1.00 33.74 ? -2  GLN A N   1 
ATOM   49   C  CA  . GLN A 1 17  ? 35.361  15.504  -11.671 1.00 41.67 ? -2  GLN A CA  1 
ATOM   50   C  C   . GLN A 1 17  ? 34.220  15.597  -10.709 1.00 40.06 ? -2  GLN A C   1 
ATOM   51   O  O   . GLN A 1 17  ? 33.479  14.646  -10.502 1.00 47.30 ? -2  GLN A O   1 
ATOM   52   C  CB  . GLN A 1 17  ? 36.338  14.517  -11.044 1.00 50.37 ? -2  GLN A CB  1 
ATOM   53   C  CG  . GLN A 1 17  ? 37.584  14.352  -11.851 1.00 60.56 ? -2  GLN A CG  1 
ATOM   54   C  CD  . GLN A 1 17  ? 37.359  13.572  -13.098 1.00 64.59 ? -2  GLN A CD  1 
ATOM   55   O  OE1 . GLN A 1 17  ? 37.111  12.373  -13.046 1.00 73.86 ? -2  GLN A OE1 1 
ATOM   56   N  NE2 . GLN A 1 17  ? 37.464  14.237  -14.239 1.00 58.26 ? -2  GLN A NE2 1 
ATOM   57   N  N   . GLY A 1 18  ? 34.100  16.730  -10.091 1.00 33.21 ? -1  GLY A N   1 
ATOM   58   C  CA  . GLY A 1 18  ? 33.277  16.813  -8.911  1.00 37.06 ? -1  GLY A CA  1 
ATOM   59   C  C   . GLY A 1 18  ? 31.896  17.078  -9.451  1.00 39.83 ? -1  GLY A C   1 
ATOM   60   O  O   . GLY A 1 18  ? 31.567  16.711  -10.594 1.00 38.37 ? -1  GLY A O   1 
ATOM   61   N  N   A PRO A 1 19  ? 30.495  16.668  -8.365  0.50 30.03 ? 1   PRO A N   1 
ATOM   62   N  N   B PRO A 1 19  ? 30.482  17.029  -8.228  0.50 28.11 ? 1   PRO A N   1 
ATOM   63   C  CA  A PRO A 1 19  ? 29.150  16.634  -8.912  0.50 28.30 ? 1   PRO A CA  1 
ATOM   64   C  CA  B PRO A 1 19  ? 29.080  17.051  -8.647  0.50 27.13 ? 1   PRO A CA  1 
ATOM   65   C  C   A PRO A 1 19  ? 28.847  17.892  -9.765  0.50 29.24 ? 1   PRO A C   1 
ATOM   66   C  C   B PRO A 1 19  ? 28.782  18.085  -9.758  0.50 27.87 ? 1   PRO A C   1 
ATOM   67   O  O   A PRO A 1 19  ? 29.348  18.966  -9.486  0.50 28.04 ? 1   PRO A O   1 
ATOM   68   O  O   B PRO A 1 19  ? 29.224  19.220  -9.672  0.50 25.88 ? 1   PRO A O   1 
ATOM   69   C  CB  A PRO A 1 19  ? 28.272  16.628  -7.662  0.50 28.93 ? 1   PRO A CB  1 
ATOM   70   C  CB  B PRO A 1 19  ? 28.344  17.478  -7.371  0.50 27.30 ? 1   PRO A CB  1 
ATOM   71   C  CG  A PRO A 1 19  ? 29.131  16.060  -6.576  0.50 28.58 ? 1   PRO A CG  1 
ATOM   72   C  CG  B PRO A 1 19  ? 29.277  17.227  -6.234  0.50 25.35 ? 1   PRO A CG  1 
ATOM   73   C  CD  A PRO A 1 19  ? 30.533  16.488  -6.895  0.50 30.91 ? 1   PRO A CD  1 
ATOM   74   C  CD  B PRO A 1 19  ? 30.668  17.396  -6.801  0.50 25.18 ? 1   PRO A CD  1 
ATOM   75   N  N   . ASN A 1 20  ? 28.001  17.737  -10.773 1.00 28.13 ? 2   ASN A N   1 
ATOM   76   C  CA  . ASN A 1 20  ? 27.582  18.815  -11.684 1.00 26.31 ? 2   ASN A CA  1 
ATOM   77   C  C   . ASN A 1 20  ? 26.278  19.395  -11.196 1.00 27.95 ? 2   ASN A C   1 
ATOM   78   O  O   . ASN A 1 20  ? 25.811  19.030  -10.115 1.00 26.05 ? 2   ASN A O   1 
ATOM   79   C  CB  . ASN A 1 20  ? 27.525  18.311  -13.154 1.00 25.60 ? 2   ASN A CB  1 
ATOM   80   C  CG  . ASN A 1 20  ? 26.476  17.214  -13.371 1.00 29.16 ? 2   ASN A CG  1 
ATOM   81   O  OD1 . ASN A 1 20  ? 25.482  17.088  -12.622 1.00 23.57 ? 2   ASN A OD1 1 
ATOM   82   N  ND2 . ASN A 1 20  ? 26.664  16.465  -14.424 1.00 23.27 ? 2   ASN A ND2 1 
ATOM   83   N  N   . GLU A 1 21  ? 25.656  20.278  -11.971 1.00 26.08 ? 3   GLU A N   1 
ATOM   84   C  CA  . GLU A 1 21  ? 24.563  21.069  -11.404 1.00 28.44 ? 3   GLU A CA  1 
ATOM   85   C  C   . GLU A 1 21  ? 23.317  20.176  -11.208 1.00 30.61 ? 3   GLU A C   1 
ATOM   86   O  O   . GLU A 1 21  ? 22.400  20.565  -10.517 1.00 25.24 ? 3   GLU A O   1 
ATOM   87   C  CB  . GLU A 1 21  ? 24.197  22.217  -12.343 1.00 29.53 ? 3   GLU A CB  1 
ATOM   88   C  CG  . GLU A 1 21  ? 23.740  21.688  -13.748 1.00 27.84 ? 3   GLU A CG  1 
ATOM   89   C  CD  . GLU A 1 21  ? 24.890  21.523  -14.753 1.00 32.52 ? 3   GLU A CD  1 
ATOM   90   O  OE1 . GLU A 1 21  ? 26.010  21.071  -14.352 1.00 32.67 ? 3   GLU A OE1 1 
ATOM   91   O  OE2 . GLU A 1 21  ? 24.671  21.808  -15.971 1.00 31.08 ? 3   GLU A OE2 1 
ATOM   92   N  N   . PHE A 1 22  ? 23.268  18.994  -11.830 1.00 25.82 ? 4   PHE A N   1 
ATOM   93   C  CA  . PHE A 1 22  ? 22.046  18.169  -11.701 1.00 26.79 ? 4   PHE A CA  1 
ATOM   94   C  C   . PHE A 1 22  ? 21.973  17.439  -10.372 1.00 26.32 ? 4   PHE A C   1 
ATOM   95   O  O   . PHE A 1 22  ? 20.949  16.832  -10.027 1.00 25.50 ? 4   PHE A O   1 
ATOM   96   C  CB  . PHE A 1 22  ? 21.999  17.208  -12.893 1.00 26.64 ? 4   PHE A CB  1 
ATOM   97   C  CG  . PHE A 1 22  ? 22.009  17.942  -14.194 1.00 25.04 ? 4   PHE A CG  1 
ATOM   98   C  CD1 . PHE A 1 22  ? 20.959  18.829  -14.499 1.00 27.71 ? 4   PHE A CD1 1 
ATOM   99   C  CD2 . PHE A 1 22  ? 23.079  17.840  -15.032 1.00 25.29 ? 4   PHE A CD2 1 
ATOM   100  C  CE1 . PHE A 1 22  ? 20.982  19.608  -15.667 1.00 28.30 ? 4   PHE A CE1 1 
ATOM   101  C  CE2 . PHE A 1 22  ? 23.100  18.596  -16.232 1.00 26.22 ? 4   PHE A CE2 1 
ATOM   102  C  CZ  . PHE A 1 22  ? 22.046  19.445  -16.546 1.00 25.40 ? 4   PHE A CZ  1 
ATOM   103  N  N   . GLU A 1 23  ? 23.066  17.498  -9.625  1.00 25.60 ? 5   GLU A N   1 
ATOM   104  C  CA  . GLU A 1 23  ? 23.092  16.944  -8.258  1.00 28.27 ? 5   GLU A CA  1 
ATOM   105  C  C   . GLU A 1 23  ? 22.605  17.889  -7.176  1.00 28.80 ? 5   GLU A C   1 
ATOM   106  O  O   . GLU A 1 23  ? 22.461  17.484  -6.039  1.00 27.58 ? 5   GLU A O   1 
ATOM   107  C  CB  . GLU A 1 23  ? 24.477  16.345  -7.882  1.00 30.09 ? 5   GLU A CB  1 
ATOM   108  C  CG  . GLU A 1 23  ? 24.802  15.131  -8.724  1.00 29.12 ? 5   GLU A CG  1 
ATOM   109  C  CD  . GLU A 1 23  ? 25.926  14.241  -8.208  1.00 35.04 ? 5   GLU A CD  1 
ATOM   110  O  OE1 . GLU A 1 23  ? 26.278  14.254  -6.959  1.00 30.61 ? 5   GLU A OE1 1 
ATOM   111  O  OE2 . GLU A 1 23  ? 26.458  13.501  -9.088  1.00 31.32 ? 5   GLU A OE2 1 
ATOM   112  N  N   . THR A 1 24  ? 22.298  19.129  -7.530  1.00 25.78 ? 6   THR A N   1 
ATOM   113  C  CA  . THR A 1 24  ? 21.577  20.014  -6.594  1.00 26.26 ? 6   THR A CA  1 
ATOM   114  C  C   . THR A 1 24  ? 20.169  20.145  -7.075  1.00 25.93 ? 6   THR A C   1 
ATOM   115  O  O   . THR A 1 24  ? 19.937  20.585  -8.208  1.00 23.68 ? 6   THR A O   1 
ATOM   116  C  CB  . THR A 1 24  ? 22.214  21.432  -6.568  1.00 29.24 ? 6   THR A CB  1 
ATOM   117  O  OG1 . THR A 1 24  ? 23.578  21.276  -6.124  1.00 29.18 ? 6   THR A OG1 1 
ATOM   118  C  CG2 . THR A 1 24  ? 21.509  22.364  -5.578  1.00 27.01 ? 6   THR A CG2 1 
ATOM   119  N  N   . LEU A 1 25  ? 19.220  19.840  -6.200  1.00 24.19 ? 7   LEU A N   1 
ATOM   120  C  CA  . LEU A 1 25  ? 17.799  19.772  -6.609  1.00 24.24 ? 7   LEU A CA  1 
ATOM   121  C  C   . LEU A 1 25  ? 17.045  20.878  -5.858  1.00 24.44 ? 7   LEU A C   1 
ATOM   122  O  O   . LEU A 1 25  ? 17.518  21.328  -4.823  1.00 24.61 ? 7   LEU A O   1 
ATOM   123  C  CB  . LEU A 1 25  ? 17.168  18.410  -6.235  1.00 25.97 ? 7   LEU A CB  1 
ATOM   124  C  CG  . LEU A 1 25  ? 17.921  17.157  -6.659  1.00 30.11 ? 7   LEU A CG  1 
ATOM   125  C  CD1 . LEU A 1 25  ? 17.102  15.933  -6.215  1.00 25.41 ? 7   LEU A CD1 1 
ATOM   126  C  CD2 . LEU A 1 25  ? 18.068  17.177  -8.188  1.00 23.33 ? 7   LEU A CD2 1 
ATOM   127  N  N   . GLU A 1 26  ? 15.891  21.296  -6.371  1.00 22.61 ? 8   GLU A N   1 
ATOM   128  C  CA  . GLU A 1 26  ? 14.902  22.027  -5.535  1.00 25.49 ? 8   GLU A CA  1 
ATOM   129  C  C   . GLU A 1 26  ? 14.514  21.143  -4.394  1.00 27.24 ? 8   GLU A C   1 
ATOM   130  O  O   . GLU A 1 26  ? 14.480  19.909  -4.572  1.00 24.61 ? 8   GLU A O   1 
ATOM   131  C  CB  . GLU A 1 26  ? 13.663  22.435  -6.405  1.00 25.79 ? 8   GLU A CB  1 
ATOM   132  C  CG  . GLU A 1 26  ? 14.040  23.335  -7.594  1.00 28.42 ? 8   GLU A CG  1 
ATOM   133  C  CD  . GLU A 1 26  ? 14.620  24.689  -7.148  1.00 35.25 ? 8   GLU A CD  1 
ATOM   134  O  OE1 . GLU A 1 26  ? 14.107  25.228  -6.142  1.00 32.07 ? 8   GLU A OE1 1 
ATOM   135  O  OE2 . GLU A 1 26  ? 15.611  25.186  -7.755  1.00 38.17 ? 8   GLU A OE2 1 
ATOM   136  N  N   . LEU A 1 27  ? 14.246  21.712  -3.211  1.00 22.86 ? 9   LEU A N   1 
ATOM   137  C  CA  . LEU A 1 27  ? 13.940  20.855  -2.059  1.00 26.19 ? 9   LEU A CA  1 
ATOM   138  C  C   . LEU A 1 27  ? 12.691  19.990  -2.317  1.00 23.12 ? 9   LEU A C   1 
ATOM   139  O  O   . LEU A 1 27  ? 12.652  18.848  -1.911  1.00 23.96 ? 9   LEU A O   1 
ATOM   140  C  CB  . LEU A 1 27  ? 13.749  21.695  -0.774  1.00 28.25 ? 9   LEU A CB  1 
ATOM   141  C  CG  . LEU A 1 27  ? 13.309  20.988  0.520   1.00 29.44 ? 9   LEU A CG  1 
ATOM   142  C  CD1 . LEU A 1 27  ? 14.273  19.888  0.844   1.00 27.64 ? 9   LEU A CD1 1 
ATOM   143  C  CD2 . LEU A 1 27  ? 13.263  22.044  1.660   1.00 25.31 ? 9   LEU A CD2 1 
ATOM   144  N  N   . GLU A 1 28  ? 11.697  20.519  -3.026  1.00 23.90 ? 10  GLU A N   1 
ATOM   145  C  CA  . GLU A 1 28  ? 10.489  19.759  -3.335  1.00 22.88 ? 10  GLU A CA  1 
ATOM   146  C  C   . GLU A 1 28  ? 10.785  18.517  -4.228  1.00 24.21 ? 10  GLU A C   1 
ATOM   147  O  O   . GLU A 1 28  ? 10.146  17.483  -4.120  1.00 25.38 ? 10  GLU A O   1 
ATOM   148  C  CB  . GLU A 1 28  ? 9.444   20.698  -3.971  1.00 25.21 ? 10  GLU A CB  1 
ATOM   149  C  CG  . GLU A 1 28  ? 8.985   21.826  -3.004  1.00 25.93 ? 10  GLU A CG  1 
ATOM   150  C  CD  . GLU A 1 28  ? 9.915   23.069  -2.960  1.00 29.19 ? 10  GLU A CD  1 
ATOM   151  O  OE1 . GLU A 1 28  ? 10.870  23.112  -3.788  1.00 29.82 ? 10  GLU A OE1 1 
ATOM   152  O  OE2 . GLU A 1 28  ? 9.738   23.965  -2.050  1.00 29.07 ? 10  GLU A OE2 1 
ATOM   153  N  N   . HIS A 1 29  ? 11.755  18.646  -5.120  1.00 22.28 ? 11  HIS A N   1 
ATOM   154  C  CA  . HIS A 1 29  ? 12.206  17.524  -5.953  1.00 21.53 ? 11  HIS A CA  1 
ATOM   155  C  C   . HIS A 1 29  ? 12.982  16.540  -5.144  1.00 23.22 ? 11  HIS A C   1 
ATOM   156  O  O   . HIS A 1 29  ? 12.759  15.311  -5.240  1.00 21.78 ? 11  HIS A O   1 
ATOM   157  C  CB  . HIS A 1 29  ? 13.035  18.076  -7.120  1.00 22.18 ? 11  HIS A CB  1 
ATOM   158  C  CG  . HIS A 1 29  ? 13.408  17.034  -8.131  1.00 23.25 ? 11  HIS A CG  1 
ATOM   159  N  ND1 . HIS A 1 29  ? 14.254  17.288  -9.188  1.00 24.68 ? 11  HIS A ND1 1 
ATOM   160  C  CD2 . HIS A 1 29  ? 13.071  15.704  -8.221  1.00 24.13 ? 11  HIS A CD2 1 
ATOM   161  C  CE1 . HIS A 1 29  ? 14.379  16.183  -9.926  1.00 24.77 ? 11  HIS A CE1 1 
ATOM   162  N  NE2 . HIS A 1 29  ? 13.664  15.214  -9.357  1.00 28.47 ? 11  HIS A NE2 1 
ATOM   163  N  N   . LEU A 1 30  ? 13.901  17.037  -4.299  1.00 20.53 ? 12  LEU A N   1 
ATOM   164  C  CA  . LEU A 1 30  ? 14.549  16.097  -3.350  1.00 22.21 ? 12  LEU A CA  1 
ATOM   165  C  C   . LEU A 1 30  ? 13.574  15.318  -2.431  1.00 22.36 ? 12  LEU A C   1 
ATOM   166  O  O   . LEU A 1 30  ? 13.768  14.112  -2.219  1.00 20.48 ? 12  LEU A O   1 
ATOM   167  C  CB  . LEU A 1 30  ? 15.659  16.817  -2.543  1.00 24.98 ? 12  LEU A CB  1 
ATOM   168  C  CG  . LEU A 1 30  ? 16.290  15.920  -1.460  1.00 29.71 ? 12  LEU A CG  1 
ATOM   169  C  CD1 . LEU A 1 30  ? 17.233  14.974  -2.139  1.00 30.55 ? 12  LEU A CD1 1 
ATOM   170  C  CD2 . LEU A 1 30  ? 17.020  16.774  -0.442  1.00 30.78 ? 12  LEU A CD2 1 
ATOM   171  N  N   . LEU A 1 31  ? 12.505  15.962  -1.937  1.00 20.16 ? 13  LEU A N   1 
ATOM   172  C  CA  . LEU A 1 31  ? 11.523  15.251  -1.187  1.00 21.36 ? 13  LEU A CA  1 
ATOM   173  C  C   . LEU A 1 31  ? 10.845  14.133  -2.004  1.00 22.15 ? 13  LEU A C   1 
ATOM   174  O  O   . LEU A 1 31  ? 10.509  13.113  -1.468  1.00 20.46 ? 13  LEU A O   1 
ATOM   175  C  CB  . LEU A 1 31  ? 10.407  16.232  -0.707  1.00 22.00 ? 13  LEU A CB  1 
ATOM   176  C  CG  . LEU A 1 31  ? 10.914  17.124  0.489   1.00 24.94 ? 13  LEU A CG  1 
ATOM   177  C  CD1 . LEU A 1 31  ? 9.959   18.291  0.772   1.00 24.39 ? 13  LEU A CD1 1 
ATOM   178  C  CD2 . LEU A 1 31  ? 11.138  16.290  1.761   1.00 22.41 ? 13  LEU A CD2 1 
ATOM   179  N  N   . TRP A 1 32  ? 10.564  14.368  -3.266  1.00 19.96 ? 14  TRP A N   1 
ATOM   180  C  CA  . TRP A 1 32  ? 9.995   13.277  -4.082  1.00 23.55 ? 14  TRP A CA  1 
ATOM   181  C  C   . TRP A 1 32  ? 11.035  12.134  -4.207  1.00 23.36 ? 14  TRP A C   1 
ATOM   182  O  O   . TRP A 1 32  ? 10.694  10.969  -4.105  1.00 21.66 ? 14  TRP A O   1 
ATOM   183  C  CB  . TRP A 1 32  ? 9.650   13.801  -5.484  1.00 21.78 ? 14  TRP A CB  1 
ATOM   184  C  CG  . TRP A 1 32  ? 9.205   12.721  -6.390  1.00 24.66 ? 14  TRP A CG  1 
ATOM   185  C  CD1 . TRP A 1 32  ? 9.743   12.375  -7.608  1.00 24.54 ? 14  TRP A CD1 1 
ATOM   186  C  CD2 . TRP A 1 32  ? 8.111   11.788  -6.138  1.00 25.88 ? 14  TRP A CD2 1 
ATOM   187  N  NE1 . TRP A 1 32  ? 9.056   11.255  -8.112  1.00 27.40 ? 14  TRP A NE1 1 
ATOM   188  C  CE2 . TRP A 1 32  ? 8.041   10.914  -7.247  1.00 24.35 ? 14  TRP A CE2 1 
ATOM   189  C  CE3 . TRP A 1 32  ? 7.164   11.648  -5.083  1.00 27.25 ? 14  TRP A CE3 1 
ATOM   190  C  CZ2 . TRP A 1 32  ? 7.097   9.913   -7.334  1.00 27.93 ? 14  TRP A CZ2 1 
ATOM   191  C  CZ3 . TRP A 1 32  ? 6.230   10.610  -5.164  1.00 26.11 ? 14  TRP A CZ3 1 
ATOM   192  C  CH2 . TRP A 1 32  ? 6.174   9.803   -6.277  1.00 25.65 ? 14  TRP A CH2 1 
ATOM   193  N  N   . VAL A 1 33  ? 12.311  12.482  -4.440  1.00 22.33 ? 15  VAL A N   1 
ATOM   194  C  CA  . VAL A 1 33  ? 13.369  11.435  -4.449  1.00 19.89 ? 15  VAL A CA  1 
ATOM   195  C  C   . VAL A 1 33  ? 13.344  10.689  -3.132  1.00 19.97 ? 15  VAL A C   1 
ATOM   196  O  O   . VAL A 1 33  ? 13.390  9.464   -3.112  1.00 21.04 ? 15  VAL A O   1 
ATOM   197  C  CB  . VAL A 1 33  ? 14.797  11.976  -4.692  1.00 20.68 ? 15  VAL A CB  1 
ATOM   198  C  CG1 . VAL A 1 33  ? 15.791  10.789  -4.667  1.00 19.19 ? 15  VAL A CG1 1 
ATOM   199  C  CG2 . VAL A 1 33  ? 14.864  12.723  -6.016  1.00 22.89 ? 15  VAL A CG2 1 
ATOM   200  N  N   . ASN A 1 34  ? 13.315  11.409  -2.002  1.00 19.80 ? 16  ASN A N   1 
ATOM   201  C  CA  . ASN A 1 34  ? 13.359  10.752  -0.664  1.00 19.27 ? 16  ASN A CA  1 
ATOM   202  C  C   . ASN A 1 34  ? 12.118  9.821   -0.469  1.00 20.71 ? 16  ASN A C   1 
ATOM   203  O  O   . ASN A 1 34  ? 12.249  8.738   0.051   1.00 20.05 ? 16  ASN A O   1 
ATOM   204  C  CB  . ASN A 1 34  ? 13.243  11.801  0.466   1.00 20.48 ? 16  ASN A CB  1 
ATOM   205  C  CG  . ASN A 1 34  ? 14.523  12.673  0.664   1.00 27.54 ? 16  ASN A CG  1 
ATOM   206  O  OD1 . ASN A 1 34  ? 15.635  12.345  0.229   1.00 29.35 ? 16  ASN A OD1 1 
ATOM   207  N  ND2 . ASN A 1 34  ? 14.335  13.795  1.277   1.00 22.20 ? 16  ASN A ND2 1 
ATOM   208  N  N   . ILE A 1 35  ? 10.909  10.280  -0.856  1.00 21.05 ? 17  ILE A N   1 
ATOM   209  C  CA  . ILE A 1 35  ? 9.679   9.442   -0.733  1.00 21.61 ? 17  ILE A CA  1 
ATOM   210  C  C   . ILE A 1 35  ? 9.859   8.146   -1.582  1.00 21.07 ? 17  ILE A C   1 
ATOM   211  O  O   . ILE A 1 35  ? 9.595   7.020   -1.135  1.00 19.97 ? 17  ILE A O   1 
ATOM   212  C  CB  . ILE A 1 35  ? 8.423   10.238  -1.184  1.00 21.48 ? 17  ILE A CB  1 
ATOM   213  C  CG1 . ILE A 1 35  ? 8.086   11.324  -0.102  1.00 24.18 ? 17  ILE A CG1 1 
ATOM   214  C  CG2 . ILE A 1 35  ? 7.221   9.314   -1.453  1.00 24.20 ? 17  ILE A CG2 1 
ATOM   215  C  CD1 . ILE A 1 35  ? 7.301   12.527  -0.667  1.00 30.07 ? 17  ILE A CD1 1 
ATOM   216  N  N   . THR A 1 36  ? 10.318  8.328   -2.808  1.00 20.90 ? 18  THR A N   1 
ATOM   217  C  CA  . THR A 1 36  ? 10.517  7.196   -3.742  1.00 21.68 ? 18  THR A CA  1 
ATOM   218  C  C   . THR A 1 36  ? 11.509  6.203   -3.171  1.00 20.73 ? 18  THR A C   1 
ATOM   219  O  O   . THR A 1 36  ? 11.305  4.980   -3.209  1.00 21.23 ? 18  THR A O   1 
ATOM   220  C  CB  . THR A 1 36  ? 11.044  7.724   -5.100  1.00 21.37 ? 18  THR A CB  1 
ATOM   221  O  OG1 . THR A 1 36  ? 9.971   8.503   -5.682  1.00 25.72 ? 18  THR A OG1 1 
ATOM   222  C  CG2 . THR A 1 36  ? 11.280  6.491   -6.096  1.00 26.21 ? 18  THR A CG2 1 
ATOM   223  N  N   . GLN A 1 37  ? 12.608  6.716   -2.618  1.00 19.06 ? 19  GLN A N   1 
ATOM   224  C  CA  . GLN A 1 37  ? 13.619  5.806   -2.082  1.00 21.22 ? 19  GLN A CA  1 
ATOM   225  C  C   . GLN A 1 37  ? 13.195  5.030   -0.838  1.00 21.86 ? 19  GLN A C   1 
ATOM   226  O  O   . GLN A 1 37  ? 13.567  3.848   -0.645  1.00 19.89 ? 19  GLN A O   1 
ATOM   227  C  CB  . GLN A 1 37  ? 14.898  6.616   -1.724  1.00 21.08 ? 19  GLN A CB  1 
ATOM   228  C  CG  . GLN A 1 37  ? 15.619  7.104   -2.998  1.00 24.65 ? 19  GLN A CG  1 
ATOM   229  C  CD  . GLN A 1 37  ? 16.863  7.947   -2.663  1.00 25.60 ? 19  GLN A CD  1 
ATOM   230  O  OE1 . GLN A 1 37  ? 16.868  8.660   -1.678  1.00 37.41 ? 19  GLN A OE1 1 
ATOM   231  N  NE2 . GLN A 1 37  ? 17.820  7.980   -3.565  1.00 28.85 ? 19  GLN A NE2 1 
ATOM   232  N  N   . VAL A 1 38  ? 12.501  5.732   0.063   1.00 21.35 ? 20  VAL A N   1 
ATOM   233  C  CA  . VAL A 1 38  ? 12.010  5.080   1.279   1.00 19.14 ? 20  VAL A CA  1 
ATOM   234  C  C   . VAL A 1 38  ? 10.960  4.046   0.892   1.00 19.70 ? 20  VAL A C   1 
ATOM   235  O  O   . VAL A 1 38  ? 10.865  2.942   1.487   1.00 22.17 ? 20  VAL A O   1 
ATOM   236  C  CB  . VAL A 1 38  ? 11.407  6.188   2.267   1.00 19.62 ? 20  VAL A CB  1 
ATOM   237  C  CG1 . VAL A 1 38  ? 10.657  5.532   3.428   1.00 20.22 ? 20  VAL A CG1 1 
ATOM   238  C  CG2 . VAL A 1 38  ? 12.520  7.008   2.878   1.00 20.01 ? 20  VAL A CG2 1 
ATOM   239  N  N   . LYS A 1 39  ? 10.070  4.443   -0.027  1.00 21.06 ? 21  LYS A N   1 
ATOM   240  C  CA  . LYS A 1 39  ? 8.976   3.506   -0.430  1.00 21.07 ? 21  LYS A CA  1 
ATOM   241  C  C   . LYS A 1 39  ? 9.708   2.232   -0.979  1.00 22.73 ? 21  LYS A C   1 
ATOM   242  O  O   . LYS A 1 39  ? 9.354   1.083   -0.620  1.00 23.10 ? 21  LYS A O   1 
ATOM   243  C  CB  . LYS A 1 39  ? 8.160   4.130   -1.523  1.00 22.93 ? 21  LYS A CB  1 
ATOM   244  C  CG  . LYS A 1 39  ? 6.707   3.614   -1.456  1.00 34.36 ? 21  LYS A CG  1 
ATOM   245  C  CD  . LYS A 1 39  ? 6.469   2.577   -2.471  1.00 31.75 ? 21  LYS A CD  1 
ATOM   246  C  CE  . LYS A 1 39  ? 5.116   1.866   -2.185  1.00 32.57 ? 21  LYS A CE  1 
ATOM   247  N  NZ  . LYS A 1 39  ? 4.829   1.467   -3.558  1.00 26.46 ? 21  LYS A NZ  1 
ATOM   248  N  N   . HIS A 1 40  ? 10.737  2.439   -1.797  1.00 22.03 ? 22  HIS A N   1 
ATOM   249  C  CA  . HIS A 1 40  ? 11.395  1.244   -2.404  1.00 22.84 ? 22  HIS A CA  1 
ATOM   250  C  C   . HIS A 1 40  ? 12.161  0.407   -1.380  1.00 22.46 ? 22  HIS A C   1 
ATOM   251  O  O   . HIS A 1 40  ? 12.065  -0.827  -1.381  1.00 21.49 ? 22  HIS A O   1 
ATOM   252  C  CB  . HIS A 1 40  ? 12.397  1.653   -3.499  1.00 26.50 ? 22  HIS A CB  1 
ATOM   253  C  CG  . HIS A 1 40  ? 12.932  0.464   -4.261  1.00 32.50 ? 22  HIS A CG  1 
ATOM   254  N  ND1 . HIS A 1 40  ? 12.275  -0.056  -5.366  1.00 35.51 ? 22  HIS A ND1 1 
ATOM   255  C  CD2 . HIS A 1 40  ? 14.051  -0.310  -4.083  1.00 33.31 ? 22  HIS A CD2 1 
ATOM   256  C  CE1 . HIS A 1 40  ? 12.951  -1.124  -5.811  1.00 36.49 ? 22  HIS A CE1 1 
ATOM   257  N  NE2 . HIS A 1 40  ? 14.043  -1.276  -5.073  1.00 34.22 ? 22  HIS A NE2 1 
ATOM   258  N  N   . SER A 1 41  ? 12.912  1.053   -0.489  1.00 23.32 ? 23  SER A N   1 
ATOM   259  C  CA  A SER A 1 41  ? 13.714  0.374   0.544   0.25 21.90 ? 23  SER A CA  1 
ATOM   260  C  CA  B SER A 1 41  ? 13.710  0.330   0.532   0.25 23.47 ? 23  SER A CA  1 
ATOM   261  C  CA  C SER A 1 41  ? 13.713  0.249   0.459   0.50 24.63 ? 23  SER A CA  1 
ATOM   262  C  C   . SER A 1 41  ? 12.842  -0.496  1.467   1.00 23.07 ? 23  SER A C   1 
ATOM   263  O  O   . SER A 1 41  ? 13.116  -1.686  1.728   1.00 22.82 ? 23  SER A O   1 
ATOM   264  C  CB  A SER A 1 41  ? 14.478  1.467   1.341   0.25 19.50 ? 23  SER A CB  1 
ATOM   265  C  CB  B SER A 1 41  ? 14.562  1.306   1.370   0.25 22.99 ? 23  SER A CB  1 
ATOM   266  C  CB  C SER A 1 41  ? 14.833  1.072   1.142   0.50 25.38 ? 23  SER A CB  1 
ATOM   267  O  OG  A SER A 1 41  ? 15.258  0.965   2.404   0.25 14.52 ? 23  SER A OG  1 
ATOM   268  O  OG  B SER A 1 41  ? 15.247  2.220   0.546   0.25 21.50 ? 23  SER A OG  1 
ATOM   269  O  OG  C SER A 1 41  ? 14.292  2.253   1.658   0.50 24.69 ? 23  SER A OG  1 
ATOM   270  N  N   . ILE A 1 42  ? 11.778  0.131   1.984   1.00 22.83 ? 24  ILE A N   1 
ATOM   271  C  CA  . ILE A 1 42  ? 10.852  -0.547  2.905   1.00 21.67 ? 24  ILE A CA  1 
ATOM   272  C  C   . ILE A 1 42  ? 10.118  -1.692  2.187   1.00 21.78 ? 24  ILE A C   1 
ATOM   273  O  O   . ILE A 1 42  ? 10.076  -2.825  2.660   1.00 26.57 ? 24  ILE A O   1 
ATOM   274  C  CB  . ILE A 1 42  ? 9.835   0.467   3.506   1.00 23.73 ? 24  ILE A CB  1 
ATOM   275  C  CG1 . ILE A 1 42  ? 10.598  1.336   4.557   1.00 23.98 ? 24  ILE A CG1 1 
ATOM   276  C  CG2 . ILE A 1 42  ? 8.645   -0.305  4.116   1.00 28.78 ? 24  ILE A CG2 1 
ATOM   277  C  CD1 . ILE A 1 42  ? 9.749   2.366   5.279   1.00 25.01 ? 24  ILE A CD1 1 
ATOM   278  N  N   . GLU A 1 43  ? 9.557   -1.423  1.035   1.00 21.09 ? 25  GLU A N   1 
ATOM   279  C  CA  . GLU A 1 43  ? 8.848   -2.467  0.296   1.00 22.29 ? 25  GLU A CA  1 
ATOM   280  C  C   . GLU A 1 43  ? 9.745   -3.699  0.032   1.00 25.40 ? 25  GLU A C   1 
ATOM   281  O  O   . GLU A 1 43  ? 9.274   -4.857  0.116   1.00 23.07 ? 25  GLU A O   1 
ATOM   282  C  CB  . GLU A 1 43  ? 8.374   -1.945  -1.059  1.00 20.90 ? 25  GLU A CB  1 
ATOM   283  C  CG  . GLU A 1 43  ? 7.489   -2.979  -1.786  1.00 28.90 ? 25  GLU A CG  1 
ATOM   284  C  CD  . GLU A 1 43  ? 6.723   -2.381  -2.964  1.00 36.05 ? 25  GLU A CD  1 
ATOM   285  O  OE1 . GLU A 1 43  ? 7.066   -1.303  -3.466  1.00 40.92 ? 25  GLU A OE1 1 
ATOM   286  O  OE2 . GLU A 1 43  ? 5.782   -3.027  -3.415  1.00 49.24 ? 25  GLU A OE2 1 
ATOM   287  N  N   . ARG A 1 44  ? 10.980  -3.442  -0.420  1.00 23.63 ? 26  ARG A N   1 
ATOM   288  C  CA  . ARG A 1 44  ? 11.889  -4.563  -0.723  1.00 24.48 ? 26  ARG A CA  1 
ATOM   289  C  C   . ARG A 1 44  ? 12.160  -5.442  0.518   1.00 22.19 ? 26  ARG A C   1 
ATOM   290  O  O   . ARG A 1 44  ? 12.136  -6.664  0.430   1.00 24.74 ? 26  ARG A O   1 
ATOM   291  C  CB  . ARG A 1 44  ? 13.230  -4.008  -1.323  1.00 25.21 ? 26  ARG A CB  1 
ATOM   292  C  CG  . ARG A 1 44  ? 14.139  -5.093  -1.967  1.00 29.37 ? 26  ARG A CG  1 
ATOM   293  C  CD  . ARG A 1 44  ? 15.405  -4.526  -2.663  1.00 32.69 ? 26  ARG A CD  1 
ATOM   294  N  NE  . ARG A 1 44  ? 16.050  -5.588  -3.467  1.00 34.30 ? 26  ARG A NE  1 
ATOM   295  C  CZ  . ARG A 1 44  ? 17.274  -6.067  -3.265  1.00 34.71 ? 26  ARG A CZ  1 
ATOM   296  N  NH1 . ARG A 1 44  ? 18.072  -5.617  -2.302  1.00 35.23 ? 26  ARG A NH1 1 
ATOM   297  N  NH2 . ARG A 1 44  ? 17.713  -7.017  -4.049  1.00 37.81 ? 26  ARG A NH2 1 
ATOM   298  N  N   . ALA A 1 45  ? 12.512  -4.834  1.643   1.00 23.47 ? 27  ALA A N   1 
ATOM   299  C  CA  . ALA A 1 45  ? 12.771  -5.559  2.873   1.00 24.00 ? 27  ALA A CA  1 
ATOM   300  C  C   . ALA A 1 45  ? 11.481  -6.250  3.408   1.00 24.55 ? 27  ALA A C   1 
ATOM   301  O  O   . ALA A 1 45  ? 11.517  -7.426  3.804   1.00 24.60 ? 27  ALA A O   1 
ATOM   302  C  CB  . ALA A 1 45  ? 13.369  -4.620  3.940   1.00 22.93 ? 27  ALA A CB  1 
ATOM   303  N  N   . TRP A 1 46  ? 10.366  -5.511  3.454   1.00 22.07 ? 28  TRP A N   1 
ATOM   304  C  CA  . TRP A 1 46  ? 9.084   -6.119  3.918   1.00 21.34 ? 28  TRP A CA  1 
ATOM   305  C  C   . TRP A 1 46  ? 8.714   -7.304  3.007   1.00 22.22 ? 28  TRP A C   1 
ATOM   306  O  O   . TRP A 1 46  ? 8.249   -8.376  3.444   1.00 21.89 ? 28  TRP A O   1 
ATOM   307  C  CB  . TRP A 1 46  ? 7.973   -5.042  3.806   1.00 23.15 ? 28  TRP A CB  1 
ATOM   308  C  CG  . TRP A 1 46  ? 6.554   -5.569  4.209   1.00 25.21 ? 28  TRP A CG  1 
ATOM   309  C  CD1 . TRP A 1 46  ? 5.971   -5.523  5.492   1.00 23.12 ? 28  TRP A CD1 1 
ATOM   310  C  CD2 . TRP A 1 46  ? 5.581   -6.179  3.355   1.00 24.34 ? 28  TRP A CD2 1 
ATOM   311  N  NE1 . TRP A 1 46  ? 4.711   -6.106  5.452   1.00 25.63 ? 28  TRP A NE1 1 
ATOM   312  C  CE2 . TRP A 1 46  ? 4.436   -6.490  4.168   1.00 25.59 ? 28  TRP A CE2 1 
ATOM   313  C  CE3 . TRP A 1 46  ? 5.538   -6.478  1.972   1.00 26.87 ? 28  TRP A CE3 1 
ATOM   314  C  CZ2 . TRP A 1 46  ? 3.257   -7.026  3.625   1.00 23.81 ? 28  TRP A CZ2 1 
ATOM   315  C  CZ3 . TRP A 1 46  ? 4.398   -7.094  1.472   1.00 29.21 ? 28  TRP A CZ3 1 
ATOM   316  C  CH2 . TRP A 1 46  ? 3.283   -7.372  2.302   1.00 27.34 ? 28  TRP A CH2 1 
ATOM   317  N  N   . THR A 1 47  ? 8.886   -7.129  1.709   1.00 22.61 ? 29  THR A N   1 
ATOM   318  C  CA  . THR A 1 47  ? 8.390   -8.166  0.775   1.00 24.25 ? 29  THR A CA  1 
ATOM   319  C  C   . THR A 1 47  ? 9.170   -9.469  0.988   1.00 22.22 ? 29  THR A C   1 
ATOM   320  O  O   . THR A 1 47  ? 8.580   -10.592 1.005   1.00 24.97 ? 29  THR A O   1 
ATOM   321  C  CB  . THR A 1 47  ? 8.505   -7.705  -0.699  1.00 23.04 ? 29  THR A CB  1 
ATOM   322  O  OG1 . THR A 1 47  ? 7.664   -6.554  -0.913  1.00 23.06 ? 29  THR A OG1 1 
ATOM   323  C  CG2 . THR A 1 47  ? 8.035   -8.851  -1.684  1.00 24.53 ? 29  THR A CG2 1 
ATOM   324  N  N   . ARG A 1 48  ? 10.481  -9.341  1.168   1.00 24.67 ? 30  ARG A N   1 
ATOM   325  C  CA  . ARG A 1 48  ? 11.248  -10.525 1.507   1.00 25.99 ? 30  ARG A CA  1 
ATOM   326  C  C   . ARG A 1 48  ? 10.828  -11.188 2.847   1.00 28.90 ? 30  ARG A C   1 
ATOM   327  O  O   . ARG A 1 48  ? 10.738  -12.422 2.927   1.00 26.26 ? 30  ARG A O   1 
ATOM   328  C  CB  . ARG A 1 48  ? 12.747  -10.241 1.478   1.00 31.18 ? 30  ARG A CB  1 
ATOM   329  C  CG  . ARG A 1 48  ? 13.617  -11.501 1.777   1.00 31.77 ? 30  ARG A CG  1 
ATOM   330  C  CD  . ARG A 1 48  ? 15.078  -11.088 1.739   1.00 33.64 ? 30  ARG A CD  1 
ATOM   331  N  NE  . ARG A 1 48  ? 15.424  -10.717 0.339   1.00 33.01 ? 30  ARG A NE  1 
ATOM   332  C  CZ  . ARG A 1 48  ? 16.512  -10.028 -0.024  1.00 34.02 ? 30  ARG A CZ  1 
ATOM   333  N  NH1 . ARG A 1 48  ? 16.694  -9.749  -1.323  1.00 35.92 ? 30  ARG A NH1 1 
ATOM   334  N  NH2 . ARG A 1 48  ? 17.382  -9.570  0.890   1.00 31.46 ? 30  ARG A NH2 1 
ATOM   335  N  N   . GLU A 1 49  ? 10.501  -10.409 3.874   1.00 26.18 ? 31  GLU A N   1 
ATOM   336  C  CA  . GLU A 1 49  ? 10.098  -11.058 5.134   1.00 27.50 ? 31  GLU A CA  1 
ATOM   337  C  C   . GLU A 1 49  ? 8.801   -11.794 4.975   1.00 27.67 ? 31  GLU A C   1 
ATOM   338  O  O   . GLU A 1 49  ? 8.485   -12.672 5.773   1.00 30.92 ? 31  GLU A O   1 
ATOM   339  C  CB  . GLU A 1 49  ? 9.943   -10.068 6.309   1.00 28.76 ? 31  GLU A CB  1 
ATOM   340  C  CG  . GLU A 1 49  ? 11.173  -9.508  6.894   1.00 33.41 ? 31  GLU A CG  1 
ATOM   341  C  CD  . GLU A 1 49  ? 12.208  -10.588 7.255   1.00 41.99 ? 31  GLU A CD  1 
ATOM   342  O  OE1 . GLU A 1 49  ? 11.904  -11.596 7.956   1.00 42.28 ? 31  GLU A OE1 1 
ATOM   343  O  OE2 . GLU A 1 49  ? 13.326  -10.416 6.786   1.00 33.10 ? 31  GLU A OE2 1 
ATOM   344  N  N   . LEU A 1 50  ? 7.979   -11.367 4.020   1.00 26.79 ? 32  LEU A N   1 
ATOM   345  C  CA  . LEU A 1 50  ? 6.643   -11.902 3.905   1.00 26.22 ? 32  LEU A CA  1 
ATOM   346  C  C   . LEU A 1 50  ? 6.532   -12.952 2.797   1.00 31.19 ? 32  LEU A C   1 
ATOM   347  O  O   . LEU A 1 50  ? 5.417   -13.411 2.501   1.00 28.45 ? 32  LEU A O   1 
ATOM   348  C  CB  . LEU A 1 50  ? 5.593   -10.771 3.611   1.00 27.07 ? 32  LEU A CB  1 
ATOM   349  C  CG  . LEU A 1 50  ? 4.845   -10.078 4.794   1.00 24.55 ? 32  LEU A CG  1 
ATOM   350  C  CD1 . LEU A 1 50  ? 4.031   -11.069 5.649   1.00 28.57 ? 32  LEU A CD1 1 
ATOM   351  C  CD2 . LEU A 1 50  ? 5.829   -9.354  5.704   1.00 23.60 ? 32  LEU A CD2 1 
ATOM   352  N  N   . LYS A 1 51  ? 7.678   -13.320 2.215   1.00 31.44 ? 33  LYS A N   1 
ATOM   353  C  CA  . LYS A 1 51  ? 7.774   -14.180 1.019   1.00 31.69 ? 33  LYS A CA  1 
ATOM   354  C  C   . LYS A 1 51  ? 7.034   -15.515 1.290   1.00 31.90 ? 33  LYS A C   1 
ATOM   355  O  O   . LYS A 1 51  ? 6.397   -16.053 0.424   1.00 28.48 ? 33  LYS A O   1 
ATOM   356  C  CB  . LYS A 1 51  ? 9.278   -14.459 0.727   1.00 39.91 ? 33  LYS A CB  1 
ATOM   357  C  CG  . LYS A 1 51  ? 9.706   -14.514 -0.738  1.00 50.84 ? 33  LYS A CG  1 
ATOM   358  C  CD  . LYS A 1 51  ? 11.152  -14.010 -0.983  1.00 49.81 ? 33  LYS A CD  1 
ATOM   359  C  CE  . LYS A 1 51  ? 11.317  -12.711 -1.893  1.00 63.32 ? 33  LYS A CE  1 
ATOM   360  N  NZ  . LYS A 1 51  ? 11.230  -11.173 -1.579  1.00 36.71 ? 33  LYS A NZ  1 
ATOM   361  N  N   . SER A 1 52  ? 7.104   -16.049 2.497   1.00 33.11 ? 34  SER A N   1 
ATOM   362  C  CA  . SER A 1 52  ? 6.484   -17.380 2.687   1.00 36.17 ? 34  SER A CA  1 
ATOM   363  C  C   . SER A 1 52  ? 4.988   -17.295 2.773   1.00 37.41 ? 34  SER A C   1 
ATOM   364  O  O   . SER A 1 52  ? 4.325   -18.317 2.665   1.00 35.89 ? 34  SER A O   1 
ATOM   365  C  CB  . SER A 1 52  ? 7.087   -18.154 3.844   1.00 39.57 ? 34  SER A CB  1 
ATOM   366  O  OG  . SER A 1 52  ? 6.916   -17.452 5.037   1.00 44.29 ? 34  SER A OG  1 
ATOM   367  N  N   . LEU A 1 53  ? 4.423   -16.080 2.845   1.00 30.12 ? 35  LEU A N   1 
ATOM   368  C  CA  . LEU A 1 53  ? 2.987   -15.923 2.608   1.00 31.32 ? 35  LEU A CA  1 
ATOM   369  C  C   . LEU A 1 53  ? 2.641   -15.524 1.167   1.00 32.26 ? 35  LEU A C   1 
ATOM   370  O  O   . LEU A 1 53  ? 1.461   -15.348 0.839   1.00 36.73 ? 35  LEU A O   1 
ATOM   371  C  CB  . LEU A 1 53  ? 2.423   -14.886 3.619   1.00 29.19 ? 35  LEU A CB  1 
ATOM   372  C  CG  . LEU A 1 53  ? 2.425   -15.461 5.036   1.00 33.86 ? 35  LEU A CG  1 
ATOM   373  C  CD1 . LEU A 1 53  ? 1.961   -14.356 5.977   1.00 31.99 ? 35  LEU A CD1 1 
ATOM   374  C  CD2 . LEU A 1 53  ? 1.515   -16.709 5.112   1.00 30.76 ? 35  LEU A CD2 1 
ATOM   375  N  N   . ASN A 1 54  ? 3.665   -15.352 0.319   1.00 34.61 ? 36  ASN A N   1 
ATOM   376  C  CA  A ASN A 1 54  ? 3.404   -14.915 -1.082  0.50 33.71 ? 36  ASN A CA  1 
ATOM   377  C  CA  B ASN A 1 54  ? 3.509   -14.881 -1.070  0.50 36.92 ? 36  ASN A CA  1 
ATOM   378  C  C   . ASN A 1 54  ? 2.578   -13.638 -1.200  1.00 37.54 ? 36  ASN A C   1 
ATOM   379  O  O   . ASN A 1 54  ? 1.668   -13.565 -2.007  1.00 36.05 ? 36  ASN A O   1 
ATOM   380  C  CB  A ASN A 1 54  ? 2.705   -15.996 -1.927  0.50 32.68 ? 36  ASN A CB  1 
ATOM   381  C  CB  B ASN A 1 54  ? 3.225   -16.062 -2.040  0.50 41.42 ? 36  ASN A CB  1 
ATOM   382  C  CG  A ASN A 1 54  ? 2.699   -15.652 -3.402  0.50 31.14 ? 36  ASN A CG  1 
ATOM   383  C  CG  B ASN A 1 54  ? 4.204   -17.250 -1.831  0.50 42.22 ? 36  ASN A CG  1 
ATOM   384  O  OD1 A ASN A 1 54  ? 3.708   -15.204 -3.934  0.50 30.43 ? 36  ASN A OD1 1 
ATOM   385  O  OD1 B ASN A 1 54  ? 5.349   -17.254 -2.316  0.50 43.83 ? 36  ASN A OD1 1 
ATOM   386  N  ND2 A ASN A 1 54  ? 1.565   -15.843 -4.058  0.50 26.20 ? 36  ASN A ND2 1 
ATOM   387  N  ND2 B ASN A 1 54  ? 3.758   -18.248 -1.090  0.50 45.80 ? 36  ASN A ND2 1 
ATOM   388  N  N   . LEU A 1 55  ? 2.887   -12.611 -0.401  1.00 31.25 ? 37  LEU A N   1 
ATOM   389  C  CA  . LEU A 1 55  ? 2.190   -11.319 -0.540  1.00 31.51 ? 37  LEU A CA  1 
ATOM   390  C  C   . LEU A 1 55  ? 3.049   -10.198 -1.073  1.00 31.17 ? 37  LEU A C   1 
ATOM   391  O  O   . LEU A 1 55  ? 4.152   -9.976  -0.617  1.00 33.63 ? 37  LEU A O   1 
ATOM   392  C  CB  . LEU A 1 55  ? 1.625   -10.834 0.821   1.00 29.05 ? 37  LEU A CB  1 
ATOM   393  C  CG  . LEU A 1 55  ? 0.605   -11.688 1.495   1.00 31.33 ? 37  LEU A CG  1 
ATOM   394  C  CD1 . LEU A 1 55  ? 0.386   -11.197 2.920   1.00 29.93 ? 37  LEU A CD1 1 
ATOM   395  C  CD2 . LEU A 1 55  ? -0.682  -11.623 0.703   1.00 30.77 ? 37  LEU A CD2 1 
ATOM   396  N  N   . SER A 1 56  ? 2.469   -9.420  -1.972  1.00 28.82 ? 38  SER A N   1 
ATOM   397  C  CA  . SER A 1 56  ? 3.048   -8.171  -2.367  1.00 30.70 ? 38  SER A CA  1 
ATOM   398  C  C   . SER A 1 56  ? 2.415   -7.121  -1.460  1.00 27.93 ? 38  SER A C   1 
ATOM   399  O  O   . SER A 1 56  ? 1.403   -7.389  -0.762  1.00 26.25 ? 38  SER A O   1 
ATOM   400  C  CB  . SER A 1 56  ? 2.640   -7.913  -3.818  1.00 28.96 ? 38  SER A CB  1 
ATOM   401  O  OG  . SER A 1 56  ? 1.235   -7.713  -3.888  1.00 28.28 ? 38  SER A OG  1 
ATOM   402  N  N   . THR A 1 57  ? 2.994   -5.941  -1.425  1.00 29.57 ? 39  THR A N   1 
ATOM   403  C  CA  . THR A 1 57  ? 2.398   -4.850  -0.623  1.00 30.02 ? 39  THR A CA  1 
ATOM   404  C  C   . THR A 1 57  ? 0.959   -4.565  -1.091  1.00 30.27 ? 39  THR A C   1 
ATOM   405  O  O   . THR A 1 57  ? 0.081   -4.334  -0.269  1.00 24.21 ? 39  THR A O   1 
ATOM   406  C  CB  . THR A 1 57  ? 3.249   -3.562  -0.647  1.00 31.79 ? 39  THR A CB  1 
ATOM   407  O  OG1 . THR A 1 57  ? 3.512   -3.256  -1.972  1.00 40.28 ? 39  THR A OG1 1 
ATOM   408  C  CG2 . THR A 1 57  ? 4.557   -3.708  0.060   1.00 39.67 ? 39  THR A CG2 1 
ATOM   409  N  N   . GLU A 1 58  ? 0.659   -4.614  -2.401  1.00 29.53 ? 40  GLU A N   1 
ATOM   410  C  CA  . GLU A 1 58  ? -0.730  -4.321  -2.802  1.00 28.24 ? 40  GLU A CA  1 
ATOM   411  C  C   . GLU A 1 58  ? -1.692  -5.433  -2.441  1.00 24.83 ? 40  GLU A C   1 
ATOM   412  O  O   . GLU A 1 58  ? -2.849  -5.133  -2.103  1.00 24.75 ? 40  GLU A O   1 
ATOM   413  C  CB  . GLU A 1 58  ? -0.897  -4.109  -4.330  1.00 32.70 ? 40  GLU A CB  1 
ATOM   414  C  CG  . GLU A 1 58  ? -0.282  -2.850  -4.862  1.00 42.81 ? 40  GLU A CG  1 
ATOM   415  C  CD  . GLU A 1 58  ? 1.204   -2.963  -5.026  1.00 42.85 ? 40  GLU A CD  1 
ATOM   416  O  OE1 . GLU A 1 58  ? 1.818   -4.064  -4.765  1.00 43.24 ? 40  GLU A OE1 1 
ATOM   417  O  OE2 . GLU A 1 58  ? 1.735   -1.905  -5.429  1.00 49.53 ? 40  GLU A OE2 1 
ATOM   418  N  N   . LYS A 1 59  ? -1.280  -6.694  -2.590  1.00 24.04 ? 41  LYS A N   1 
ATOM   419  C  CA  . LYS A 1 59  ? -2.156  -7.791  -2.108  1.00 25.97 ? 41  LYS A CA  1 
ATOM   420  C  C   . LYS A 1 59  ? -2.413  -7.680  -0.627  1.00 21.75 ? 41  LYS A C   1 
ATOM   421  O  O   . LYS A 1 59  ? -3.502  -7.899  -0.205  1.00 21.70 ? 41  LYS A O   1 
ATOM   422  C  CB  . LYS A 1 59  ? -1.559  -9.198  -2.310  1.00 27.87 ? 41  LYS A CB  1 
ATOM   423  C  CG  . LYS A 1 59  ? -1.601  -9.629  -3.792  1.00 33.85 ? 41  LYS A CG  1 
ATOM   424  C  CD  . LYS A 1 59  ? -1.014  -11.031 -3.990  1.00 41.04 ? 41  LYS A CD  1 
ATOM   425  C  CE  . LYS A 1 59  ? -0.674  -11.204 -5.488  1.00 44.92 ? 41  LYS A CE  1 
ATOM   426  N  NZ  . LYS A 1 59  ? -0.206  -12.581 -5.737  1.00 44.40 ? 41  LYS A NZ  1 
ATOM   427  N  N   . PHE A 1 60  ? -1.384  -7.379  0.167   1.00 20.98 ? 42  PHE A N   1 
ATOM   428  C  CA  . PHE A 1 60  ? -1.654  -7.231  1.629   1.00 25.16 ? 42  PHE A CA  1 
ATOM   429  C  C   . PHE A 1 60  ? -2.627  -6.047  1.880   1.00 23.74 ? 42  PHE A C   1 
ATOM   430  O  O   . PHE A 1 60  ? -3.547  -6.105  2.697   1.00 23.18 ? 42  PHE A O   1 
ATOM   431  C  CB  . PHE A 1 60  ? -0.342  -6.956  2.435   1.00 27.77 ? 42  PHE A CB  1 
ATOM   432  C  CG  . PHE A 1 60  ? -0.625  -6.751  3.902   1.00 28.47 ? 42  PHE A CG  1 
ATOM   433  C  CD1 . PHE A 1 60  ? -0.999  -7.821  4.719   1.00 30.24 ? 42  PHE A CD1 1 
ATOM   434  C  CD2 . PHE A 1 60  ? -0.644  -5.481  4.437   1.00 30.72 ? 42  PHE A CD2 1 
ATOM   435  C  CE1 . PHE A 1 60  ? -1.247  -7.627  6.108   1.00 33.58 ? 42  PHE A CE1 1 
ATOM   436  C  CE2 . PHE A 1 60  ? -0.933  -5.268  5.799   1.00 33.02 ? 42  PHE A CE2 1 
ATOM   437  C  CZ  . PHE A 1 60  ? -1.197  -6.347  6.644   1.00 28.61 ? 42  PHE A CZ  1 
ATOM   438  N  N   . ALA A 1 61  ? -2.399  -4.930  1.183   1.00 22.75 ? 43  ALA A N   1 
ATOM   439  C  CA  . ALA A 1 61  ? -3.313  -3.767  1.266   1.00 21.17 ? 43  ALA A CA  1 
ATOM   440  C  C   . ALA A 1 61  ? -4.744  -4.172  0.977   1.00 24.24 ? 43  ALA A C   1 
ATOM   441  O  O   . ALA A 1 61  ? -5.648  -3.786  1.698   1.00 24.08 ? 43  ALA A O   1 
ATOM   442  C  CB  . ALA A 1 61  ? -2.882  -2.612  0.306   1.00 19.99 ? 43  ALA A CB  1 
ATOM   443  N  N   . ILE A 1 62  ? -4.947  -4.971  -0.070  1.00 22.70 ? 44  ILE A N   1 
ATOM   444  C  CA  . ILE A 1 62  ? -6.322  -5.354  -0.460  1.00 24.57 ? 44  ILE A CA  1 
ATOM   445  C  C   . ILE A 1 62  ? -6.903  -6.288  0.635   1.00 24.83 ? 44  ILE A C   1 
ATOM   446  O  O   . ILE A 1 62  ? -8.067  -6.135  1.032   1.00 25.74 ? 44  ILE A O   1 
ATOM   447  C  CB  . ILE A 1 62  ? -6.339  -6.027  -1.882  1.00 23.96 ? 44  ILE A CB  1 
ATOM   448  C  CG1 . ILE A 1 62  ? -6.254  -4.929  -2.977  1.00 26.68 ? 44  ILE A CG1 1 
ATOM   449  C  CG2 . ILE A 1 62  ? -7.671  -6.747  -2.114  1.00 24.08 ? 44  ILE A CG2 1 
ATOM   450  C  CD1 . ILE A 1 62  ? -5.728  -5.530  -4.266  1.00 33.14 ? 44  ILE A CD1 1 
ATOM   451  N  N   . LEU A 1 63  ? -6.080  -7.223  1.147   1.00 22.17 ? 45  LEU A N   1 
ATOM   452  C  CA  . LEU A 1 63  ? -6.585  -8.039  2.275   1.00 25.70 ? 45  LEU A CA  1 
ATOM   453  C  C   . LEU A 1 63  ? -6.988  -7.158  3.433   1.00 22.10 ? 45  LEU A C   1 
ATOM   454  O  O   . LEU A 1 63  ? -8.045  -7.354  4.001   1.00 23.92 ? 45  LEU A O   1 
ATOM   455  C  CB  . LEU A 1 63  ? -5.506  -8.996  2.798   1.00 24.89 ? 45  LEU A CB  1 
ATOM   456  C  CG  . LEU A 1 63  ? -5.055  -10.116 1.902   1.00 25.45 ? 45  LEU A CG  1 
ATOM   457  C  CD1 . LEU A 1 63  ? -3.943  -10.824 2.722   1.00 25.65 ? 45  LEU A CD1 1 
ATOM   458  C  CD2 . LEU A 1 63  ? -6.232  -11.053 1.676   1.00 26.74 ? 45  LEU A CD2 1 
ATOM   459  N  N   A HIS A 1 64  ? -6.106  -6.223  3.822   0.50 21.88 ? 46  HIS A N   1 
ATOM   460  N  N   B HIS A 1 64  ? -6.114  -6.233  3.805   0.50 23.43 ? 46  HIS A N   1 
ATOM   461  C  CA  A HIS A 1 64  ? -6.395  -5.275  4.921   0.50 21.43 ? 46  HIS A CA  1 
ATOM   462  C  CA  B HIS A 1 64  ? -6.388  -5.327  4.906   0.50 24.27 ? 46  HIS A CA  1 
ATOM   463  C  C   A HIS A 1 64  ? -7.689  -4.481  4.687   0.50 22.88 ? 46  HIS A C   1 
ATOM   464  C  C   B HIS A 1 64  ? -7.663  -4.468  4.693   0.50 24.56 ? 46  HIS A C   1 
ATOM   465  O  O   A HIS A 1 64  ? -8.602  -4.470  5.523   0.50 21.95 ? 46  HIS A O   1 
ATOM   466  O  O   B HIS A 1 64  ? -8.552  -4.415  5.553   0.50 23.28 ? 46  HIS A O   1 
ATOM   467  C  CB  A HIS A 1 64  ? -5.204  -4.345  5.242   0.50 21.30 ? 46  HIS A CB  1 
ATOM   468  C  CB  B HIS A 1 64  ? -5.124  -4.524  5.208   0.50 27.29 ? 46  HIS A CB  1 
ATOM   469  C  CG  A HIS A 1 64  ? -5.253  -3.800  6.634   0.50 21.48 ? 46  HIS A CG  1 
ATOM   470  C  CG  B HIS A 1 64  ? -5.226  -3.720  6.450   0.50 31.55 ? 46  HIS A CG  1 
ATOM   471  N  ND1 A HIS A 1 64  ? -4.278  -4.054  7.566   0.50 19.86 ? 46  HIS A ND1 1 
ATOM   472  N  ND1 B HIS A 1 64  ? -4.449  -2.613  6.681   0.50 32.73 ? 46  HIS A ND1 1 
ATOM   473  C  CD2 A HIS A 1 64  ? -6.208  -3.081  7.278   0.50 21.66 ? 46  HIS A CD2 1 
ATOM   474  C  CD2 B HIS A 1 64  ? -6.057  -3.836  7.514   0.50 33.15 ? 46  HIS A CD2 1 
ATOM   475  C  CE1 A HIS A 1 64  ? -4.633  -3.531  8.730   0.50 21.48 ? 46  HIS A CE1 1 
ATOM   476  C  CE1 B HIS A 1 64  ? -4.787  -2.083  7.844   0.50 39.21 ? 46  HIS A CE1 1 
ATOM   477  N  NE2 A HIS A 1 64  ? -5.788  -2.910  8.573   0.50 20.99 ? 46  HIS A NE2 1 
ATOM   478  N  NE2 B HIS A 1 64  ? -5.764  -2.803  8.368   0.50 34.65 ? 46  HIS A NE2 1 
ATOM   479  N  N   . GLU A 1 65  ? -7.833  -3.904  3.493   1.00 24.49 ? 47  GLU A N   1 
ATOM   480  C  CA  . GLU A 1 65  ? -9.031  -3.099  3.219   1.00 23.15 ? 47  GLU A CA  1 
ATOM   481  C  C   . GLU A 1 65  ? -10.279 -3.997  3.301   1.00 24.03 ? 47  GLU A C   1 
ATOM   482  O  O   . GLU A 1 65  ? -11.313 -3.603  3.824   1.00 23.84 ? 47  GLU A O   1 
ATOM   483  C  CB  . GLU A 1 65  ? -8.906  -2.466  1.818   1.00 22.42 ? 47  GLU A CB  1 
ATOM   484  C  CG  . GLU A 1 65  ? -7.786  -1.421  1.798   1.00 26.62 ? 47  GLU A CG  1 
ATOM   485  C  CD  . GLU A 1 65  ? -8.049  -0.178  2.676   1.00 26.41 ? 47  GLU A CD  1 
ATOM   486  O  OE1 . GLU A 1 65  ? -9.208  0.032   3.153   1.00 27.05 ? 47  GLU A OE1 1 
ATOM   487  O  OE2 . GLU A 1 65  ? -7.102  0.634   2.884   1.00 24.17 ? 47  GLU A OE2 1 
ATOM   488  N  N   . LEU A 1 66  ? -10.189 -5.208  2.759   1.00 23.34 ? 48  LEU A N   1 
ATOM   489  C  CA  . LEU A 1 66  ? -11.392 -6.089  2.810   1.00 22.59 ? 48  LEU A CA  1 
ATOM   490  C  C   . LEU A 1 66  ? -11.705 -6.496  4.236   1.00 20.63 ? 48  LEU A C   1 
ATOM   491  O  O   . LEU A 1 66  ? -12.868 -6.638  4.573   1.00 24.54 ? 48  LEU A O   1 
ATOM   492  C  CB  . LEU A 1 66  ? -11.199 -7.307  1.912   1.00 22.95 ? 48  LEU A CB  1 
ATOM   493  C  CG  . LEU A 1 66  ? -11.495 -6.927  0.419   1.00 24.90 ? 48  LEU A CG  1 
ATOM   494  C  CD1 . LEU A 1 66  ? -11.039 -8.091  -0.498  1.00 23.35 ? 48  LEU A CD1 1 
ATOM   495  C  CD2 . LEU A 1 66  ? -12.964 -6.538  0.148   1.00 25.21 ? 48  LEU A CD2 1 
ATOM   496  N  N   . MET A 1 67  ? -10.671 -6.667  5.082   1.00 24.42 ? 49  MET A N   1 
ATOM   497  C  CA  . MET A 1 67  ? -10.869 -6.978  6.517   1.00 20.81 ? 49  MET A CA  1 
ATOM   498  C  C   . MET A 1 67  ? -11.615 -5.794  7.182   1.00 23.12 ? 49  MET A C   1 
ATOM   499  O  O   . MET A 1 67  ? -12.507 -6.002  8.048   1.00 23.85 ? 49  MET A O   1 
ATOM   500  C  CB  . MET A 1 67  ? -9.502  -7.265  7.226   1.00 21.84 ? 49  MET A CB  1 
ATOM   501  C  CG  . MET A 1 67  ? -8.906  -8.614  6.805   1.00 22.34 ? 49  MET A CG  1 
ATOM   502  S  SD  . MET A 1 67  ? -9.972  -10.057 7.304   1.00 29.22 ? 49  MET A SD  1 
ATOM   503  C  CE  . MET A 1 67  ? -9.832  -9.936  9.128   1.00 27.93 ? 49  MET A CE  1 
ATOM   504  N  N   . CYS A 1 68  ? -11.281 -4.558  6.817   1.00 22.36 ? 50  CYS A N   1 
ATOM   505  C  CA  . CYS A 1 68  ? -11.969 -3.393  7.426   1.00 23.39 ? 50  CYS A CA  1 
ATOM   506  C  C   . CYS A 1 68  ? -13.428 -3.376  6.991   1.00 27.43 ? 50  CYS A C   1 
ATOM   507  O  O   . CYS A 1 68  ? -14.301 -2.810  7.726   1.00 26.78 ? 50  CYS A O   1 
ATOM   508  C  CB  . CYS A 1 68  ? -11.318 -2.059  7.013   1.00 21.02 ? 50  CYS A CB  1 
ATOM   509  S  SG  . CYS A 1 68  ? -9.669  -1.856  7.674   1.00 26.31 ? 50  CYS A SG  1 
ATOM   510  N  N   . LEU A 1 69  ? -13.686 -3.970  5.800   1.00 25.81 ? 51  LEU A N   1 
ATOM   511  C  CA  . LEU A 1 69  ? -15.054 -4.026  5.260   1.00 26.65 ? 51  LEU A CA  1 
ATOM   512  C  C   . LEU A 1 69  ? -15.791 -5.307  5.705   1.00 29.97 ? 51  LEU A C   1 
ATOM   513  O  O   . LEU A 1 69  ? -16.840 -5.642  5.146   1.00 28.41 ? 51  LEU A O   1 
ATOM   514  C  CB  . LEU A 1 69  ? -15.054 -3.937  3.705   1.00 23.05 ? 51  LEU A CB  1 
ATOM   515  C  CG  . LEU A 1 69  ? -14.634 -2.499  3.213   1.00 22.69 ? 51  LEU A CG  1 
ATOM   516  C  CD1 . LEU A 1 69  ? -14.117 -2.604  1.748   1.00 24.49 ? 51  LEU A CD1 1 
ATOM   517  C  CD2 . LEU A 1 69  ? -15.775 -1.494  3.344   1.00 25.56 ? 51  LEU A CD2 1 
ATOM   518  N  N   . GLY A 1 70  ? -15.208 -6.045  6.656   1.00 28.52 ? 52  GLY A N   1 
ATOM   519  C  CA  . GLY A 1 70  ? -15.859 -7.230  7.228   1.00 30.38 ? 52  GLY A CA  1 
ATOM   520  C  C   . GLY A 1 70  ? -15.654 -8.448  6.343   1.00 31.23 ? 52  GLY A C   1 
ATOM   521  O  O   . GLY A 1 70  ? -16.438 -9.371  6.416   1.00 30.86 ? 52  GLY A O   1 
ATOM   522  N  N   . GLY A 1 71  ? -14.635 -8.463  5.487   1.00 27.12 ? 53  GLY A N   1 
ATOM   523  C  CA  . GLY A 1 71  ? -14.317 -9.689  4.693   1.00 27.22 ? 53  GLY A CA  1 
ATOM   524  C  C   . GLY A 1 71  ? -15.065 -9.856  3.365   1.00 27.97 ? 53  GLY A C   1 
ATOM   525  O  O   . GLY A 1 71  ? -14.799 -10.797 2.586   1.00 30.61 ? 53  GLY A O   1 
ATOM   526  N  N   . GLU A 1 72  ? -16.001 -8.935  3.096   1.00 28.31 ? 54  GLU A N   1 
ATOM   527  C  CA  . GLU A 1 72  ? -16.860 -9.001  1.909   1.00 32.20 ? 54  GLU A CA  1 
ATOM   528  C  C   . GLU A 1 72  ? -17.177 -7.630  1.366   1.00 29.33 ? 54  GLU A C   1 
ATOM   529  O  O   . GLU A 1 72  ? -17.612 -6.816  2.103   1.00 29.88 ? 54  GLU A O   1 
ATOM   530  C  CB  . GLU A 1 72  ? -18.267 -9.474  2.366   1.00 36.51 ? 54  GLU A CB  1 
ATOM   531  C  CG  . GLU A 1 72  ? -18.505 -10.933 2.242   1.00 49.99 ? 54  GLU A CG  1 
ATOM   532  C  CD  . GLU A 1 72  ? -19.854 -11.310 2.814   1.00 56.10 ? 54  GLU A CD  1 
ATOM   533  O  OE1 . GLU A 1 72  ? -20.690 -11.640 1.960   1.00 55.56 ? 54  GLU A OE1 1 
ATOM   534  O  OE2 . GLU A 1 72  ? -20.071 -11.243 4.074   1.00 49.54 ? 54  GLU A OE2 1 
ATOM   535  N  N   . SER A 1 73  ? -17.165 -7.442  0.053   1.00 29.91 ? 55  SER A N   1 
ATOM   536  C  CA  . SER A 1 73  ? -17.518 -6.125  -0.459  1.00 30.94 ? 55  SER A CA  1 
ATOM   537  C  C   . SER A 1 73  ? -17.816 -6.262  -1.964  1.00 28.92 ? 55  SER A C   1 
ATOM   538  O  O   . SER A 1 73  ? -18.092 -7.381  -2.427  1.00 29.67 ? 55  SER A O   1 
ATOM   539  C  CB  . SER A 1 73  ? -16.335 -5.177  -0.165  1.00 31.15 ? 55  SER A CB  1 
ATOM   540  O  OG  . SER A 1 73  ? -16.729 -3.853  -0.370  1.00 31.87 ? 55  SER A OG  1 
ATOM   541  N  N   . THR A 1 74  ? -17.761 -5.166  -2.718  1.00 26.95 ? 56  THR A N   1 
ATOM   542  C  CA  . THR A 1 74  ? -17.866 -5.233  -4.179  1.00 29.57 ? 56  THR A CA  1 
ATOM   543  C  C   . THR A 1 74  ? -16.618 -4.548  -4.777  1.00 28.34 ? 56  THR A C   1 
ATOM   544  O  O   . THR A 1 74  ? -15.979 -3.779  -4.096  1.00 30.16 ? 56  THR A O   1 
ATOM   545  C  CB  . THR A 1 74  ? -19.070 -4.426  -4.672  1.00 33.32 ? 56  THR A CB  1 
ATOM   546  O  OG1 . THR A 1 74  ? -18.942 -3.062  -4.236  1.00 28.34 ? 56  THR A OG1 1 
ATOM   547  C  CG2 . THR A 1 74  ? -20.365 -5.042  -4.177  1.00 33.88 ? 56  THR A CG2 1 
ATOM   548  N  N   . PRO A 1 75  ? -16.292 -4.813  -6.048  1.00 27.53 ? 57  PRO A N   1 
ATOM   549  C  CA  . PRO A 1 75  ? -15.079 -4.159  -6.583  1.00 28.02 ? 57  PRO A CA  1 
ATOM   550  C  C   . PRO A 1 75  ? -15.173 -2.609  -6.438  1.00 32.82 ? 57  PRO A C   1 
ATOM   551  O  O   . PRO A 1 75  ? -14.179 -1.954  -6.102  1.00 29.60 ? 57  PRO A O   1 
ATOM   552  C  CB  . PRO A 1 75  ? -15.065 -4.636  -8.032  1.00 28.15 ? 57  PRO A CB  1 
ATOM   553  C  CG  . PRO A 1 75  ? -15.738 -6.036  -7.999  1.00 29.01 ? 57  PRO A CG  1 
ATOM   554  C  CD  . PRO A 1 75  ? -16.857 -5.811  -6.999  1.00 28.79 ? 57  PRO A CD  1 
ATOM   555  N  N   . HIS A 1 76  ? -16.385 -2.028  -6.629  1.00 32.16 ? 58  HIS A N   1 
ATOM   556  C  CA  . HIS A 1 76  ? -16.474 -0.550  -6.601  1.00 30.63 ? 58  HIS A CA  1 
ATOM   557  C  C   . HIS A 1 76  ? -16.294 0.029   -5.205  1.00 27.96 ? 58  HIS A C   1 
ATOM   558  O  O   . HIS A 1 76  ? -15.661 1.053   -5.015  1.00 25.65 ? 58  HIS A O   1 
ATOM   559  C  CB  . HIS A 1 76  ? -17.768 -0.040  -7.300  1.00 30.65 ? 58  HIS A CB  1 
ATOM   560  C  CG  . HIS A 1 76  ? -19.042 -0.461  -6.621  1.00 32.85 ? 58  HIS A CG  1 
ATOM   561  N  ND1 . HIS A 1 76  ? -19.751 -1.591  -7.003  1.00 34.90 ? 58  HIS A ND1 1 
ATOM   562  C  CD2 . HIS A 1 76  ? -19.779 0.140   -5.657  1.00 35.32 ? 58  HIS A CD2 1 
ATOM   563  C  CE1 . HIS A 1 76  ? -20.850 -1.683  -6.268  1.00 34.36 ? 58  HIS A CE1 1 
ATOM   564  N  NE2 . HIS A 1 76  ? -20.892 -0.649  -5.446  1.00 34.27 ? 58  HIS A NE2 1 
ATOM   565  N  N   . THR A 1 77  ? -16.862 -0.609  -4.192  1.00 27.19 ? 59  THR A N   1 
ATOM   566  C  CA  . THR A 1 77  ? -16.652 -0.117  -2.827  1.00 28.54 ? 59  THR A CA  1 
ATOM   567  C  C   . THR A 1 77  ? -15.179 -0.273  -2.386  1.00 29.14 ? 59  THR A C   1 
ATOM   568  O  O   . THR A 1 77  ? -14.623 0.650   -1.823  1.00 29.50 ? 59  THR A O   1 
ATOM   569  C  CB  . THR A 1 77  ? -17.603 -0.794  -1.852  1.00 29.90 ? 59  THR A CB  1 
ATOM   570  O  OG1 . THR A 1 77  ? -18.924 -0.420  -2.245  1.00 33.80 ? 59  THR A OG1 1 
ATOM   571  C  CG2 . THR A 1 77  ? -17.321 -0.354  -0.330  1.00 28.39 ? 59  THR A CG2 1 
ATOM   572  N  N   . LEU A 1 78  ? -14.560 -1.423  -2.655  1.00 26.96 ? 60  LEU A N   1 
ATOM   573  C  CA  . LEU A 1 78  ? -13.145 -1.594  -2.388  1.00 26.11 ? 60  LEU A CA  1 
ATOM   574  C  C   . LEU A 1 78  ? -12.324 -0.482  -3.089  1.00 27.70 ? 60  LEU A C   1 
ATOM   575  O  O   . LEU A 1 78  ? -11.509 0.168   -2.438  1.00 24.69 ? 60  LEU A O   1 
ATOM   576  C  CB  . LEU A 1 78  ? -12.681 -2.964  -2.897  1.00 26.26 ? 60  LEU A CB  1 
ATOM   577  C  CG  . LEU A 1 78  ? -11.152 -3.289  -2.803  1.00 28.33 ? 60  LEU A CG  1 
ATOM   578  C  CD1 . LEU A 1 78  ? -10.608 -3.214  -1.372  1.00 27.20 ? 60  LEU A CD1 1 
ATOM   579  C  CD2 . LEU A 1 78  ? -10.833 -4.654  -3.422  1.00 26.59 ? 60  LEU A CD2 1 
ATOM   580  N  N   . ALA A 1 79  ? -12.558 -0.281  -4.399  1.00 25.02 ? 61  ALA A N   1 
ATOM   581  C  CA  . ALA A 1 79  ? -11.802 0.761   -5.193  1.00 23.94 ? 61  ALA A CA  1 
ATOM   582  C  C   . ALA A 1 79  ? -11.915 2.164   -4.567  1.00 25.51 ? 61  ALA A C   1 
ATOM   583  O  O   . ALA A 1 79  ? -10.874 2.885   -4.415  1.00 25.89 ? 61  ALA A O   1 
ATOM   584  C  CB  . ALA A 1 79  ? -12.249 0.759   -6.689  1.00 23.67 ? 61  ALA A CB  1 
ATOM   585  N  N   . ARG A 1 80  ? -13.120 2.524   -4.083  1.00 24.05 ? 62  ARG A N   1 
ATOM   586  C  CA  . ARG A 1 80  ? -13.321 3.809   -3.420  1.00 24.43 ? 62  ARG A CA  1 
ATOM   587  C  C   . ARG A 1 80  ? -12.513 3.941   -2.115  1.00 26.09 ? 62  ARG A C   1 
ATOM   588  O  O   . ARG A 1 80  ? -12.052 5.036   -1.760  1.00 24.80 ? 62  ARG A O   1 
ATOM   589  C  CB  . ARG A 1 80  ? -14.823 4.049   -3.158  1.00 24.68 ? 62  ARG A CB  1 
ATOM   590  C  CG  . ARG A 1 80  ? -15.135 5.181   -2.180  1.00 26.69 ? 62  ARG A CG  1 
ATOM   591  C  CD  . ARG A 1 80  ? -16.638 5.570   -2.178  1.00 28.64 ? 62  ARG A CD  1 
ATOM   592  N  NE  . ARG A 1 80  ? -17.040 6.054   -3.518  1.00 27.64 ? 62  ARG A NE  1 
ATOM   593  C  CZ  . ARG A 1 80  ? -16.756 7.288   -4.012  1.00 32.26 ? 62  ARG A CZ  1 
ATOM   594  N  NH1 . ARG A 1 80  ? -16.087 8.195   -3.295  1.00 25.81 ? 62  ARG A NH1 1 
ATOM   595  N  NH2 . ARG A 1 80  ? -17.104 7.646   -5.262  1.00 31.19 ? 62  ARG A NH2 1 
ATOM   596  N  N   . ARG A 1 81  ? -12.319 2.832   -1.400  1.00 23.05 ? 63  ARG A N   1 
ATOM   597  C  CA  . ARG A 1 81  ? -11.709 2.910   -0.073  1.00 25.79 ? 63  ARG A CA  1 
ATOM   598  C  C   . ARG A 1 81  ? -10.163 2.965   -0.147  1.00 24.16 ? 63  ARG A C   1 
ATOM   599  O  O   . ARG A 1 81  ? -9.511  3.341   0.798   1.00 25.39 ? 63  ARG A O   1 
ATOM   600  C  CB  . ARG A 1 81  ? -12.128 1.712   0.776   1.00 24.25 ? 63  ARG A CB  1 
ATOM   601  C  CG  . ARG A 1 81  ? -13.635 1.722   1.028   1.00 26.70 ? 63  ARG A CG  1 
ATOM   602  C  CD  . ARG A 1 81  ? -13.996 2.312   2.422   1.00 28.59 ? 63  ARG A CD  1 
ATOM   603  N  NE  . ARG A 1 81  ? -13.559 1.430   3.537   1.00 28.14 ? 63  ARG A NE  1 
ATOM   604  C  CZ  . ARG A 1 81  ? -13.641 1.751   4.834   1.00 26.23 ? 63  ARG A CZ  1 
ATOM   605  N  NH1 . ARG A 1 81  ? -13.265 0.896   5.773   1.00 24.56 ? 63  ARG A NH1 1 
ATOM   606  N  NH2 . ARG A 1 81  ? -14.031 2.963   5.189   1.00 27.71 ? 63  ARG A NH2 1 
ATOM   607  N  N   . ILE A 1 82  ? -9.614  2.548   -1.261  1.00 26.52 ? 64  ILE A N   1 
ATOM   608  C  CA  . ILE A 1 82  ? -8.157  2.311   -1.353  1.00 27.18 ? 64  ILE A CA  1 
ATOM   609  C  C   . ILE A 1 82  ? -7.575  3.296   -2.350  1.00 26.56 ? 64  ILE A C   1 
ATOM   610  O  O   . ILE A 1 82  ? -8.286  3.687   -3.293  1.00 24.96 ? 64  ILE A O   1 
ATOM   611  C  CB  . ILE A 1 82  ? -7.836  0.828   -1.788  1.00 25.94 ? 64  ILE A CB  1 
ATOM   612  C  CG1 . ILE A 1 82  ? -6.425  0.390   -1.314  1.00 28.01 ? 64  ILE A CG1 1 
ATOM   613  C  CG2 . ILE A 1 82  ? -7.981  0.607   -3.318  1.00 24.22 ? 64  ILE A CG2 1 
ATOM   614  C  CD1 . ILE A 1 82  ? -6.220  -1.118  -1.601  1.00 31.73 ? 64  ILE A CD1 1 
ATOM   615  N  N   . VAL A 1 83  ? -6.291  3.675   -2.160  1.00 24.97 ? 65  VAL A N   1 
ATOM   616  C  CA  . VAL A 1 83  ? -5.653  4.659   -3.031  1.00 25.44 ? 65  VAL A CA  1 
ATOM   617  C  C   . VAL A 1 83  ? -5.428  4.200   -4.470  1.00 28.85 ? 65  VAL A C   1 
ATOM   618  O  O   . VAL A 1 83  ? -5.417  5.051   -5.340  1.00 27.73 ? 65  VAL A O   1 
ATOM   619  C  CB  . VAL A 1 83  ? -4.313  5.251   -2.396  1.00 27.72 ? 65  VAL A CB  1 
ATOM   620  C  CG1 . VAL A 1 83  ? -3.170  4.264   -2.440  1.00 24.59 ? 65  VAL A CG1 1 
ATOM   621  C  CG2 . VAL A 1 83  ? -3.909  6.503   -3.092  1.00 25.21 ? 65  VAL A CG2 1 
ATOM   622  N  N   . PHE A 1 84  ? -5.231  2.884   -4.738  1.00 27.75 ? 66  PHE A N   1 
ATOM   623  C  CA  . PHE A 1 84  ? -4.762  2.445   -6.059  1.00 29.39 ? 66  PHE A CA  1 
ATOM   624  C  C   . PHE A 1 84  ? -5.833  2.648   -7.166  1.00 32.31 ? 66  PHE A C   1 
ATOM   625  O  O   . PHE A 1 84  ? -7.059  2.772   -6.862  1.00 27.15 ? 66  PHE A O   1 
ATOM   626  C  CB  . PHE A 1 84  ? -4.281  0.993   -5.993  1.00 29.96 ? 66  PHE A CB  1 
ATOM   627  C  CG  . PHE A 1 84  ? -3.284  0.740   -4.858  1.00 31.87 ? 66  PHE A CG  1 
ATOM   628  C  CD1 . PHE A 1 84  ? -2.053  1.423   -4.816  1.00 33.13 ? 66  PHE A CD1 1 
ATOM   629  C  CD2 . PHE A 1 84  ? -3.579  -0.162  -3.845  1.00 36.43 ? 66  PHE A CD2 1 
ATOM   630  C  CE1 . PHE A 1 84  ? -1.159  1.224   -3.764  1.00 35.02 ? 66  PHE A CE1 1 
ATOM   631  C  CE2 . PHE A 1 84  ? -2.656  -0.389  -2.789  1.00 37.75 ? 66  PHE A CE2 1 
ATOM   632  C  CZ  . PHE A 1 84  ? -1.485  0.331   -2.748  1.00 33.26 ? 66  PHE A CZ  1 
ATOM   633  N  N   . GLU A 1 85  ? -5.396  2.617   -8.424  1.00 30.35 ? 67  GLU A N   1 
ATOM   634  C  CA  . GLU A 1 85  ? -6.332  2.733   -9.569  1.00 37.69 ? 67  GLU A CA  1 
ATOM   635  C  C   . GLU A 1 85  ? -7.212  1.490   -9.635  1.00 39.60 ? 67  GLU A C   1 
ATOM   636  O  O   . GLU A 1 85  ? -6.699  0.378   -9.454  1.00 38.88 ? 67  GLU A O   1 
ATOM   637  C  CB  . GLU A 1 85  ? -5.607  2.731   -10.925 1.00 39.62 ? 67  GLU A CB  1 
ATOM   638  C  CG  . GLU A 1 85  ? -4.360  3.570   -11.010 1.00 50.16 ? 67  GLU A CG  1 
ATOM   639  C  CD  . GLU A 1 85  ? -4.669  5.010   -11.264 1.00 61.82 ? 67  GLU A CD  1 
ATOM   640  O  OE1 . GLU A 1 85  ? -3.959  5.614   -12.122 1.00 67.58 ? 67  GLU A OE1 1 
ATOM   641  O  OE2 . GLU A 1 85  ? -5.617  5.535   -10.613 1.00 60.73 ? 67  GLU A OE2 1 
ATOM   642  N  N   . PRO A 1 86  ? -8.506  1.672   -9.991  1.00 35.29 ? 68  PRO A N   1 
ATOM   643  C  CA  . PRO A 1 86  ? -9.432  0.559   -10.094 1.00 35.19 ? 68  PRO A CA  1 
ATOM   644  C  C   . PRO A 1 86  ? -8.964  -0.543  -11.036 1.00 34.03 ? 68  PRO A C   1 
ATOM   645  O  O   . PRO A 1 86  ? -9.155  -1.678  -10.710 1.00 34.44 ? 68  PRO A O   1 
ATOM   646  C  CB  . PRO A 1 86  ? -10.730 1.183   -10.628 1.00 34.84 ? 68  PRO A CB  1 
ATOM   647  C  CG  . PRO A 1 86  ? -10.610 2.637   -10.410 1.00 38.62 ? 68  PRO A CG  1 
ATOM   648  C  CD  . PRO A 1 86  ? -9.132  2.967   -10.337 1.00 37.11 ? 68  PRO A CD  1 
ATOM   649  N  N   . HIS A 1 87  ? -8.360  -0.251  -12.186 1.00 32.88 ? 69  HIS A N   1 
ATOM   650  C  CA  . HIS A 1 87  ? -7.903  -1.334  -13.072 1.00 36.34 ? 69  HIS A CA  1 
ATOM   651  C  C   . HIS A 1 87  ? -6.770  -2.162  -12.425 1.00 33.97 ? 69  HIS A C   1 
ATOM   652  O  O   . HIS A 1 87  ? -6.634  -3.382  -12.668 1.00 30.54 ? 69  HIS A O   1 
ATOM   653  C  CB  . HIS A 1 87  ? -7.443  -0.775  -14.451 1.00 44.21 ? 69  HIS A CB  1 
ATOM   654  C  CG  . HIS A 1 87  ? -6.069  -0.161  -14.436 1.00 50.71 ? 69  HIS A CG  1 
ATOM   655  N  ND1 . HIS A 1 87  ? -5.838  1.154   -14.082 1.00 56.56 ? 69  HIS A ND1 1 
ATOM   656  C  CD2 . HIS A 1 87  ? -4.850  -0.691  -14.714 1.00 56.81 ? 69  HIS A CD2 1 
ATOM   657  C  CE1 . HIS A 1 87  ? -4.543  1.410   -14.149 1.00 52.51 ? 69  HIS A CE1 1 
ATOM   658  N  NE2 . HIS A 1 87  ? -3.920  0.303   -14.513 1.00 55.63 ? 69  HIS A NE2 1 
ATOM   659  N  N   . SER A 1 88  ? -5.947  -1.503  -11.605 1.00 33.40 ? 70  SER A N   1 
ATOM   660  C  CA  A SER A 1 88  ? -4.871  -2.195  -10.854 0.50 32.85 ? 70  SER A CA  1 
ATOM   661  C  CA  B SER A 1 88  ? -4.865  -2.195  -10.891 0.50 34.14 ? 70  SER A CA  1 
ATOM   662  C  C   . SER A 1 88  ? -5.468  -3.090  -9.802  1.00 29.51 ? 70  SER A C   1 
ATOM   663  O  O   . SER A 1 88  ? -5.106  -4.265  -9.680  1.00 33.81 ? 70  SER A O   1 
ATOM   664  C  CB  A SER A 1 88  ? -3.973  -1.187  -10.157 0.50 32.41 ? 70  SER A CB  1 
ATOM   665  C  CB  B SER A 1 88  ? -3.891  -1.176  -10.293 0.50 35.47 ? 70  SER A CB  1 
ATOM   666  O  OG  A SER A 1 88  ? -3.225  -0.524  -11.121 0.50 32.74 ? 70  SER A OG  1 
ATOM   667  O  OG  B SER A 1 88  ? -2.831  -1.844  -9.652  0.50 41.12 ? 70  SER A OG  1 
ATOM   668  N  N   . VAL A 1 89  ? -6.399  -2.531  -9.059  1.00 27.98 ? 71  VAL A N   1 
ATOM   669  C  CA  . VAL A 1 89  ? -7.098  -3.264  -8.065  1.00 32.31 ? 71  VAL A CA  1 
ATOM   670  C  C   . VAL A 1 89  ? -7.804  -4.471  -8.695  1.00 35.21 ? 71  VAL A C   1 
ATOM   671  O  O   . VAL A 1 89  ? -7.705  -5.544  -8.147  1.00 30.75 ? 71  VAL A O   1 
ATOM   672  C  CB  . VAL A 1 89  ? -8.145  -2.431  -7.323  1.00 35.89 ? 71  VAL A CB  1 
ATOM   673  C  CG1 . VAL A 1 89  ? -8.981  -3.376  -6.437  1.00 34.77 ? 71  VAL A CG1 1 
ATOM   674  C  CG2 . VAL A 1 89  ? -7.461  -1.325  -6.480  1.00 31.49 ? 71  VAL A CG2 1 
ATOM   675  N  N   . SER A 1 90  ? -8.479  -4.336  -9.847  1.00 32.68 ? 72  SER A N   1 
ATOM   676  C  CA  A SER A 1 90  ? -9.148  -5.497  -10.428 0.50 34.68 ? 72  SER A CA  1 
ATOM   677  C  CA  B SER A 1 90  ? -9.146  -5.507  -10.431 0.50 33.13 ? 72  SER A CA  1 
ATOM   678  C  C   . SER A 1 90  ? -8.137  -6.563  -10.863 1.00 33.07 ? 72  SER A C   1 
ATOM   679  O  O   . SER A 1 90  ? -8.391  -7.771  -10.676 1.00 34.29 ? 72  SER A O   1 
ATOM   680  C  CB  A SER A 1 90  ? -10.055 -5.099  -11.607 0.50 38.78 ? 72  SER A CB  1 
ATOM   681  C  CB  B SER A 1 90  ? -10.064 -5.155  -11.622 0.50 34.99 ? 72  SER A CB  1 
ATOM   682  O  OG  A SER A 1 90  ? -9.335  -4.298  -12.528 0.50 41.25 ? 72  SER A OG  1 
ATOM   683  O  OG  B SER A 1 90  ? -11.075 -4.253  -11.236 0.50 31.84 ? 72  SER A OG  1 
ATOM   684  N  N   . ALA A 1 91  ? -6.984  -6.140  -11.410 1.00 30.78 ? 73  ALA A N   1 
ATOM   685  C  CA  . ALA A 1 91  ? -5.961  -7.143  -11.799 1.00 35.11 ? 73  ALA A CA  1 
ATOM   686  C  C   . ALA A 1 91  ? -5.489  -7.907  -10.555 1.00 35.00 ? 73  ALA A C   1 
ATOM   687  O  O   . ALA A 1 91  ? -5.299  -9.121  -10.585 1.00 31.61 ? 73  ALA A O   1 
ATOM   688  C  CB  . ALA A 1 91  ? -4.751  -6.511  -12.524 1.00 34.44 ? 73  ALA A CB  1 
ATOM   689  N  N   . ILE A 1 92  ? -5.280  -7.183  -9.459  1.00 33.79 ? 74  ILE A N   1 
ATOM   690  C  CA  . ILE A 1 92  ? -4.743  -7.822  -8.248  1.00 35.43 ? 74  ILE A CA  1 
ATOM   691  C  C   . ILE A 1 92  ? -5.756  -8.773  -7.646  1.00 35.20 ? 74  ILE A C   1 
ATOM   692  O  O   . ILE A 1 92  ? -5.420  -9.939  -7.318  1.00 35.70 ? 74  ILE A O   1 
ATOM   693  C  CB  . ILE A 1 92  ? -4.309  -6.807  -7.188  1.00 33.32 ? 74  ILE A CB  1 
ATOM   694  C  CG1 . ILE A 1 92  ? -3.091  -6.034  -7.736  1.00 35.53 ? 74  ILE A CG1 1 
ATOM   695  C  CG2 . ILE A 1 92  ? -3.923  -7.546  -5.877  1.00 35.56 ? 74  ILE A CG2 1 
ATOM   696  C  CD1 . ILE A 1 92  ? -3.047  -4.636  -7.190  1.00 34.84 ? 74  ILE A CD1 1 
ATOM   697  N  N   . VAL A 1 93  ? -7.003  -8.298  -7.586  1.00 32.64 ? 75  VAL A N   1 
ATOM   698  C  CA  . VAL A 1 93  ? -8.106  -9.144  -7.136  1.00 31.69 ? 75  VAL A CA  1 
ATOM   699  C  C   . VAL A 1 93  ? -8.177  -10.467 -7.973  1.00 36.95 ? 75  VAL A C   1 
ATOM   700  O  O   . VAL A 1 93  ? -8.296  -11.572 -7.407  1.00 33.04 ? 75  VAL A O   1 
ATOM   701  C  CB  . VAL A 1 93  ? -9.424  -8.333  -7.132  1.00 29.64 ? 75  VAL A CB  1 
ATOM   702  C  CG1 . VAL A 1 93  ? -10.630 -9.245  -7.150  1.00 30.53 ? 75  VAL A CG1 1 
ATOM   703  C  CG2 . VAL A 1 93  ? -9.456  -7.366  -5.944  1.00 26.44 ? 75  VAL A CG2 1 
ATOM   704  N  N   . SER A 1 94  ? -8.069  -10.378 -9.304  1.00 33.43 ? 76  SER A N   1 
ATOM   705  C  CA  . SER A 1 94  ? -8.098  -11.637 -10.132 1.00 34.32 ? 76  SER A CA  1 
ATOM   706  C  C   . SER A 1 94  ? -6.971  -12.614 -9.834  1.00 33.02 ? 76  SER A C   1 
ATOM   707  O  O   . SER A 1 94  ? -7.179  -13.812 -9.763  1.00 36.19 ? 76  SER A O   1 
ATOM   708  C  CB  . SER A 1 94  ? -8.090  -11.288 -11.626 1.00 39.63 ? 76  SER A CB  1 
ATOM   709  O  OG  . SER A 1 94  ? -9.383  -10.781 -11.897 1.00 41.89 ? 76  SER A OG  1 
ATOM   710  N  N   . ARG A 1 95  ? -5.773  -12.084 -9.671  1.00 29.91 ? 77  ARG A N   1 
ATOM   711  C  CA  . ARG A 1 95  ? -4.637  -12.865 -9.230  1.00 35.89 ? 77  ARG A CA  1 
ATOM   712  C  C   . ARG A 1 95  ? -4.967  -13.480 -7.845  1.00 41.00 ? 77  ARG A C   1 
ATOM   713  O  O   . ARG A 1 95  ? -4.798  -14.681 -7.660  1.00 38.69 ? 77  ARG A O   1 
ATOM   714  C  CB  . ARG A 1 95  ? -3.381  -11.953 -9.210  1.00 41.77 ? 77  ARG A CB  1 
ATOM   715  C  CG  . ARG A 1 95  ? -2.086  -12.558 -8.649  1.00 60.04 ? 77  ARG A CG  1 
ATOM   716  C  CD  . ARG A 1 95  ? -1.385  -13.541 -9.590  1.00 71.76 ? 77  ARG A CD  1 
ATOM   717  N  NE  . ARG A 1 95  ? -1.789  -14.951 -9.418  1.00 69.17 ? 77  ARG A NE  1 
ATOM   718  C  CZ  . ARG A 1 95  ? -1.879  -15.827 -10.422 1.00 77.09 ? 77  ARG A CZ  1 
ATOM   719  N  NH1 . ARG A 1 95  ? -1.622  -15.434 -11.665 1.00 74.89 ? 77  ARG A NH1 1 
ATOM   720  N  NH2 . ARG A 1 95  ? -2.239  -17.090 -10.200 1.00 74.68 ? 77  ARG A NH2 1 
ATOM   721  N  N   . MET A 1 96  ? -5.501  -12.690 -6.901  1.00 34.58 ? 78  MET A N   1 
ATOM   722  C  CA  . MET A 1 96  ? -5.864  -13.245 -5.581  1.00 32.12 ? 78  MET A CA  1 
ATOM   723  C  C   . MET A 1 96  ? -6.944  -14.335 -5.688  1.00 34.73 ? 78  MET A C   1 
ATOM   724  O  O   . MET A 1 96  ? -6.929  -15.332 -4.958  1.00 38.31 ? 78  MET A O   1 
ATOM   725  C  CB  . MET A 1 96  ? -6.270  -12.107 -4.614  1.00 25.42 ? 78  MET A CB  1 
ATOM   726  C  CG  . MET A 1 96  ? -5.076  -11.192 -4.260  1.00 28.24 ? 78  MET A CG  1 
ATOM   727  S  SD  . MET A 1 96  ? -5.638  -9.686  -3.422  1.00 32.28 ? 78  MET A SD  1 
ATOM   728  C  CE  . MET A 1 96  ? -5.819  -10.429 -1.776  1.00 32.10 ? 78  MET A CE  1 
ATOM   729  N  N   . GLU A 1 97  ? -7.901  -14.132 -6.573  1.00 33.33 ? 79  GLU A N   1 
ATOM   730  C  CA  . GLU A 1 97  ? -8.887  -15.150 -6.886  1.00 34.04 ? 79  GLU A CA  1 
ATOM   731  C  C   . GLU A 1 97  ? -8.227  -16.446 -7.367  1.00 42.14 ? 79  GLU A C   1 
ATOM   732  O  O   . GLU A 1 97  ? -8.564  -17.537 -6.885  1.00 42.16 ? 79  GLU A O   1 
ATOM   733  C  CB  . GLU A 1 97  ? -9.891  -14.652 -7.922  1.00 36.66 ? 79  GLU A CB  1 
ATOM   734  C  CG  . GLU A 1 97  ? -10.945 -15.715 -8.297  1.00 41.79 ? 79  GLU A CG  1 
ATOM   735  C  CD  . GLU A 1 97  ? -11.930 -15.220 -9.341  1.00 50.21 ? 79  GLU A CD  1 
ATOM   736  O  OE1 . GLU A 1 97  ? -11.541 -14.377 -10.183 1.00 56.44 ? 79  GLU A OE1 1 
ATOM   737  O  OE2 . GLU A 1 97  ? -13.103 -15.638 -9.324  1.00 50.08 ? 79  GLU A OE2 1 
ATOM   738  N  N   . LYS A 1 98  ? -7.273  -16.329 -8.289  1.00 46.99 ? 80  LYS A N   1 
ATOM   739  C  CA  . LYS A 1 98  ? -6.555  -17.515 -8.772  1.00 50.85 ? 80  LYS A CA  1 
ATOM   740  C  C   . LYS A 1 98  ? -5.899  -18.243 -7.614  1.00 49.04 ? 80  LYS A C   1 
ATOM   741  O  O   . LYS A 1 98  ? -5.910  -19.451 -7.579  1.00 47.04 ? 80  LYS A O   1 
ATOM   742  C  CB  . LYS A 1 98  ? -5.534  -17.173 -9.856  1.00 55.84 ? 80  LYS A CB  1 
ATOM   743  C  CG  . LYS A 1 98  ? -6.164  -16.978 -11.232 1.00 68.70 ? 80  LYS A CG  1 
ATOM   744  C  CD  . LYS A 1 98  ? -5.299  -17.625 -12.308 1.00 83.13 ? 80  LYS A CD  1 
ATOM   745  C  CE  . LYS A 1 98  ? -6.021  -17.689 -13.651 1.00 81.91 ? 80  LYS A CE  1 
ATOM   746  N  NZ  . LYS A 1 98  ? -6.280  -16.316 -14.156 1.00 77.68 ? 80  LYS A NZ  1 
ATOM   747  N  N   . ASP A 1 99  ? -5.391  -17.503 -6.639  1.00 48.65 ? 81  ASP A N   1 
ATOM   748  C  CA  . ASP A 1 99  ? -4.694  -18.114 -5.534  1.00 42.60 ? 81  ASP A CA  1 
ATOM   749  C  C   . ASP A 1 99  ? -5.571  -18.603 -4.376  1.00 39.45 ? 81  ASP A C   1 
ATOM   750  O  O   . ASP A 1 99  ? -5.064  -18.969 -3.325  1.00 44.84 ? 81  ASP A O   1 
ATOM   751  C  CB  . ASP A 1 99  ? -3.569  -17.208 -5.130  1.00 45.82 ? 81  ASP A CB  1 
ATOM   752  C  CG  . ASP A 1 99  ? -2.618  -16.978 -6.297  1.00 54.56 ? 81  ASP A CG  1 
ATOM   753  O  OD1 . ASP A 1 99  ? -1.765  -16.085 -6.248  1.00 42.09 ? 81  ASP A OD1 1 
ATOM   754  O  OD2 . ASP A 1 99  ? -2.746  -17.722 -7.300  1.00 61.96 ? 81  ASP A OD2 1 
ATOM   755  N  N   . GLY A 1 100 ? -6.872  -18.654 -4.588  1.00 40.88 ? 82  GLY A N   1 
ATOM   756  C  CA  . GLY A 1 100 ? -7.807  -19.008 -3.541  1.00 39.97 ? 82  GLY A CA  1 
ATOM   757  C  C   . GLY A 1 100 ? -7.992  -18.001 -2.395  1.00 39.01 ? 82  GLY A C   1 
ATOM   758  O  O   . GLY A 1 100 ? -8.556  -18.377 -1.365  1.00 40.12 ? 82  GLY A O   1 
ATOM   759  N  N   . LEU A 1 101 ? -7.570  -16.729 -2.562  1.00 34.19 ? 83  LEU A N   1 
ATOM   760  C  CA  A LEU A 1 101 ? -7.702  -15.673 -1.535  0.50 31.70 ? 83  LEU A CA  1 
ATOM   761  C  CA  B LEU A 1 101 ? -7.759  -15.706 -1.500  0.50 30.09 ? 83  LEU A CA  1 
ATOM   762  C  C   . LEU A 1 101 ? -9.070  -14.983 -1.608  1.00 33.34 ? 83  LEU A C   1 
ATOM   763  O  O   . LEU A 1 101 ? -9.664  -14.580 -0.569  1.00 33.41 ? 83  LEU A O   1 
ATOM   764  C  CB  A LEU A 1 101 ? -6.552  -14.649 -1.667  0.50 31.95 ? 83  LEU A CB  1 
ATOM   765  C  CB  B LEU A 1 101 ? -6.641  -14.666 -1.450  0.50 28.68 ? 83  LEU A CB  1 
ATOM   766  C  CG  A LEU A 1 101 ? -5.222  -14.826 -0.900  0.50 35.17 ? 83  LEU A CG  1 
ATOM   767  C  CG  B LEU A 1 101 ? -5.231  -15.162 -1.185  0.50 28.66 ? 83  LEU A CG  1 
ATOM   768  C  CD1 A LEU A 1 101 ? -4.896  -16.281 -0.653  0.50 34.59 ? 83  LEU A CD1 1 
ATOM   769  C  CD1 B LEU A 1 101 ? -4.996  -15.689 0.232   0.50 27.55 ? 83  LEU A CD1 1 
ATOM   770  C  CD2 A LEU A 1 101 ? -3.994  -14.107 -1.493  0.50 28.35 ? 83  LEU A CD2 1 
ATOM   771  C  CD2 B LEU A 1 101 ? -4.972  -16.214 -2.198  0.50 27.75 ? 83  LEU A CD2 1 
ATOM   772  N  N   . ILE A 1 102 ? -9.573  -14.843 -2.844  1.00 28.87 ? 84  ILE A N   1 
ATOM   773  C  CA  . ILE A 1 102 ? -10.829 -14.145 -3.067  1.00 33.41 ? 84  ILE A CA  1 
ATOM   774  C  C   . ILE A 1 102 ? -11.834 -15.054 -3.764  1.00 33.37 ? 84  ILE A C   1 
ATOM   775  O  O   . ILE A 1 102 ? -11.497 -15.759 -4.719  1.00 36.03 ? 84  ILE A O   1 
ATOM   776  C  CB  . ILE A 1 102 ? -10.617 -12.755 -3.791  1.00 30.70 ? 84  ILE A CB  1 
ATOM   777  C  CG1 . ILE A 1 102 ? -9.969  -11.806 -2.736  1.00 30.95 ? 84  ILE A CG1 1 
ATOM   778  C  CG2 . ILE A 1 102 ? -11.966 -12.189 -4.240  1.00 31.21 ? 84  ILE A CG2 1 
ATOM   779  C  CD1 . ILE A 1 102 ? -9.565  -10.418 -3.178  1.00 32.20 ? 84  ILE A CD1 1 
ATOM   780  N  N   . ILE A 1 103 ? -13.055 -15.036 -3.267  1.00 33.66 ? 85  ILE A N   1 
ATOM   781  C  CA  . ILE A 1 103 ? -14.149 -15.695 -3.928  1.00 34.58 ? 85  ILE A CA  1 
ATOM   782  C  C   . ILE A 1 103 ? -15.055 -14.638 -4.541  1.00 31.10 ? 85  ILE A C   1 
ATOM   783  O  O   . ILE A 1 103 ? -15.480 -13.694 -3.831  1.00 33.77 ? 85  ILE A O   1 
ATOM   784  C  CB  . ILE A 1 103 ? -14.934 -16.552 -2.905  1.00 35.71 ? 85  ILE A CB  1 
ATOM   785  C  CG1 . ILE A 1 103 ? -14.008 -17.642 -2.346  1.00 40.15 ? 85  ILE A CG1 1 
ATOM   786  C  CG2 . ILE A 1 103 ? -16.116 -17.197 -3.581  1.00 37.98 ? 85  ILE A CG2 1 
ATOM   787  C  CD1 . ILE A 1 103 ? -14.363 -18.131 -0.955  1.00 47.10 ? 85  ILE A CD1 1 
ATOM   788  N  N   . LYS A 1 104 ? -15.354 -14.766 -5.835  1.00 31.26 ? 86  LYS A N   1 
ATOM   789  C  CA  . LYS A 1 104 ? -16.214 -13.823 -6.551  1.00 35.82 ? 86  LYS A CA  1 
ATOM   790  C  C   . LYS A 1 104 ? -17.516 -14.497 -6.815  1.00 39.94 ? 86  LYS A C   1 
ATOM   791  O  O   . LYS A 1 104 ? -17.534 -15.588 -7.370  1.00 42.23 ? 86  LYS A O   1 
ATOM   792  C  CB  . LYS A 1 104 ? -15.637 -13.471 -7.914  1.00 41.66 ? 86  LYS A CB  1 
ATOM   793  C  CG  . LYS A 1 104 ? -14.360 -12.678 -7.876  1.00 48.09 ? 86  LYS A CG  1 
ATOM   794  C  CD  . LYS A 1 104 ? -13.995 -12.273 -9.285  1.00 46.95 ? 86  LYS A CD  1 
ATOM   795  C  CE  . LYS A 1 104 ? -12.820 -11.345 -9.279  1.00 41.74 ? 86  LYS A CE  1 
ATOM   796  N  NZ  . LYS A 1 104 ? -12.627 -10.844 -10.664 1.00 44.75 ? 86  LYS A NZ  1 
ATOM   797  N  N   . THR A 1 105 ? -18.614 -13.871 -6.430  1.00 42.95 ? 87  THR A N   1 
ATOM   798  C  CA  . THR A 1 105 ? -19.902 -14.468 -6.728  1.00 47.87 ? 87  THR A CA  1 
ATOM   799  C  C   . THR A 1 105 ? -20.843 -13.477 -7.400  1.00 46.94 ? 87  THR A C   1 
ATOM   800  O  O   . THR A 1 105 ? -20.913 -12.291 -7.019  1.00 42.03 ? 87  THR A O   1 
ATOM   801  C  CB  . THR A 1 105 ? -20.593 -14.936 -5.454  1.00 49.25 ? 87  THR A CB  1 
ATOM   802  O  OG1 . THR A 1 105 ? -20.749 -13.791 -4.642  1.00 48.77 ? 87  THR A OG1 1 
ATOM   803  C  CG2 . THR A 1 105 ? -19.734 -15.975 -4.699  1.00 47.70 ? 87  THR A CG2 1 
ATOM   804  N  N   A LYS A 1 106 ? -21.564 -13.961 -8.401  0.50 43.56 ? 88  LYS A N   1 
ATOM   805  N  N   B LYS A 1 106 ? -21.559 -13.971 -8.402  0.50 43.11 ? 88  LYS A N   1 
ATOM   806  C  CA  A LYS A 1 106 ? -22.587 -13.175 -9.070  0.50 47.91 ? 88  LYS A CA  1 
ATOM   807  C  CA  B LYS A 1 106 ? -22.639 -13.225 -9.018  0.50 46.94 ? 88  LYS A CA  1 
ATOM   808  C  C   A LYS A 1 106 ? -23.661 -12.816 -8.062  0.50 51.40 ? 88  LYS A C   1 
ATOM   809  C  C   B LYS A 1 106 ? -23.555 -12.795 -7.904  0.50 49.77 ? 88  LYS A C   1 
ATOM   810  O  O   A LYS A 1 106 ? -24.225 -13.695 -7.413  0.50 57.12 ? 88  LYS A O   1 
ATOM   811  O  O   B LYS A 1 106 ? -23.890 -13.587 -7.023  0.50 49.88 ? 88  LYS A O   1 
ATOM   812  C  CB  A LYS A 1 106 ? -23.205 -13.970 -10.216 0.50 46.06 ? 88  LYS A CB  1 
ATOM   813  C  CB  B LYS A 1 106 ? -23.419 -14.096 -10.002 0.50 45.22 ? 88  LYS A CB  1 
ATOM   814  C  CG  A LYS A 1 106 ? -22.450 -13.878 -11.538 0.50 47.50 ? 88  LYS A CG  1 
ATOM   815  C  CG  B LYS A 1 106 ? -22.710 -14.343 -11.329 0.50 48.62 ? 88  LYS A CG  1 
ATOM   816  C  CD  A LYS A 1 106 ? -21.073 -14.507 -11.488 0.50 43.58 ? 88  LYS A CD  1 
ATOM   817  C  CD  B LYS A 1 106 ? -23.588 -15.163 -12.267 0.50 44.30 ? 88  LYS A CD  1 
ATOM   818  C  CE  A LYS A 1 106 ? -20.696 -14.955 -12.886 0.50 48.11 ? 88  LYS A CE  1 
ATOM   819  C  CE  B LYS A 1 106 ? -22.781 -15.662 -13.433 0.50 44.72 ? 88  LYS A CE  1 
ATOM   820  N  NZ  A LYS A 1 106 ? -19.568 -15.932 -12.891 0.50 44.95 ? 88  LYS A NZ  1 
ATOM   821  N  NZ  B LYS A 1 106 ? -23.687 -16.504 -14.248 0.50 50.78 ? 88  LYS A NZ  1 
ATOM   822  N  N   . ASP A 1 107 ? -23.912 -11.525 -7.907  1.00 47.97 ? 89  ASP A N   1 
ATOM   823  C  CA  . ASP A 1 107 ? -24.957 -11.039 -7.036  1.00 61.65 ? 89  ASP A CA  1 
ATOM   824  C  C   . ASP A 1 107 ? -26.289 -11.627 -7.576  1.00 60.17 ? 89  ASP A C   1 
ATOM   825  O  O   . ASP A 1 107 ? -26.481 -11.697 -8.800  1.00 62.40 ? 89  ASP A O   1 
ATOM   826  C  CB  . ASP A 1 107 ? -24.895 -9.508  -7.099  1.00 63.46 ? 89  ASP A CB  1 
ATOM   827  C  CG  . ASP A 1 107 ? -25.869 -8.846  -6.183  1.00 71.25 ? 89  ASP A CG  1 
ATOM   828  O  OD1 . ASP A 1 107 ? -25.442 -8.474  -5.059  1.00 62.92 ? 89  ASP A OD1 1 
ATOM   829  O  OD2 . ASP A 1 107 ? -27.052 -8.702  -6.598  1.00 71.70 ? 89  ASP A OD2 1 
ATOM   830  N  N   . LEU A 1 108 ? -27.178 -12.105 -6.700  1.00 61.97 ? 90  LEU A N   1 
ATOM   831  C  CA  . LEU A 1 108 ? -28.460 -12.692 -7.154  1.00 62.41 ? 90  LEU A CA  1 
ATOM   832  C  C   . LEU A 1 108 ? -29.382 -11.626 -7.745  1.00 69.81 ? 90  LEU A C   1 
ATOM   833  O  O   . LEU A 1 108 ? -29.702 -10.639 -7.073  1.00 65.97 ? 90  LEU A O   1 
ATOM   834  N  N   . ASP A 1 109 ? -29.796 -11.788 -9.005  1.00 71.13 ? 91  ASP A N   1 
ATOM   835  C  CA  . ASP A 1 109 ? -30.656 -10.777 -9.653  1.00 72.06 ? 91  ASP A CA  1 
ATOM   836  C  C   . ASP A 1 109 ? -30.003 -9.468  -10.131 1.00 72.64 ? 91  ASP A C   1 
ATOM   837  O  O   . ASP A 1 109 ? -30.236 -9.083  -11.285 1.00 83.07 ? 91  ASP A O   1 
ATOM   838  N  N   . LYS A 1 110 ? -29.236 -8.766  -9.259  1.00 63.56 ? 92  LYS A N   1 
ATOM   839  C  CA  . LYS A 1 110 ? -28.365 -7.618  -9.636  1.00 50.14 ? 92  LYS A CA  1 
ATOM   840  C  C   . LYS A 1 110 ? -27.358 -7.982  -10.743 1.00 55.03 ? 92  LYS A C   1 
ATOM   841  O  O   . LYS A 1 110 ? -26.164 -8.048  -10.505 1.00 52.63 ? 92  LYS A O   1 
ATOM   842  N  N   . LYS A 1 111 ? -27.851 -8.236  -11.958 1.00 47.04 ? 93  LYS A N   1 
ATOM   843  C  CA  . LYS A 1 111 ? -27.066 -8.699  -13.088 1.00 46.05 ? 93  LYS A CA  1 
ATOM   844  C  C   . LYS A 1 111 ? -25.766 -7.901  -13.399 1.00 45.58 ? 93  LYS A C   1 
ATOM   845  O  O   . LYS A 1 111 ? -25.791 -6.684  -13.475 1.00 44.49 ? 93  LYS A O   1 
ATOM   846  C  CB  . LYS A 1 111 ? -27.936 -8.675  -14.321 1.00 44.45 ? 93  LYS A CB  1 
ATOM   847  C  CG  . LYS A 1 111 ? -27.277 -9.396  -15.480 1.00 42.89 ? 93  LYS A CG  1 
ATOM   848  C  CD  . LYS A 1 111 ? -28.114 -9.266  -16.743 1.00 47.04 ? 93  LYS A CD  1 
ATOM   849  C  CE  . LYS A 1 111 ? -27.649 -10.308 -17.734 1.00 50.40 ? 93  LYS A CE  1 
ATOM   850  N  NZ  . LYS A 1 111 ? -28.074 -9.875  -19.083 1.00 49.35 ? 93  LYS A NZ  1 
ATOM   851  N  N   . HIS A 1 112 ? -24.668 -8.621  -13.627 1.00 36.72 ? 94  HIS A N   1 
ATOM   852  C  CA  . HIS A 1 112 ? -23.323 -8.060  -13.880 1.00 38.49 ? 94  HIS A CA  1 
ATOM   853  C  C   . HIS A 1 112 ? -22.678 -7.517  -12.610 1.00 41.57 ? 94  HIS A C   1 
ATOM   854  O  O   . HIS A 1 112 ? -21.488 -7.249  -12.632 1.00 40.29 ? 94  HIS A O   1 
ATOM   855  C  CB  . HIS A 1 112 ? -23.309 -6.951  -14.974 1.00 33.77 ? 94  HIS A CB  1 
ATOM   856  C  CG  . HIS A 1 112 ? -23.814 -7.400  -16.299 1.00 35.24 ? 94  HIS A CG  1 
ATOM   857  N  ND1 . HIS A 1 112 ? -23.259 -8.458  -16.995 1.00 37.90 ? 94  HIS A ND1 1 
ATOM   858  C  CD2 . HIS A 1 112 ? -24.839 -6.936  -17.063 1.00 37.28 ? 94  HIS A CD2 1 
ATOM   859  C  CE1 . HIS A 1 112 ? -23.911 -8.619  -18.136 1.00 43.33 ? 94  HIS A CE1 1 
ATOM   860  N  NE2 . HIS A 1 112 ? -24.862 -7.694  -18.209 1.00 37.89 ? 94  HIS A NE2 1 
ATOM   861  N  N   . MET A 1 113 ? -23.422 -7.391  -11.505 1.00 38.19 ? 95  MET A N   1 
ATOM   862  C  CA  . MET A 1 113 ? -22.756 -7.043  -10.243 1.00 45.66 ? 95  MET A CA  1 
ATOM   863  C  C   . MET A 1 113 ? -22.131 -8.267  -9.534  1.00 44.86 ? 95  MET A C   1 
ATOM   864  O  O   . MET A 1 113 ? -22.699 -9.379  -9.511  1.00 39.02 ? 95  MET A O   1 
ATOM   865  C  CB  . MET A 1 113 ? -23.611 -6.206  -9.297  1.00 48.08 ? 95  MET A CB  1 
ATOM   866  C  CG  . MET A 1 113 ? -22.700 -5.297  -8.449  1.00 65.34 ? 95  MET A CG  1 
ATOM   867  S  SD  . MET A 1 113 ? -23.276 -4.640  -6.862  1.00 69.92 ? 95  MET A SD  1 
ATOM   868  C  CE  . MET A 1 113 ? -23.393 -6.135  -5.852  1.00 54.70 ? 95  MET A CE  1 
ATOM   869  N  N   . VAL A 1 114 ? -20.917 -8.048  -9.046  1.00 41.75 ? 96  VAL A N   1 
ATOM   870  C  CA  . VAL A 1 114 ? -20.052 -9.076  -8.474  1.00 45.36 ? 96  VAL A CA  1 
ATOM   871  C  C   . VAL A 1 114 ? -19.889 -8.808  -6.974  1.00 43.28 ? 96  VAL A C   1 
ATOM   872  O  O   . VAL A 1 114 ? -19.800 -7.624  -6.546  1.00 37.80 ? 96  VAL A O   1 
ATOM   873  C  CB  . VAL A 1 114 ? -18.688 -9.116  -9.231  1.00 45.34 ? 96  VAL A CB  1 
ATOM   874  C  CG1 . VAL A 1 114 ? -17.672 -10.018 -8.535  1.00 44.36 ? 96  VAL A CG1 1 
ATOM   875  C  CG2 . VAL A 1 114 ? -18.890 -9.663  -10.651 1.00 46.88 ? 96  VAL A CG2 1 
ATOM   876  N  N   . ARG A 1 115 ? -19.873 -9.865  -6.149  1.00 39.75 ? 97  ARG A N   1 
ATOM   877  C  CA  . ARG A 1 115 ? -19.438 -9.679  -4.755  1.00 36.52 ? 97  ARG A CA  1 
ATOM   878  C  C   . ARG A 1 115 ? -18.083 -10.312 -4.548  1.00 34.04 ? 97  ARG A C   1 
ATOM   879  O  O   . ARG A 1 115 ? -17.766 -11.334 -5.184  1.00 33.11 ? 97  ARG A O   1 
ATOM   880  C  CB  . ARG A 1 115 ? -20.483 -10.095 -3.735  1.00 39.92 ? 97  ARG A CB  1 
ATOM   881  C  CG  . ARG A 1 115 ? -21.723 -9.276  -3.903  1.00 48.87 ? 97  ARG A CG  1 
ATOM   882  C  CD  . ARG A 1 115 ? -22.539 -9.186  -2.643  1.00 58.85 ? 97  ARG A CD  1 
ATOM   883  N  NE  . ARG A 1 115 ? -23.158 -7.866  -2.597  1.00 68.54 ? 97  ARG A NE  1 
ATOM   884  C  CZ  . ARG A 1 115 ? -22.791 -6.876  -1.779  1.00 72.21 ? 97  ARG A CZ  1 
ATOM   885  N  NH1 . ARG A 1 115 ? -21.826 -7.045  -0.858  1.00 69.58 ? 97  ARG A NH1 1 
ATOM   886  N  NH2 . ARG A 1 115 ? -23.420 -5.711  -1.865  1.00 75.60 ? 97  ARG A NH2 1 
ATOM   887  N  N   . ILE A 1 116 ? -17.230 -9.676  -3.739  1.00 28.31 ? 98  ILE A N   1 
ATOM   888  C  CA  . ILE A 1 116 ? -15.889 -10.264 -3.551  1.00 27.50 ? 98  ILE A CA  1 
ATOM   889  C  C   . ILE A 1 116 ? -15.758 -10.515 -2.036  1.00 30.75 ? 98  ILE A C   1 
ATOM   890  O  O   . ILE A 1 116 ? -16.199 -9.689  -1.252  1.00 28.70 ? 98  ILE A O   1 
ATOM   891  C  CB  . ILE A 1 116 ? -14.739 -9.378  -4.073  1.00 28.65 ? 98  ILE A CB  1 
ATOM   892  C  CG1 . ILE A 1 116 ? -14.843 -7.919  -3.540  1.00 32.55 ? 98  ILE A CG1 1 
ATOM   893  C  CG2 . ILE A 1 116 ? -14.619 -9.479  -5.605  1.00 31.19 ? 98  ILE A CG2 1 
ATOM   894  C  CD1 . ILE A 1 116 ? -13.628 -7.027  -3.921  1.00 32.72 ? 98  ILE A CD1 1 
ATOM   895  N  N   . LYS A 1 117 ? -15.160 -11.635 -1.666  1.00 30.65 ? 99  LYS A N   1 
ATOM   896  C  CA  . LYS A 1 117 ? -15.170 -12.144 -0.281  1.00 29.87 ? 99  LYS A CA  1 
ATOM   897  C  C   . LYS A 1 117 ? -13.880 -12.835 -0.039  1.00 28.22 ? 99  LYS A C   1 
ATOM   898  O  O   . LYS A 1 117 ? -13.412 -13.633 -0.882  1.00 29.03 ? 99  LYS A O   1 
ATOM   899  C  CB  . LYS A 1 117 ? -16.253 -13.232 -0.136  1.00 37.40 ? 99  LYS A CB  1 
ATOM   900  C  CG  . LYS A 1 117 ? -16.494 -13.725 1.277   1.00 42.16 ? 99  LYS A CG  1 
ATOM   901  C  CD  . LYS A 1 117 ? -17.571 -14.786 1.215   1.00 46.03 ? 99  LYS A CD  1 
ATOM   902  C  CE  . LYS A 1 117 ? -17.271 -15.911 2.172   1.00 58.62 ? 99  LYS A CE  1 
ATOM   903  N  NZ  . LYS A 1 117 ? -18.232 -17.016 1.865   1.00 64.81 ? 99  LYS A NZ  1 
ATOM   904  N  N   . LEU A 1 118 ? -13.304 -12.583 1.135   1.00 27.68 ? 100 LEU A N   1 
ATOM   905  C  CA  . LEU A 1 118 ? -12.081 -13.279 1.535   1.00 26.99 ? 100 LEU A CA  1 
ATOM   906  C  C   . LEU A 1 118 ? -12.445 -14.712 1.906   1.00 27.59 ? 100 LEU A C   1 
ATOM   907  O  O   . LEU A 1 118 ? -13.428 -14.930 2.594   1.00 24.25 ? 100 LEU A O   1 
ATOM   908  C  CB  . LEU A 1 118 ? -11.459 -12.632 2.794   1.00 25.63 ? 100 LEU A CB  1 
ATOM   909  C  CG  . LEU A 1 118 ? -10.962 -11.161 2.628   1.00 26.62 ? 100 LEU A CG  1 
ATOM   910  C  CD1 . LEU A 1 118 ? -10.431 -10.597 3.961   1.00 25.57 ? 100 LEU A CD1 1 
ATOM   911  C  CD2 . LEU A 1 118 ? -9.945  -10.989 1.495   1.00 26.30 ? 100 LEU A CD2 1 
ATOM   912  N  N   . SER A 1 119 ? -11.624 -15.647 1.461   1.00 24.38 ? 101 SER A N   1 
ATOM   913  C  CA  . SER A 1 119 ? -11.753 -17.036 1.855   1.00 31.86 ? 101 SER A CA  1 
ATOM   914  C  C   . SER A 1 119 ? -11.198 -17.204 3.290   1.00 30.70 ? 101 SER A C   1 
ATOM   915  O  O   . SER A 1 119 ? -10.501 -16.316 3.821   1.00 27.37 ? 101 SER A O   1 
ATOM   916  C  CB  . SER A 1 119 ? -10.966 -17.888 0.845   1.00 27.64 ? 101 SER A CB  1 
ATOM   917  O  OG  . SER A 1 119 ? -9.549  -17.630 0.962   1.00 30.65 ? 101 SER A OG  1 
ATOM   918  N  N   A GLU A 1 120 ? -11.472 -18.340 3.937   0.50 31.96 ? 102 GLU A N   1 
ATOM   919  N  N   B GLU A 1 120 ? -11.488 -18.354 3.885   0.50 30.45 ? 102 GLU A N   1 
ATOM   920  C  CA  A GLU A 1 120 ? -10.901 -18.569 5.291   0.50 31.20 ? 102 GLU A CA  1 
ATOM   921  C  CA  B GLU A 1 120 ? -10.914 -18.691 5.184   0.50 29.54 ? 102 GLU A CA  1 
ATOM   922  C  C   A GLU A 1 120 ? -9.366  -18.619 5.226   0.50 29.52 ? 102 GLU A C   1 
ATOM   923  C  C   B GLU A 1 120 ? -9.424  -18.556 5.160   0.50 27.89 ? 102 GLU A C   1 
ATOM   924  O  O   A GLU A 1 120 ? -8.669  -18.179 6.141   0.50 29.64 ? 102 GLU A O   1 
ATOM   925  O  O   B GLU A 1 120 ? -8.828  -17.972 6.054   0.50 28.57 ? 102 GLU A O   1 
ATOM   926  C  CB  A GLU A 1 120 ? -11.573 -19.804 6.013   0.50 31.49 ? 102 GLU A CB  1 
ATOM   927  C  CB  B GLU A 1 120 ? -11.295 -20.132 5.554   0.50 26.99 ? 102 GLU A CB  1 
ATOM   928  C  CG  A GLU A 1 120 ? -13.069 -19.909 5.722   0.50 33.02 ? 102 GLU A CG  1 
ATOM   929  C  CG  B GLU A 1 120 ? -10.690 -20.611 6.853   0.50 28.29 ? 102 GLU A CG  1 
ATOM   930  C  CD  A GLU A 1 120 ? -13.945 -20.554 6.823   0.50 34.78 ? 102 GLU A CD  1 
ATOM   931  C  CD  B GLU A 1 120 ? -11.150 -22.026 7.134   0.50 23.76 ? 102 GLU A CD  1 
ATOM   932  O  OE1 A GLU A 1 120 ? -13.571 -21.586 7.387   0.50 29.00 ? 102 GLU A OE1 1 
ATOM   933  O  OE1 B GLU A 1 120 ? -12.335 -22.208 7.258   0.50 24.70 ? 102 GLU A OE1 1 
ATOM   934  O  OE2 A GLU A 1 120 ? -15.053 -20.043 7.092   0.50 32.91 ? 102 GLU A OE2 1 
ATOM   935  O  OE2 B GLU A 1 120 ? -10.332 -22.924 7.123   0.50 25.33 ? 102 GLU A OE2 1 
ATOM   936  N  N   . LYS A 1 121 ? -8.822  -19.128 4.119   1.00 30.25 ? 103 LYS A N   1 
ATOM   937  C  CA  . LYS A 1 121 ? -7.386  -19.128 3.917   1.00 29.78 ? 103 LYS A CA  1 
ATOM   938  C  C   . LYS A 1 121 ? -6.833  -17.690 3.917   1.00 29.91 ? 103 LYS A C   1 
ATOM   939  O  O   . LYS A 1 121 ? -5.799  -17.416 4.562   1.00 27.13 ? 103 LYS A O   1 
ATOM   940  C  CB  . LYS A 1 121 ? -7.041  -19.795 2.591   1.00 37.76 ? 103 LYS A CB  1 
ATOM   941  C  CG  . LYS A 1 121 ? -5.561  -19.727 2.244   1.00 47.75 ? 103 LYS A CG  1 
ATOM   942  C  CD  . LYS A 1 121 ? -5.326  -20.396 0.892   1.00 57.65 ? 103 LYS A CD  1 
ATOM   943  C  CE  . LYS A 1 121 ? -3.997  -19.935 0.291   1.00 56.34 ? 103 LYS A CE  1 
ATOM   944  N  NZ  . LYS A 1 121 ? -3.624  -20.874 -0.808  1.00 76.28 ? 103 LYS A NZ  1 
ATOM   945  N  N   . ALA A 1 122 ? -7.522  -16.794 3.200   1.00 27.30 ? 104 ALA A N   1 
ATOM   946  C  CA  . ALA A 1 122 ? -7.077  -15.396 3.136   1.00 26.88 ? 104 ALA A CA  1 
ATOM   947  C  C   . ALA A 1 122 ? -7.091  -14.760 4.492   1.00 24.75 ? 104 ALA A C   1 
ATOM   948  O  O   . ALA A 1 122 ? -6.150  -14.010 4.862   1.00 25.67 ? 104 ALA A O   1 
ATOM   949  C  CB  . ALA A 1 122 ? -7.995  -14.562 2.182   1.00 24.07 ? 104 ALA A CB  1 
ATOM   950  N  N   . ILE A 1 123 ? -8.174  -15.007 5.233   1.00 28.14 ? 105 ILE A N   1 
ATOM   951  C  CA  . ILE A 1 123 ? -8.308  -14.394 6.548   1.00 25.32 ? 105 ILE A CA  1 
ATOM   952  C  C   . ILE A 1 123 ? -7.204  -14.902 7.478   1.00 27.62 ? 105 ILE A C   1 
ATOM   953  O  O   . ILE A 1 123 ? -6.580  -14.133 8.198   1.00 29.21 ? 105 ILE A O   1 
ATOM   954  C  CB  . ILE A 1 123 ? -9.758  -14.587 7.113   1.00 31.99 ? 105 ILE A CB  1 
ATOM   955  C  CG1 . ILE A 1 123 ? -10.711 -13.690 6.324   1.00 28.93 ? 105 ILE A CG1 1 
ATOM   956  C  CG2 . ILE A 1 123 ? -9.822  -14.074 8.541   1.00 29.65 ? 105 ILE A CG2 1 
ATOM   957  C  CD1 . ILE A 1 123 ? -12.197 -14.026 6.463   1.00 32.64 ? 105 ILE A CD1 1 
ATOM   958  N  N   . ASP A 1 124 ? -6.936  -16.211 7.444   1.00 28.31 ? 106 ASP A N   1 
ATOM   959  C  CA  . ASP A 1 124 ? -5.815  -16.780 8.202   1.00 29.35 ? 106 ASP A CA  1 
ATOM   960  C  C   . ASP A 1 124 ? -4.495  -16.210 7.770   1.00 28.27 ? 106 ASP A C   1 
ATOM   961  O  O   . ASP A 1 124 ? -3.629  -16.002 8.603   1.00 29.12 ? 106 ASP A O   1 
ATOM   962  C  CB  . ASP A 1 124 ? -5.775  -18.322 8.079   1.00 30.30 ? 106 ASP A CB  1 
ATOM   963  C  CG  . ASP A 1 124 ? -6.996  -18.983 8.762   1.00 33.30 ? 106 ASP A CG  1 
ATOM   964  O  OD1 . ASP A 1 124 ? -7.806  -18.287 9.461   1.00 34.46 ? 106 ASP A OD1 1 
ATOM   965  O  OD2 . ASP A 1 124 ? -7.194  -20.184 8.535   1.00 34.21 ? 106 ASP A OD2 1 
ATOM   966  N  N   . THR A 1 125 ? -4.325  -15.936 6.478   1.00 28.21 ? 107 THR A N   1 
ATOM   967  C  CA  . THR A 1 125 ? -3.038  -15.381 5.971   1.00 26.08 ? 107 THR A CA  1 
ATOM   968  C  C   . THR A 1 125 ? -2.874  -13.956 6.453   1.00 25.38 ? 107 THR A C   1 
ATOM   969  O  O   . THR A 1 125 ? -1.757  -13.501 6.838   1.00 24.59 ? 107 THR A O   1 
ATOM   970  C  CB  . THR A 1 125 ? -3.039  -15.421 4.401   1.00 28.91 ? 107 THR A CB  1 
ATOM   971  O  OG1 . THR A 1 125 ? -3.198  -16.769 4.015   1.00 32.28 ? 107 THR A OG1 1 
ATOM   972  C  CG2 . THR A 1 125 ? -1.742  -14.914 3.786   1.00 28.09 ? 107 THR A CG2 1 
ATOM   973  N  N   . PHE A 1 126 ? -4.007  -13.238 6.466   1.00 24.35 ? 108 PHE A N   1 
ATOM   974  C  CA  . PHE A 1 126 ? -3.986  -11.833 6.872   1.00 25.68 ? 108 PHE A CA  1 
ATOM   975  C  C   . PHE A 1 126 ? -3.556  -11.733 8.344   1.00 26.36 ? 108 PHE A C   1 
ATOM   976  O  O   . PHE A 1 126 ? -2.730  -10.925 8.699   1.00 28.38 ? 108 PHE A O   1 
ATOM   977  C  CB  . PHE A 1 126 ? -5.387  -11.175 6.673   1.00 22.78 ? 108 PHE A CB  1 
ATOM   978  C  CG  . PHE A 1 126 ? -5.482  -9.860  7.368   1.00 27.15 ? 108 PHE A CG  1 
ATOM   979  C  CD1 . PHE A 1 126 ? -4.862  -8.712  6.799   1.00 25.44 ? 108 PHE A CD1 1 
ATOM   980  C  CD2 . PHE A 1 126 ? -6.112  -9.767  8.618   1.00 27.42 ? 108 PHE A CD2 1 
ATOM   981  C  CE1 . PHE A 1 126 ? -4.869  -7.471  7.479   1.00 26.77 ? 108 PHE A CE1 1 
ATOM   982  C  CE2 . PHE A 1 126 ? -6.143  -8.518  9.297   1.00 32.31 ? 108 PHE A CE2 1 
ATOM   983  C  CZ  . PHE A 1 126 ? -5.519  -7.364  8.714   1.00 25.99 ? 108 PHE A CZ  1 
ATOM   984  N  N   A TYR A 1 127 ? -4.203  -12.548 9.196   0.50 28.19 ? 109 TYR A N   1 
ATOM   985  N  N   B TYR A 1 127 ? -4.162  -12.515 9.215   0.50 26.62 ? 109 TYR A N   1 
ATOM   986  C  CA  A TYR A 1 127 ? -3.827  -12.709 10.608  0.50 29.25 ? 109 TYR A CA  1 
ATOM   987  C  CA  B TYR A 1 127 ? -3.769  -12.424 10.594  0.50 26.00 ? 109 TYR A CA  1 
ATOM   988  C  C   A TYR A 1 127 ? -2.323  -12.735 10.700  0.50 27.94 ? 109 TYR A C   1 
ATOM   989  C  C   B TYR A 1 127 ? -2.274  -12.772 10.801  0.50 26.30 ? 109 TYR A C   1 
ATOM   990  O  O   A TYR A 1 127 ? -1.724  -11.868 11.316  0.50 27.51 ? 109 TYR A O   1 
ATOM   991  O  O   B TYR A 1 127 ? -1.620  -12.188 11.661  0.50 26.37 ? 109 TYR A O   1 
ATOM   992  C  CB  A TYR A 1 127 ? -4.431  -14.027 11.158  0.50 29.58 ? 109 TYR A CB  1 
ATOM   993  C  CB  B TYR A 1 127 ? -4.666  -13.350 11.413  0.50 24.70 ? 109 TYR A CB  1 
ATOM   994  C  CG  A TYR A 1 127 ? -4.041  -14.495 12.571  0.50 30.87 ? 109 TYR A CG  1 
ATOM   995  C  CG  B TYR A 1 127 ? -5.992  -12.798 11.893  0.50 23.84 ? 109 TYR A CG  1 
ATOM   996  C  CD1 A TYR A 1 127 ? -2.800  -15.096 12.838  0.50 32.58 ? 109 TYR A CD1 1 
ATOM   997  C  CD1 B TYR A 1 127 ? -6.043  -11.729 12.814  0.50 27.43 ? 109 TYR A CD1 1 
ATOM   998  C  CD2 A TYR A 1 127 ? -4.946  -14.406 13.627  0.50 36.39 ? 109 TYR A CD2 1 
ATOM   999  C  CD2 B TYR A 1 127 ? -7.204  -13.434 11.561  0.50 25.08 ? 109 TYR A CD2 1 
ATOM   1000 C  CE1 A TYR A 1 127 ? -2.460  -15.507 14.109  0.50 29.76 ? 109 TYR A CE1 1 
ATOM   1001 C  CE1 B TYR A 1 127 ? -7.273  -11.286 13.330  0.50 24.13 ? 109 TYR A CE1 1 
ATOM   1002 C  CE2 A TYR A 1 127 ? -4.611  -14.839 14.900  0.50 31.78 ? 109 TYR A CE2 1 
ATOM   1003 C  CE2 B TYR A 1 127 ? -8.427  -12.972 12.084  0.50 22.80 ? 109 TYR A CE2 1 
ATOM   1004 C  CZ  A TYR A 1 127 ? -3.385  -15.378 15.123  0.50 27.96 ? 109 TYR A CZ  1 
ATOM   1005 C  CZ  B TYR A 1 127 ? -8.443  -11.915 12.954  0.50 24.74 ? 109 TYR A CZ  1 
ATOM   1006 O  OH  A TYR A 1 127 ? -3.144  -15.818 16.375  0.50 35.77 ? 109 TYR A OH  1 
ATOM   1007 O  OH  B TYR A 1 127 ? -9.650  -11.467 13.507  0.50 28.61 ? 109 TYR A OH  1 
ATOM   1008 N  N   . GLN A 1 128 ? -1.728  -13.722 10.034  1.00 26.92 ? 110 GLN A N   1 
ATOM   1009 C  CA  . GLN A 1 128 ? -0.278  -14.004 10.146  1.00 28.77 ? 110 GLN A CA  1 
ATOM   1010 C  C   . GLN A 1 128 ? 0.522   -12.809 9.609   1.00 27.29 ? 110 GLN A C   1 
ATOM   1011 O  O   . GLN A 1 128 ? 1.462   -12.339 10.270  1.00 25.92 ? 110 GLN A O   1 
ATOM   1012 C  CB  . GLN A 1 128 ? 0.149   -15.287 9.420   1.00 28.79 ? 110 GLN A CB  1 
ATOM   1013 C  CG  . GLN A 1 128 ? -0.512  -16.596 9.917   1.00 33.31 ? 110 GLN A CG  1 
ATOM   1014 C  CD  . GLN A 1 128 ? -0.434  -17.700 8.846   1.00 37.46 ? 110 GLN A CD  1 
ATOM   1015 O  OE1 . GLN A 1 128 ? 0.625   -18.282 8.622   1.00 36.90 ? 110 GLN A OE1 1 
ATOM   1016 N  NE2 . GLN A 1 128 ? -1.565  -17.974 8.182   1.00 36.15 ? 110 GLN A NE2 1 
ATOM   1017 N  N   . ALA A 1 129 ? 0.147   -12.311 8.441   1.00 25.88 ? 111 ALA A N   1 
ATOM   1018 C  CA  . ALA A 1 129 ? 0.893   -11.212 7.782   1.00 26.16 ? 111 ALA A CA  1 
ATOM   1019 C  C   . ALA A 1 129 ? 0.789   -9.916  8.580   1.00 26.62 ? 111 ALA A C   1 
ATOM   1020 O  O   . ALA A 1 129 ? 1.698   -9.104  8.574   1.00 23.77 ? 111 ALA A O   1 
ATOM   1021 C  CB  . ALA A 1 129 ? 0.285   -10.990 6.379   1.00 24.43 ? 111 ALA A CB  1 
ATOM   1022 N  N   . LEU A 1 130 ? -0.352  -9.680  9.241   1.00 23.31 ? 112 LEU A N   1 
ATOM   1023 C  CA  . LEU A 1 130 ? -0.461  -8.460  10.056  1.00 24.59 ? 112 LEU A CA  1 
ATOM   1024 C  C   . LEU A 1 130 ? 0.512   -8.507  11.241  1.00 26.21 ? 112 LEU A C   1 
ATOM   1025 O  O   . LEU A 1 130 ? 1.168   -7.531  11.566  1.00 23.66 ? 112 LEU A O   1 
ATOM   1026 C  CB  . LEU A 1 130 ? -1.914  -8.221  10.523  1.00 25.18 ? 112 LEU A CB  1 
ATOM   1027 C  CG  . LEU A 1 130 ? -2.176  -6.951  11.369  1.00 26.78 ? 112 LEU A CG  1 
ATOM   1028 C  CD1 . LEU A 1 130 ? -1.753  -5.637  10.686  1.00 25.19 ? 112 LEU A CD1 1 
ATOM   1029 C  CD2 . LEU A 1 130 ? -3.606  -6.858  11.925  1.00 28.98 ? 112 LEU A CD2 1 
ATOM   1030 N  N   . GLU A 1 131 ? 0.612   -9.669  11.885  1.00 27.12 ? 113 GLU A N   1 
ATOM   1031 C  CA  . GLU A 1 131 ? 1.477   -9.744  13.049  1.00 28.56 ? 113 GLU A CA  1 
ATOM   1032 C  C   . GLU A 1 131 ? 2.975   -9.561  12.631  1.00 28.80 ? 113 GLU A C   1 
ATOM   1033 O  O   . GLU A 1 131 ? 3.745   -8.809  13.272  1.00 27.14 ? 113 GLU A O   1 
ATOM   1034 C  CB  . GLU A 1 131 ? 1.207   -11.072 13.737  1.00 32.32 ? 113 GLU A CB  1 
ATOM   1035 C  CG  . GLU A 1 131 ? 1.451   -11.009 15.210  1.00 51.55 ? 113 GLU A CG  1 
ATOM   1036 C  CD  . GLU A 1 131 ? 2.009   -12.311 15.652  1.00 69.75 ? 113 GLU A CD  1 
ATOM   1037 O  OE1 . GLU A 1 131 ? 1.247   -13.317 15.520  1.00 77.47 ? 113 GLU A OE1 1 
ATOM   1038 O  OE2 . GLU A 1 131 ? 3.207   -12.318 16.039  1.00 73.60 ? 113 GLU A OE2 1 
ATOM   1039 N  N   . ILE A 1 132 ? 3.391   -10.241 11.569  1.00 26.25 ? 114 ILE A N   1 
ATOM   1040 C  CA  . ILE A 1 132 ? 4.766   -10.038 11.047  1.00 27.49 ? 114 ILE A CA  1 
ATOM   1041 C  C   . ILE A 1 132 ? 4.975   -8.591  10.612  1.00 25.77 ? 114 ILE A C   1 
ATOM   1042 O  O   . ILE A 1 132 ? 5.993   -8.004  11.009  1.00 27.97 ? 114 ILE A O   1 
ATOM   1043 C  CB  . ILE A 1 132 ? 5.050   -11.036 9.895   1.00 26.99 ? 114 ILE A CB  1 
ATOM   1044 C  CG1 . ILE A 1 132 ? 4.953   -12.461 10.487  1.00 27.32 ? 114 ILE A CG1 1 
ATOM   1045 C  CG2 . ILE A 1 132 ? 6.447   -10.799 9.304   1.00 26.87 ? 114 ILE A CG2 1 
ATOM   1046 C  CD1 . ILE A 1 132 ? 4.567   -13.529 9.464   1.00 33.39 ? 114 ILE A CD1 1 
ATOM   1047 N  N   . SER A 1 133 ? 4.053   -8.025  9.789   1.00 26.19 ? 115 SER A N   1 
ATOM   1048 C  CA  . SER A 1 133 ? 4.187   -6.618  9.347   1.00 25.94 ? 115 SER A CA  1 
ATOM   1049 C  C   . SER A 1 133 ? 4.345   -5.650  10.482  1.00 27.06 ? 115 SER A C   1 
ATOM   1050 O  O   . SER A 1 133 ? 5.168   -4.743  10.392  1.00 28.47 ? 115 SER A O   1 
ATOM   1051 C  CB  . SER A 1 133 ? 2.996   -6.080  8.475   1.00 23.90 ? 115 SER A CB  1 
ATOM   1052 O  OG  . SER A 1 133 ? 2.772   -6.937  7.391   1.00 29.88 ? 115 SER A OG  1 
ATOM   1053 N  N   . ASN A 1 134 ? 3.514   -5.752  11.541  1.00 25.88 ? 116 ASN A N   1 
ATOM   1054 C  CA  . ASN A 1 134 ? 3.760   -4.830  12.682  1.00 27.37 ? 116 ASN A CA  1 
ATOM   1055 C  C   . ASN A 1 134 ? 5.201   -4.860  13.193  1.00 24.52 ? 116 ASN A C   1 
ATOM   1056 O  O   . ASN A 1 134 ? 5.778   -3.790  13.461  1.00 27.50 ? 116 ASN A O   1 
ATOM   1057 C  CB  . ASN A 1 134 ? 2.756   -4.992  13.833  1.00 25.13 ? 116 ASN A CB  1 
ATOM   1058 C  CG  . ASN A 1 134 ? 1.362   -4.461  13.443  1.00 27.56 ? 116 ASN A CG  1 
ATOM   1059 O  OD1 . ASN A 1 134 ? 1.251   -3.434  12.735  1.00 27.15 ? 116 ASN A OD1 1 
ATOM   1060 N  ND2 . ASN A 1 134 ? 0.324   -5.122  13.914  1.00 27.38 ? 116 ASN A ND2 1 
ATOM   1061 N  N   . ARG A 1 135 ? 5.740   -6.071  13.362  1.00 25.29 ? 117 ARG A N   1 
ATOM   1062 C  CA  . ARG A 1 135 ? 7.126   -6.234  13.844  1.00 29.64 ? 117 ARG A CA  1 
ATOM   1063 C  C   . ARG A 1 135 ? 8.147   -5.642  12.856  1.00 26.38 ? 117 ARG A C   1 
ATOM   1064 O  O   . ARG A 1 135 ? 9.119   -4.960  13.243  1.00 22.15 ? 117 ARG A O   1 
ATOM   1065 C  CB  . ARG A 1 135 ? 7.442   -7.730  14.010  1.00 28.11 ? 117 ARG A CB  1 
ATOM   1066 C  CG  . ARG A 1 135 ? 6.836   -8.340  15.284  1.00 36.75 ? 117 ARG A CG  1 
ATOM   1067 C  CD  . ARG A 1 135 ? 7.032   -9.868  15.229  1.00 37.73 ? 117 ARG A CD  1 
ATOM   1068 N  NE  . ARG A 1 135 ? 8.479   -10.194 15.158  1.00 43.32 ? 117 ARG A NE  1 
ATOM   1069 C  CZ  . ARG A 1 135 ? 8.954   -11.285 14.533  1.00 48.65 ? 117 ARG A CZ  1 
ATOM   1070 N  NH1 . ARG A 1 135 ? 10.260  -11.552 14.501  1.00 42.35 ? 117 ARG A NH1 1 
ATOM   1071 N  NH2 . ARG A 1 135 ? 8.097   -12.100 13.915  1.00 49.26 ? 117 ARG A NH2 1 
ATOM   1072 N  N   . VAL A 1 136 ? 7.920   -5.922  11.575  1.00 26.54 ? 118 VAL A N   1 
ATOM   1073 C  CA  . VAL A 1 136 ? 8.819   -5.387  10.507  1.00 25.36 ? 118 VAL A CA  1 
ATOM   1074 C  C   . VAL A 1 136 ? 8.830   -3.863  10.534  1.00 25.01 ? 118 VAL A C   1 
ATOM   1075 O  O   . VAL A 1 136 ? 9.896   -3.263  10.602  1.00 26.81 ? 118 VAL A O   1 
ATOM   1076 C  CB  . VAL A 1 136 ? 8.363   -5.938  9.134   1.00 24.73 ? 118 VAL A CB  1 
ATOM   1077 C  CG1 . VAL A 1 136 ? 9.073   -5.281  7.949   1.00 25.20 ? 118 VAL A CG1 1 
ATOM   1078 C  CG2 . VAL A 1 136 ? 8.616   -7.439  9.084   1.00 25.05 ? 118 VAL A CG2 1 
ATOM   1079 N  N   . TYR A 1 137 ? 7.654   -3.214  10.505  1.00 24.49 ? 119 TYR A N   1 
ATOM   1080 C  CA  . TYR A 1 137 ? 7.641   -1.716  10.426  1.00 26.66 ? 119 TYR A CA  1 
ATOM   1081 C  C   . TYR A 1 137 ? 8.198   -1.104  11.701  1.00 26.84 ? 119 TYR A C   1 
ATOM   1082 O  O   . TYR A 1 137 ? 8.889   -0.108  11.684  1.00 26.30 ? 119 TYR A O   1 
ATOM   1083 C  CB  . TYR A 1 137 ? 6.218   -1.174  10.162  1.00 27.79 ? 119 TYR A CB  1 
ATOM   1084 C  CG  . TYR A 1 137 ? 5.582   -1.664  8.825   1.00 28.08 ? 119 TYR A CG  1 
ATOM   1085 C  CD1 . TYR A 1 137 ? 6.307   -1.577  7.622   1.00 31.58 ? 119 TYR A CD1 1 
ATOM   1086 C  CD2 . TYR A 1 137 ? 4.264   -2.209  8.791   1.00 29.13 ? 119 TYR A CD2 1 
ATOM   1087 C  CE1 . TYR A 1 137 ? 5.749   -2.012  6.403   1.00 27.67 ? 119 TYR A CE1 1 
ATOM   1088 C  CE2 . TYR A 1 137 ? 3.696   -2.635  7.578   1.00 31.42 ? 119 TYR A CE2 1 
ATOM   1089 C  CZ  . TYR A 1 137 ? 4.474   -2.549  6.417   1.00 28.51 ? 119 TYR A CZ  1 
ATOM   1090 O  OH  . TYR A 1 137 ? 3.949   -2.954  5.197   1.00 43.19 ? 119 TYR A OH  1 
ATOM   1091 N  N   . LYS A 1 138 ? 7.879   -1.706  12.833  1.00 28.91 ? 120 LYS A N   1 
ATOM   1092 C  CA  . LYS A 1 138 ? 8.491   -1.201  14.051  1.00 29.35 ? 120 LYS A CA  1 
ATOM   1093 C  C   . LYS A 1 138 ? 10.012  -1.285  14.073  1.00 28.57 ? 120 LYS A C   1 
ATOM   1094 O  O   . LYS A 1 138 ? 10.661  -0.324  14.509  1.00 29.06 ? 120 LYS A O   1 
ATOM   1095 C  CB  . LYS A 1 138 ? 7.962   -1.937  15.280  1.00 27.55 ? 120 LYS A CB  1 
ATOM   1096 C  CG  . LYS A 1 138 ? 6.638   -1.309  15.786  1.00 30.19 ? 120 LYS A CG  1 
ATOM   1097 C  CD  . LYS A 1 138 ? 6.033   -2.142  16.931  1.00 34.16 ? 120 LYS A CD  1 
ATOM   1098 C  CE  . LYS A 1 138 ? 4.514   -1.974  16.973  1.00 33.92 ? 120 LYS A CE  1 
ATOM   1099 N  NZ  . LYS A 1 138 ? 4.230   -0.548  17.235  1.00 36.47 ? 120 LYS A NZ  1 
ATOM   1100 N  N   . GLN A 1 139 ? 10.587  -2.441  13.733  1.00 28.60 ? 121 GLN A N   1 
ATOM   1101 C  CA  . GLN A 1 139 ? 12.084  -2.501  13.700  1.00 30.94 ? 121 GLN A CA  1 
ATOM   1102 C  C   . GLN A 1 139 ? 12.663  -1.545  12.614  1.00 30.64 ? 121 GLN A C   1 
ATOM   1103 O  O   . GLN A 1 139 ? 13.654  -0.880  12.838  1.00 32.04 ? 121 GLN A O   1 
ATOM   1104 C  CB  . GLN A 1 139 ? 12.588  -3.948  13.457  1.00 31.89 ? 121 GLN A CB  1 
ATOM   1105 C  CG  . GLN A 1 139 ? 14.099  -4.084  13.644  1.00 34.63 ? 121 GLN A CG  1 
ATOM   1106 C  CD  . GLN A 1 139 ? 14.575  -5.539  13.549  1.00 37.55 ? 121 GLN A CD  1 
ATOM   1107 O  OE1 . GLN A 1 139 ? 13.889  -6.473  13.976  1.00 33.89 ? 121 GLN A OE1 1 
ATOM   1108 N  NE2 . GLN A 1 139 ? 15.743  -5.718  12.980  1.00 32.83 ? 121 GLN A NE2 1 
ATOM   1109 N  N   . MET A 1 140 ? 11.975  -1.404  11.466  1.00 27.43 ? 122 MET A N   1 
ATOM   1110 C  CA  . MET A 1 140 ? 12.425  -0.450  10.457  1.00 28.40 ? 122 MET A CA  1 
ATOM   1111 C  C   . MET A 1 140 ? 12.452  0.980   10.900  1.00 31.45 ? 122 MET A C   1 
ATOM   1112 O  O   . MET A 1 140 ? 13.255  1.797   10.377  1.00 34.07 ? 122 MET A O   1 
ATOM   1113 C  CB  . MET A 1 140 ? 11.545  -0.503  9.187   1.00 25.10 ? 122 MET A CB  1 
ATOM   1114 C  CG  . MET A 1 140 ? 11.786  -1.782  8.421   1.00 26.91 ? 122 MET A CG  1 
ATOM   1115 S  SD  . MET A 1 140 ? 10.555  -1.757  7.024   1.00 34.52 ? 122 MET A SD  1 
ATOM   1116 C  CE  . MET A 1 140 ? 11.472  -2.890  6.085   1.00 26.69 ? 122 MET A CE  1 
ATOM   1117 N  N   . MET A 1 141 ? 11.519  1.337   11.775  1.00 28.95 ? 123 MET A N   1 
ATOM   1118 C  CA  . MET A 1 141 ? 11.400  2.752   12.136  1.00 29.22 ? 123 MET A CA  1 
ATOM   1119 C  C   . MET A 1 141 ? 11.926  3.057   13.567  1.00 30.72 ? 123 MET A C   1 
ATOM   1120 O  O   . MET A 1 141 ? 11.665  4.122   14.121  1.00 28.49 ? 123 MET A O   1 
ATOM   1121 C  CB  . MET A 1 141 ? 9.970   3.223   11.890  1.00 29.41 ? 123 MET A CB  1 
ATOM   1122 C  CG  . MET A 1 141 ? 9.443   2.886   10.470  1.00 28.47 ? 123 MET A CG  1 
ATOM   1123 S  SD  . MET A 1 141 ? 7.857   3.740   10.152  1.00 30.55 ? 123 MET A SD  1 
ATOM   1124 C  CE  . MET A 1 141 ? 7.389   2.970   8.578   1.00 23.69 ? 123 MET A CE  1 
ATOM   1125 N  N   . ALA A 1 142 ? 12.657  2.118   14.167  1.00 32.13 ? 124 ALA A N   1 
ATOM   1126 C  CA  . ALA A 1 142 ? 13.093  2.297   15.585  1.00 35.94 ? 124 ALA A CA  1 
ATOM   1127 C  C   . ALA A 1 142 ? 14.083  3.494   15.711  1.00 36.27 ? 124 ALA A C   1 
ATOM   1128 O  O   . ALA A 1 142 ? 14.236  4.052   16.781  1.00 38.24 ? 124 ALA A O   1 
ATOM   1129 C  CB  . ALA A 1 142 ? 13.746  1.013   16.126  1.00 35.75 ? 124 ALA A CB  1 
ATOM   1130 N  N   . SER A 1 143 ? 14.705  3.906   14.616  1.00 34.75 ? 125 SER A N   1 
ATOM   1131 C  CA  . SER A 1 143 ? 15.639  5.015   14.660  1.00 38.53 ? 125 SER A CA  1 
ATOM   1132 C  C   . SER A 1 143 ? 14.983  6.390   14.638  1.00 40.42 ? 125 SER A C   1 
ATOM   1133 O  O   . SER A 1 143 ? 15.676  7.429   14.775  1.00 40.46 ? 125 SER A O   1 
ATOM   1134 C  CB  . SER A 1 143 ? 16.685  4.907   13.561  1.00 38.19 ? 125 SER A CB  1 
ATOM   1135 O  OG  . SER A 1 143 ? 16.275  5.606   12.389  1.00 40.21 ? 125 SER A OG  1 
ATOM   1136 N  N   . ILE A 1 144 ? 13.666  6.458   14.472  1.00 32.95 ? 126 ILE A N   1 
ATOM   1137 C  CA  . ILE A 1 144 ? 13.049  7.799   14.603  1.00 31.82 ? 126 ILE A CA  1 
ATOM   1138 C  C   . ILE A 1 144 ? 12.198  7.838   15.868  1.00 33.36 ? 126 ILE A C   1 
ATOM   1139 O  O   . ILE A 1 144 ? 11.695  6.806   16.289  1.00 30.32 ? 126 ILE A O   1 
ATOM   1140 C  CB  . ILE A 1 144 ? 12.305  8.299   13.331  1.00 33.53 ? 126 ILE A CB  1 
ATOM   1141 C  CG1 . ILE A 1 144 ? 11.138  7.364   12.986  1.00 29.08 ? 126 ILE A CG1 1 
ATOM   1142 C  CG2 . ILE A 1 144 ? 13.322  8.454   12.186  1.00 35.32 ? 126 ILE A CG2 1 
ATOM   1143 C  CD1 . ILE A 1 144 ? 10.313  7.856   11.771  1.00 25.41 ? 126 ILE A CD1 1 
ATOM   1144 N  N   . THR A 1 145 ? 12.052  8.999   16.492  1.00 30.88 ? 127 THR A N   1 
ATOM   1145 C  CA  . THR A 1 145 ? 11.362  9.026   17.767  1.00 33.14 ? 127 THR A CA  1 
ATOM   1146 C  C   . THR A 1 145 ? 9.840   9.005   17.590  1.00 34.66 ? 127 THR A C   1 
ATOM   1147 O  O   . THR A 1 145 ? 9.308   9.183   16.485  1.00 31.58 ? 127 THR A O   1 
ATOM   1148 C  CB  . THR A 1 145 ? 11.762  10.252  18.594  1.00 36.31 ? 127 THR A CB  1 
ATOM   1149 O  OG1 . THR A 1 145 ? 11.346  11.431  17.913  1.00 33.12 ? 127 THR A OG1 1 
ATOM   1150 C  CG2 . THR A 1 145 ? 13.338  10.299  18.904  1.00 36.49 ? 127 THR A CG2 1 
ATOM   1151 N  N   . ARG A 1 146 ? 9.137   8.803   18.689  1.00 29.74 ? 128 ARG A N   1 
ATOM   1152 C  CA  . ARG A 1 146 ? 7.710   8.942   18.704  1.00 32.10 ? 128 ARG A CA  1 
ATOM   1153 C  C   . ARG A 1 146 ? 7.311   10.289  18.154  1.00 32.45 ? 128 ARG A C   1 
ATOM   1154 O  O   . ARG A 1 146 ? 6.390   10.350  17.369  1.00 31.27 ? 128 ARG A O   1 
ATOM   1155 C  CB  . ARG A 1 146 ? 7.101   8.679   20.121  1.00 33.06 ? 128 ARG A CB  1 
ATOM   1156 C  CG  . ARG A 1 146 ? 5.621   9.034   20.228  1.00 39.45 ? 128 ARG A CG  1 
ATOM   1157 C  CD  . ARG A 1 146 ? 4.761   8.024   19.424  1.00 38.29 ? 128 ARG A CD  1 
ATOM   1158 N  NE  . ARG A 1 146 ? 3.333   8.243   19.663  1.00 36.61 ? 128 ARG A NE  1 
ATOM   1159 C  CZ  . ARG A 1 146 ? 2.376   7.326   19.458  1.00 35.59 ? 128 ARG A CZ  1 
ATOM   1160 N  NH1 . ARG A 1 146 ? 2.646   6.157   18.926  1.00 30.70 ? 128 ARG A NH1 1 
ATOM   1161 N  NH2 . ARG A 1 146 ? 1.118   7.602   19.726  1.00 42.96 ? 128 ARG A NH2 1 
ATOM   1162 N  N   . GLU A 1 147 ? 7.971   11.383  18.540  1.00 29.09 ? 129 GLU A N   1 
ATOM   1163 C  CA  . GLU A 1 147 ? 7.598   12.697  18.024  1.00 33.95 ? 129 GLU A CA  1 
ATOM   1164 C  C   . GLU A 1 147 ? 7.906   12.846  16.503  1.00 27.42 ? 129 GLU A C   1 
ATOM   1165 O  O   . GLU A 1 147 ? 7.228   13.558  15.730  1.00 25.41 ? 129 GLU A O   1 
ATOM   1166 C  CB  . GLU A 1 147 ? 8.380   13.831  18.761  1.00 38.09 ? 129 GLU A CB  1 
ATOM   1167 C  CG  . GLU A 1 147 ? 8.020   14.053  20.230  1.00 43.44 ? 129 GLU A CG  1 
ATOM   1168 C  CD  . GLU A 1 147 ? 8.271   12.819  21.082  1.00 41.52 ? 129 GLU A CD  1 
ATOM   1169 O  OE1 . GLU A 1 147 ? 9.342   12.159  20.919  1.00 38.56 ? 129 GLU A OE1 1 
ATOM   1170 O  OE2 . GLU A 1 147 ? 7.348   12.469  21.850  1.00 52.75 ? 129 GLU A OE2 1 
ATOM   1171 N  N   . GLU A 1 148 ? 9.033   12.323  16.099  1.00 23.62 ? 130 GLU A N   1 
ATOM   1172 C  CA  . GLU A 1 148 ? 9.320   12.417  14.670  1.00 26.00 ? 130 GLU A CA  1 
ATOM   1173 C  C   . GLU A 1 148 ? 8.247   11.632  13.807  1.00 26.33 ? 130 GLU A C   1 
ATOM   1174 O  O   . GLU A 1 148 ? 7.924   12.007  12.675  1.00 28.68 ? 130 GLU A O   1 
ATOM   1175 C  CB  . GLU A 1 148 ? 10.705  11.788  14.404  1.00 26.76 ? 130 GLU A CB  1 
ATOM   1176 C  CG  . GLU A 1 148 ? 11.816  12.812  14.708  1.00 34.79 ? 130 GLU A CG  1 
ATOM   1177 C  CD  . GLU A 1 148 ? 13.201  12.189  14.778  1.00 36.74 ? 130 GLU A CD  1 
ATOM   1178 O  OE1 . GLU A 1 148 ? 13.331  11.023  15.209  1.00 34.51 ? 130 GLU A OE1 1 
ATOM   1179 O  OE2 . GLU A 1 148 ? 14.168  12.871  14.409  1.00 38.32 ? 130 GLU A OE2 1 
ATOM   1180 N  N   . LYS A 1 149 ? 7.814   10.494  14.352  1.00 25.30 ? 131 LYS A N   1 
ATOM   1181 C  CA  . LYS A 1 149 ? 6.827   9.645   13.735  1.00 26.69 ? 131 LYS A CA  1 
ATOM   1182 C  C   . LYS A 1 149 ? 5.461   10.389  13.636  1.00 29.09 ? 131 LYS A C   1 
ATOM   1183 O  O   . LYS A 1 149 ? 4.792   10.377  12.584  1.00 26.85 ? 131 LYS A O   1 
ATOM   1184 C  CB  . LYS A 1 149 ? 6.699   8.365   14.589  1.00 24.03 ? 131 LYS A CB  1 
ATOM   1185 C  CG  . LYS A 1 149 ? 7.781   7.308   14.321  1.00 23.12 ? 131 LYS A CG  1 
ATOM   1186 C  CD  . LYS A 1 149 ? 7.567   6.132   15.237  1.00 25.74 ? 131 LYS A CD  1 
ATOM   1187 C  CE  . LYS A 1 149 ? 8.735   5.182   15.149  1.00 24.49 ? 131 LYS A CE  1 
ATOM   1188 N  NZ  . LYS A 1 149 ? 8.514   4.153   16.205  1.00 25.47 ? 131 LYS A NZ  1 
ATOM   1189 N  N   . VAL A 1 150 ? 5.028   11.008  14.748  1.00 26.99 ? 132 VAL A N   1 
ATOM   1190 C  CA  . VAL A 1 150 ? 3.812   11.779  14.754  1.00 27.65 ? 132 VAL A CA  1 
ATOM   1191 C  C   . VAL A 1 150 ? 3.890   12.903  13.720  1.00 28.90 ? 132 VAL A C   1 
ATOM   1192 O  O   . VAL A 1 150 ? 2.965   13.117  12.944  1.00 27.27 ? 132 VAL A O   1 
ATOM   1193 C  CB  . VAL A 1 150 ? 3.466   12.312  16.203  1.00 31.42 ? 132 VAL A CB  1 
ATOM   1194 C  CG1 . VAL A 1 150 ? 2.355   13.371  16.155  1.00 30.48 ? 132 VAL A CG1 1 
ATOM   1195 C  CG2 . VAL A 1 150 ? 3.030   11.105  17.096  1.00 28.12 ? 132 VAL A CG2 1 
ATOM   1196 N  N   . GLU A 1 151 ? 4.973   13.678  13.738  1.00 29.76 ? 133 GLU A N   1 
ATOM   1197 C  CA  . GLU A 1 151 ? 5.055   14.758  12.774  1.00 28.69 ? 133 GLU A CA  1 
ATOM   1198 C  C   . GLU A 1 151 ? 5.122   14.269  11.294  1.00 26.37 ? 133 GLU A C   1 
ATOM   1199 O  O   . GLU A 1 151 ? 4.561   14.898  10.413  1.00 27.24 ? 133 GLU A O   1 
ATOM   1200 C  CB  . GLU A 1 151 ? 6.277   15.606  13.077  1.00 30.02 ? 133 GLU A CB  1 
ATOM   1201 C  CG  . GLU A 1 151 ? 6.344   16.820  12.135  1.00 37.21 ? 133 GLU A CG  1 
ATOM   1202 C  CD  . GLU A 1 151 ? 5.452   18.018  12.547  1.00 46.87 ? 133 GLU A CD  1 
ATOM   1203 O  OE1 . GLU A 1 151 ? 5.504   19.059  11.841  1.00 48.82 ? 133 GLU A OE1 1 
ATOM   1204 O  OE2 . GLU A 1 151 ? 4.723   17.967  13.574  1.00 43.09 ? 133 GLU A OE2 1 
ATOM   1205 N  N   . LEU A 1 152 ? 5.885   13.192  11.055  1.00 26.79 ? 134 LEU A N   1 
ATOM   1206 C  CA  . LEU A 1 152 ? 5.978   12.569  9.730   1.00 23.51 ? 134 LEU A CA  1 
ATOM   1207 C  C   . LEU A 1 152 ? 4.556   12.220  9.222   1.00 23.07 ? 134 LEU A C   1 
ATOM   1208 O  O   . LEU A 1 152 ? 4.155   12.619  8.109   1.00 24.71 ? 134 LEU A O   1 
ATOM   1209 C  CB  . LEU A 1 152 ? 6.800   11.269  9.799   1.00 22.26 ? 134 LEU A CB  1 
ATOM   1210 C  CG  . LEU A 1 152 ? 7.033   10.565  8.433   1.00 22.88 ? 134 LEU A CG  1 
ATOM   1211 C  CD1 . LEU A 1 152 ? 7.749   11.502  7.412   1.00 20.41 ? 134 LEU A CD1 1 
ATOM   1212 C  CD2 . LEU A 1 152 ? 7.851   9.296   8.659   1.00 20.32 ? 134 LEU A CD2 1 
ATOM   1213 N  N   . SER A 1 153 ? 3.762   11.521  10.031  1.00 23.16 ? 135 SER A N   1 
ATOM   1214 C  CA  . SER A 1 153 ? 2.360   11.283  9.598   1.00 23.52 ? 135 SER A CA  1 
ATOM   1215 C  C   . SER A 1 153 ? 1.572   12.573  9.345   1.00 25.87 ? 135 SER A C   1 
ATOM   1216 O  O   . SER A 1 153 ? 0.848   12.708  8.341   1.00 22.91 ? 135 SER A O   1 
ATOM   1217 C  CB  . SER A 1 153 ? 1.626   10.432  10.620  1.00 23.94 ? 135 SER A CB  1 
ATOM   1218 O  OG  . SER A 1 153 ? 0.309   10.155  10.107  1.00 25.82 ? 135 SER A OG  1 
ATOM   1219 N  N   . LYS A 1 154 ? 1.764   13.593  10.191  1.00 24.27 ? 136 LYS A N   1 
ATOM   1220 C  CA  . LYS A 1 154 ? 1.017   14.844  9.898   1.00 23.87 ? 136 LYS A CA  1 
ATOM   1221 C  C   . LYS A 1 154 ? 1.441   15.496  8.591   1.00 24.04 ? 136 LYS A C   1 
ATOM   1222 O  O   . LYS A 1 154 ? 0.614   15.947  7.801   1.00 25.58 ? 136 LYS A O   1 
ATOM   1223 C  CB  . LYS A 1 154 ? 1.272   15.886  11.022  1.00 33.14 ? 136 LYS A CB  1 
ATOM   1224 C  CG  . LYS A 1 154 ? 0.616   15.496  12.351  1.00 39.50 ? 136 LYS A CG  1 
ATOM   1225 C  CD  . LYS A 1 154 ? 0.697   16.648  13.363  1.00 51.38 ? 136 LYS A CD  1 
ATOM   1226 C  CE  . LYS A 1 154 ? 0.291   17.977  12.735  1.00 52.58 ? 136 LYS A CE  1 
ATOM   1227 N  NZ  . LYS A 1 154 ? 1.461   18.854  12.455  1.00 58.45 ? 136 LYS A NZ  1 
ATOM   1228 N  N   . THR A 1 155 ? 2.735   15.609  8.369   1.00 22.87 ? 137 THR A N   1 
ATOM   1229 C  CA  . THR A 1 155 ? 3.158   16.215  7.110   1.00 24.15 ? 137 THR A CA  1 
ATOM   1230 C  C   . THR A 1 155 ? 2.766   15.384  5.900   1.00 22.97 ? 137 THR A C   1 
ATOM   1231 O  O   . THR A 1 155 ? 2.286   15.936  4.873   1.00 25.01 ? 137 THR A O   1 
ATOM   1232 C  CB  . THR A 1 155 ? 4.688   16.394  7.124   1.00 26.25 ? 137 THR A CB  1 
ATOM   1233 O  OG1 . THR A 1 155 ? 5.002   17.261  8.223   1.00 26.36 ? 137 THR A OG1 1 
ATOM   1234 C  CG2 . THR A 1 155 ? 5.167   17.103  5.838   1.00 25.69 ? 137 THR A CG2 1 
ATOM   1235 N  N   . LEU A 1 156 ? 2.970   14.065  5.980   1.00 21.22 ? 138 LEU A N   1 
ATOM   1236 C  CA  . LEU A 1 156 ? 2.564   13.187  4.816   1.00 23.11 ? 138 LEU A CA  1 
ATOM   1237 C  C   . LEU A 1 156 ? 1.069   13.324  4.562   1.00 23.74 ? 138 LEU A C   1 
ATOM   1238 O  O   . LEU A 1 156 ? 0.627   13.369  3.440   1.00 24.68 ? 138 LEU A O   1 
ATOM   1239 C  CB  . LEU A 1 156 ? 2.931   11.678  5.075   1.00 20.13 ? 138 LEU A CB  1 
ATOM   1240 C  CG  . LEU A 1 156 ? 4.478   11.472  5.057   1.00 17.12 ? 138 LEU A CG  1 
ATOM   1241 C  CD1 . LEU A 1 156 ? 4.733   10.005  5.362   1.00 20.46 ? 138 LEU A CD1 1 
ATOM   1242 C  CD2 . LEU A 1 156 ? 4.956   11.840  3.651   1.00 21.29 ? 138 LEU A CD2 1 
ATOM   1243 N  N   . THR A 1 157 ? 0.279   13.382  5.638   1.00 26.18 ? 139 THR A N   1 
ATOM   1244 C  CA  . THR A 1 157 ? -1.183  13.560  5.505   1.00 27.05 ? 139 THR A CA  1 
ATOM   1245 C  C   . THR A 1 157 ? -1.565  14.857  4.832   1.00 27.11 ? 139 THR A C   1 
ATOM   1246 O  O   . THR A 1 157 ? -2.424  14.860  3.940   1.00 26.97 ? 139 THR A O   1 
ATOM   1247 C  CB  . THR A 1 157 ? -1.918  13.392  6.852   1.00 27.41 ? 139 THR A CB  1 
ATOM   1248 O  OG1 . THR A 1 157 ? -1.580  12.103  7.370   1.00 26.66 ? 139 THR A OG1 1 
ATOM   1249 C  CG2 . THR A 1 157 ? -3.489  13.542  6.685   1.00 30.84 ? 139 THR A CG2 1 
ATOM   1250 N  N   . LYS A 1 158 ? -0.891  15.937  5.163   1.00 26.05 ? 140 LYS A N   1 
ATOM   1251 C  CA  . LYS A 1 158 ? -1.105  17.182  4.423   1.00 28.25 ? 140 LYS A CA  1 
ATOM   1252 C  C   . LYS A 1 158 ? -0.783  17.046  2.938   1.00 27.06 ? 140 LYS A C   1 
ATOM   1253 O  O   . LYS A 1 158 ? -1.538  17.513  2.057   1.00 25.92 ? 140 LYS A O   1 
ATOM   1254 C  CB  . LYS A 1 158 ? -0.222  18.304  5.017   1.00 29.14 ? 140 LYS A CB  1 
ATOM   1255 C  CG  . LYS A 1 158 ? -0.672  18.751  6.407   1.00 31.43 ? 140 LYS A CG  1 
ATOM   1256 C  CD  . LYS A 1 158 ? 0.202   19.922  6.873   1.00 36.21 ? 140 LYS A CD  1 
ATOM   1257 C  CE  . LYS A 1 158 ? -0.337  20.523  8.163   1.00 37.19 ? 140 LYS A CE  1 
ATOM   1258 N  NZ  . LYS A 1 158 ? 0.697   21.475  8.613   1.00 36.58 ? 140 LYS A NZ  1 
ATOM   1259 N  N   . LEU A 1 159 ? 0.343   16.408  2.636   1.00 24.02 ? 141 LEU A N   1 
ATOM   1260 C  CA  . LEU A 1 159 ? 0.739   16.237  1.239   1.00 23.49 ? 141 LEU A CA  1 
ATOM   1261 C  C   . LEU A 1 159 ? -0.337  15.390  0.499   1.00 24.80 ? 141 LEU A C   1 
ATOM   1262 O  O   . LEU A 1 159 ? -0.770  15.733  -0.596  1.00 25.36 ? 141 LEU A O   1 
ATOM   1263 C  CB  . LEU A 1 159 ? 2.087   15.526  1.160   1.00 24.47 ? 141 LEU A CB  1 
ATOM   1264 C  CG  . LEU A 1 159 ? 3.309   16.400  1.458   1.00 29.25 ? 141 LEU A CG  1 
ATOM   1265 C  CD1 . LEU A 1 159 ? 4.595   15.606  1.137   1.00 26.00 ? 141 LEU A CD1 1 
ATOM   1266 C  CD2 . LEU A 1 159 ? 3.215   17.691  0.572   1.00 27.02 ? 141 LEU A CD2 1 
ATOM   1267 N  N   . ARG A 1 160 ? -0.718  14.274  1.115   1.00 23.71 ? 142 ARG A N   1 
ATOM   1268 C  CA  . ARG A 1 160 ? -1.801  13.467  0.587   1.00 22.65 ? 142 ARG A CA  1 
ATOM   1269 C  C   . ARG A 1 160 ? -3.097  14.244  0.336   1.00 25.73 ? 142 ARG A C   1 
ATOM   1270 O  O   . ARG A 1 160 ? -3.626  14.175  -0.773  1.00 24.08 ? 142 ARG A O   1 
ATOM   1271 C  CB  . ARG A 1 160 ? -2.095  12.251  1.483   1.00 24.27 ? 142 ARG A CB  1 
ATOM   1272 C  CG  . ARG A 1 160 ? -3.020  11.316  0.636   1.00 24.14 ? 142 ARG A CG  1 
ATOM   1273 C  CD  . ARG A 1 160 ? -3.720  10.383  1.592   1.00 26.91 ? 142 ARG A CD  1 
ATOM   1274 N  NE  . ARG A 1 160 ? -4.759  11.043  2.370   1.00 27.39 ? 142 ARG A NE  1 
ATOM   1275 C  CZ  . ARG A 1 160 ? -4.977  10.788  3.655   1.00 37.01 ? 142 ARG A CZ  1 
ATOM   1276 N  NH1 . ARG A 1 160 ? -4.175  9.946   4.313   1.00 40.52 ? 142 ARG A NH1 1 
ATOM   1277 N  NH2 . ARG A 1 160 ? -5.932  11.404  4.325   1.00 30.61 ? 142 ARG A NH2 1 
ATOM   1278 N  N   . ASN A 1 161 ? -3.575  15.001  1.326   1.00 28.37 ? 143 ASN A N   1 
ATOM   1279 C  CA  . ASN A 1 161 ? -4.804  15.806  1.157   1.00 30.98 ? 143 ASN A CA  1 
ATOM   1280 C  C   . ASN A 1 161 ? -4.694  16.907  0.097   1.00 29.99 ? 143 ASN A C   1 
ATOM   1281 O  O   . ASN A 1 161 ? -5.688  17.220  -0.549  1.00 29.95 ? 143 ASN A O   1 
ATOM   1282 C  CB  . ASN A 1 161 ? -5.291  16.403  2.470   1.00 31.31 ? 143 ASN A CB  1 
ATOM   1283 C  CG  . ASN A 1 161 ? -5.646  15.345  3.495   1.00 30.73 ? 143 ASN A CG  1 
ATOM   1284 O  OD1 . ASN A 1 161 ? -5.942  14.220  3.171   1.00 35.31 ? 143 ASN A OD1 1 
ATOM   1285 N  ND2 . ASN A 1 161 ? -5.640  15.724  4.748   1.00 32.65 ? 143 ASN A ND2 1 
ATOM   1286 N  N   . HIS A 1 162 ? -3.513  17.482  -0.120  1.00 30.69 ? 144 HIS A N   1 
ATOM   1287 C  CA  . HIS A 1 162 ? -3.388  18.483  -1.183  1.00 33.84 ? 144 HIS A CA  1 
ATOM   1288 C  C   . HIS A 1 162 ? -3.182  17.842  -2.586  1.00 34.33 ? 144 HIS A C   1 
ATOM   1289 O  O   . HIS A 1 162 ? -3.513  18.441  -3.592  1.00 31.45 ? 144 HIS A O   1 
ATOM   1290 C  CB  . HIS A 1 162 ? -2.260  19.492  -0.800  1.00 38.72 ? 144 HIS A CB  1 
ATOM   1291 C  CG  . HIS A 1 162 ? -2.341  20.832  -1.478  1.00 57.40 ? 144 HIS A CG  1 
ATOM   1292 N  ND1 . HIS A 1 162 ? -1.442  21.235  -2.456  1.00 63.38 ? 144 HIS A ND1 1 
ATOM   1293 C  CD2 . HIS A 1 162 ? -3.155  21.903  -1.264  1.00 63.05 ? 144 HIS A CD2 1 
ATOM   1294 C  CE1 . HIS A 1 162 ? -1.722  22.471  -2.839  1.00 53.38 ? 144 HIS A CE1 1 
ATOM   1295 N  NE2 . HIS A 1 162 ? -2.767  22.893  -2.146  1.00 59.95 ? 144 HIS A NE2 1 
ATOM   1296 N  N   . THR A 1 163 ? -2.586  16.647  -2.681  1.00 26.41 ? 145 THR A N   1 
ATOM   1297 C  CA  . THR A 1 163 ? -2.321  16.057  -3.991  1.00 23.74 ? 145 THR A CA  1 
ATOM   1298 C  C   . THR A 1 163 ? -3.345  15.068  -4.543  1.00 24.75 ? 145 THR A C   1 
ATOM   1299 O  O   . THR A 1 163 ? -3.495  14.968  -5.786  1.00 23.66 ? 145 THR A O   1 
ATOM   1300 C  CB  . THR A 1 163 ? -0.914  15.390  -4.074  1.00 25.33 ? 145 THR A CB  1 
ATOM   1301 O  OG1 . THR A 1 163 ? -0.840  14.364  -3.071  1.00 22.07 ? 145 THR A OG1 1 
ATOM   1302 C  CG2 . THR A 1 163 ? 0.229   16.495  -3.852  1.00 23.77 ? 145 THR A CG2 1 
ATOM   1303 N  N   . LEU A 1 164 ? -3.990  14.302  -3.655  1.00 23.93 ? 146 LEU A N   1 
ATOM   1304 C  CA  . LEU A 1 164 ? -4.964  13.295  -4.087  1.00 29.37 ? 146 LEU A CA  1 
ATOM   1305 C  C   . LEU A 1 164 ? -6.082  13.934  -4.962  1.00 27.10 ? 146 LEU A C   1 
ATOM   1306 O  O   . LEU A 1 164 ? -6.388  13.418  -6.029  1.00 26.73 ? 146 LEU A O   1 
ATOM   1307 C  CB  . LEU A 1 164 ? -5.557  12.574  -2.846  1.00 27.73 ? 146 LEU A CB  1 
ATOM   1308 C  CG  . LEU A 1 164 ? -6.415  11.343  -3.227  1.00 37.76 ? 146 LEU A CG  1 
ATOM   1309 C  CD1 . LEU A 1 164 ? -5.544  10.254  -3.806  1.00 33.43 ? 146 LEU A CD1 1 
ATOM   1310 C  CD2 . LEU A 1 164 ? -7.213  10.771  -2.040  1.00 36.99 ? 146 LEU A CD2 1 
ATOM   1311 N  N   . PRO A 1 165 ? -6.678  15.069  -4.509  1.00 28.46 ? 147 PRO A N   1 
ATOM   1312 C  CA  . PRO A 1 165 ? -7.726  15.750  -5.368  1.00 30.07 ? 147 PRO A CA  1 
ATOM   1313 C  C   . PRO A 1 165 ? -7.267  16.297  -6.710  1.00 29.01 ? 147 PRO A C   1 
ATOM   1314 O  O   . PRO A 1 165 ? -8.087  16.577  -7.556  1.00 30.63 ? 147 PRO A O   1 
ATOM   1315 C  CB  . PRO A 1 165 ? -8.232  16.921  -4.495  1.00 32.35 ? 147 PRO A CB  1 
ATOM   1316 C  CG  . PRO A 1 165 ? -7.685  16.659  -3.090  1.00 33.95 ? 147 PRO A CG  1 
ATOM   1317 C  CD  . PRO A 1 165 ? -6.421  15.809  -3.253  1.00 27.53 ? 147 PRO A CD  1 
ATOM   1318 N  N   . LEU A 1 166 ? -5.971  16.393  -6.968  1.00 27.62 ? 148 LEU A N   1 
ATOM   1319 C  CA  . LEU A 1 166 ? -5.517  16.798  -8.288  1.00 25.81 ? 148 LEU A CA  1 
ATOM   1320 C  C   . LEU A 1 166 ? -5.908  15.779  -9.323  1.00 32.58 ? 148 LEU A C   1 
ATOM   1321 O  O   . LEU A 1 166 ? -6.060  16.137  -10.512 1.00 29.98 ? 148 LEU A O   1 
ATOM   1322 C  CB  . LEU A 1 166 ? -3.959  17.036  -8.331  1.00 25.77 ? 148 LEU A CB  1 
ATOM   1323 C  CG  . LEU A 1 166 ? -3.404  18.100  -7.340  1.00 27.75 ? 148 LEU A CG  1 
ATOM   1324 C  CD1 . LEU A 1 166 ? -1.861  18.148  -7.341  1.00 24.95 ? 148 LEU A CD1 1 
ATOM   1325 C  CD2 . LEU A 1 166 ? -4.008  19.497  -7.659  1.00 27.08 ? 148 LEU A CD2 1 
ATOM   1326 N  N   . THR A 1 167 ? -6.020  14.496  -8.939  1.00 29.01 ? 149 THR A N   1 
ATOM   1327 C  CA  . THR A 1 167 ? -6.434  13.481  -9.952  1.00 28.53 ? 149 THR A CA  1 
ATOM   1328 C  C   . THR A 1 167 ? -7.571  12.584  -9.480  1.00 29.71 ? 149 THR A C   1 
ATOM   1329 O  O   . THR A 1 167 ? -8.102  11.807  -10.269 1.00 30.09 ? 149 THR A O   1 
ATOM   1330 C  CB  . THR A 1 167 ? -5.305  12.548  -10.416 1.00 29.24 ? 149 THR A CB  1 
ATOM   1331 O  OG1 . THR A 1 167 ? -4.874  11.751  -9.311  1.00 25.06 ? 149 THR A OG1 1 
ATOM   1332 C  CG2 . THR A 1 167 ? -4.111  13.314  -11.088 1.00 30.15 ? 149 THR A CG2 1 
ATOM   1333 N  N   . HIS A 1 168 ? -7.936  12.680  -8.201  1.00 27.51 ? 150 HIS A N   1 
ATOM   1334 C  CA  . HIS A 1 168 ? -9.075  11.910  -7.715  1.00 31.03 ? 150 HIS A CA  1 
ATOM   1335 C  C   . HIS A 1 168 ? -10.146 12.858  -7.243  1.00 31.17 ? 150 HIS A C   1 
ATOM   1336 O  O   . HIS A 1 168 ? -10.161 13.266  -6.105  1.00 34.80 ? 150 HIS A O   1 
ATOM   1337 C  CB  . HIS A 1 168 ? -8.680  10.991  -6.581  1.00 30.27 ? 150 HIS A CB  1 
ATOM   1338 C  CG  . HIS A 1 168 ? -7.615  10.001  -6.953  1.00 31.57 ? 150 HIS A CG  1 
ATOM   1339 N  ND1 . HIS A 1 168 ? -6.261  10.245  -6.738  1.00 40.21 ? 150 HIS A ND1 1 
ATOM   1340 C  CD2 . HIS A 1 168 ? -7.693  8.780   -7.541  1.00 28.90 ? 150 HIS A CD2 1 
ATOM   1341 C  CE1 . HIS A 1 168 ? -5.560  9.192   -7.137  1.00 34.05 ? 150 HIS A CE1 1 
ATOM   1342 N  NE2 . HIS A 1 168 ? -6.403  8.310   -7.658  1.00 35.12 ? 150 HIS A NE2 1 
ATOM   1343 N  N   . LYS A 1 169 ? -11.079 13.127  -8.141  1.00 34.45 ? 151 LYS A N   1 
ATOM   1344 C  CA  . LYS A 1 169 ? -12.177 14.061  -7.894  1.00 36.63 ? 151 LYS A CA  1 
ATOM   1345 C  C   . LYS A 1 169 ? -13.465 13.347  -7.444  1.00 35.03 ? 151 LYS A C   1 
ATOM   1346 O  O   . LYS A 1 169 ? -14.308 12.937  -8.294  1.00 28.71 ? 151 LYS A O   1 
ATOM   1347 C  CB  . LYS A 1 169 ? -12.360 14.901  -9.164  1.00 37.77 ? 151 LYS A CB  1 
ATOM   1348 C  CG  . LYS A 1 169 ? -11.025 15.616  -9.421  1.00 39.55 ? 151 LYS A CG  1 
ATOM   1349 C  CD  . LYS A 1 169 ? -11.064 16.866  -10.278 1.00 37.30 ? 151 LYS A CD  1 
ATOM   1350 C  CE  . LYS A 1 169 ? -9.620  17.410  -10.319 1.00 38.71 ? 151 LYS A CE  1 
ATOM   1351 N  NZ  . LYS A 1 169 ? -9.489  18.446  -11.378 1.00 46.64 ? 151 LYS A NZ  1 
ATOM   1352 N  N   . HIS A 1 170 ? -13.564 13.175  -6.115  1.00 28.33 ? 152 HIS A N   1 
ATOM   1353 C  CA  . HIS A 1 170 ? -14.694 12.546  -5.452  1.00 28.57 ? 152 HIS A CA  1 
ATOM   1354 C  C   . HIS A 1 170 ? -14.748 11.077  -5.696  1.00 29.04 ? 152 HIS A C   1 
ATOM   1355 O  O   . HIS A 1 170 ? -15.768 10.466  -5.448  1.00 31.53 ? 152 HIS A O   1 
ATOM   1356 C  CB  . HIS A 1 170 ? -16.022 13.210  -5.931  1.00 36.63 ? 152 HIS A CB  1 
ATOM   1357 C  CG  . HIS A 1 170 ? -16.031 14.704  -5.760  1.00 40.28 ? 152 HIS A CG  1 
ATOM   1358 N  ND1 . HIS A 1 170 ? -15.995 15.302  -4.512  1.00 41.21 ? 152 HIS A ND1 1 
ATOM   1359 C  CD2 . HIS A 1 170 ? -15.986 15.719  -6.669  1.00 37.58 ? 152 HIS A CD2 1 
ATOM   1360 C  CE1 . HIS A 1 170 ? -15.955 16.618  -4.656  1.00 37.99 ? 152 HIS A CE1 1 
ATOM   1361 N  NE2 . HIS A 1 170 ? -15.938 16.898  -5.954  1.00 39.03 ? 152 HIS A NE2 1 
ATOM   1362 N  N   . THR A 1 171 ? -13.724 10.514  -6.320  1.00 26.82 ? 153 THR A N   1 
ATOM   1363 C  CA  . THR A 1 171 ? -13.735 9.112   -6.618  1.00 24.95 ? 153 THR A CA  1 
ATOM   1364 C  C   . THR A 1 171 ? -13.214 8.303   -5.434  1.00 26.25 ? 153 THR A C   1 
ATOM   1365 O  O   . THR A 1 171 ? -13.368 7.071   -5.417  1.00 26.44 ? 153 THR A O   1 
ATOM   1366 C  CB  . THR A 1 171 ? -12.849 8.787   -7.793  1.00 29.93 ? 153 THR A CB  1 
ATOM   1367 O  OG1 . THR A 1 171 ? -11.569 9.400   -7.582  1.00 29.24 ? 153 THR A OG1 1 
ATOM   1368 C  CG2 . THR A 1 171 ? -13.446 9.335   -9.158  1.00 28.16 ? 153 THR A CG2 1 
ATOM   1369 N  N   . LYS A 1 172 ? -12.560 8.958   -4.465  1.00 26.58 ? 154 LYS A N   1 
ATOM   1370 C  CA  . LYS A 1 172 ? -12.035 8.196   -3.286  1.00 27.03 ? 154 LYS A CA  1 
ATOM   1371 C  C   . LYS A 1 172 ? -12.683 8.635   -2.029  1.00 30.54 ? 154 LYS A C   1 
ATOM   1372 O  O   . LYS A 1 172 ? -12.884 9.843   -1.799  1.00 26.51 ? 154 LYS A O   1 
ATOM   1373 C  CB  . LYS A 1 172 ? -10.521 8.328   -3.153  1.00 28.71 ? 154 LYS A CB  1 
ATOM   1374 C  CG  . LYS A 1 172 ? -9.737  7.826   -4.344  1.00 27.50 ? 154 LYS A CG  1 
ATOM   1375 C  CD  . LYS A 1 172 ? -10.022 6.357   -4.632  1.00 27.53 ? 154 LYS A CD  1 
ATOM   1376 C  CE  . LYS A 1 172 ? -8.997  5.779   -5.600  1.00 25.48 ? 154 LYS A CE  1 
ATOM   1377 N  NZ  . LYS A 1 172 ? -9.132  4.309   -5.976  1.00 26.04 ? 154 LYS A NZ  1 
ATOM   1378 N  N   . THR A 1 173 ? -12.992 7.669   -1.158  1.00 26.95 ? 155 THR A N   1 
ATOM   1379 C  CA  . THR A 1 173 ? -13.314 8.027   0.252   1.00 28.71 ? 155 THR A CA  1 
ATOM   1380 C  C   . THR A 1 173 ? -12.398 7.133   1.089   1.00 30.90 ? 155 THR A C   1 
ATOM   1381 O  O   . THR A 1 173 ? -12.785 6.018   1.493   1.00 25.32 ? 155 THR A O   1 
ATOM   1382 C  CB  . THR A 1 173 ? -14.819 7.819   0.523   1.00 30.34 ? 155 THR A CB  1 
ATOM   1383 O  OG1 . THR A 1 173 ? -15.527 8.480   -0.530  1.00 31.20 ? 155 THR A OG1 1 
ATOM   1384 C  CG2 . THR A 1 173 ? -15.311 8.402   1.937   1.00 28.72 ? 155 THR A CG2 1 
ATOM   1385 N  N   . LEU A 1 174 ? -11.142 7.574   1.254   1.00 29.57 ? 156 LEU A N   1 
ATOM   1386 C  CA  . LEU A 1 174 ? -10.101 6.682   1.816   1.00 27.23 ? 156 LEU A CA  1 
ATOM   1387 C  C   . LEU A 1 174 ? -10.422 6.211   3.248   1.00 28.39 ? 156 LEU A C   1 
ATOM   1388 O  O   . LEU A 1 174 ? -10.888 6.969   4.092   1.00 27.57 ? 156 LEU A O   1 
ATOM   1389 C  CB  . LEU A 1 174 ? -8.737  7.330   1.790   1.00 26.31 ? 156 LEU A CB  1 
ATOM   1390 C  CG  . LEU A 1 174 ? -8.257  7.603   0.350   1.00 26.11 ? 156 LEU A CG  1 
ATOM   1391 C  CD1 . LEU A 1 174 ? -6.826  8.162   0.396   1.00 25.27 ? 156 LEU A CD1 1 
ATOM   1392 C  CD2 . LEU A 1 174 ? -8.292  6.409   -0.577  1.00 24.11 ? 156 LEU A CD2 1 
ATOM   1393 N  N   . THR A 1 175 ? -10.130 4.949   3.538   1.00 24.67 ? 157 THR A N   1 
ATOM   1394 C  CA  . THR A 1 175 ? -10.347 4.440   4.900   1.00 22.76 ? 157 THR A CA  1 
ATOM   1395 C  C   . THR A 1 175 ? -9.703  5.301   5.977   1.00 26.25 ? 157 THR A C   1 
ATOM   1396 O  O   . THR A 1 175 ? -8.494  5.548   5.893   1.00 27.73 ? 157 THR A O   1 
ATOM   1397 C  CB  . THR A 1 175 ? -9.734  3.023   5.011   1.00 23.80 ? 157 THR A CB  1 
ATOM   1398 O  OG1 . THR A 1 175 ? -10.346 2.225   3.993   1.00 23.02 ? 157 THR A OG1 1 
ATOM   1399 C  CG2 . THR A 1 175 ? -10.031 2.445   6.407   1.00 26.11 ? 157 THR A CG2 1 
ATOM   1400 N  N   . PRO A 1 176 ? -10.512 5.799   6.961   1.00 24.55 ? 158 PRO A N   1 
ATOM   1401 C  CA  . PRO A 1 176 ? -10.013 6.712   7.946   1.00 27.94 ? 158 PRO A CA  1 
ATOM   1402 C  C   . PRO A 1 176 ? -9.215  6.012   9.043   1.00 26.53 ? 158 PRO A C   1 
ATOM   1403 O  O   . PRO A 1 176 ? -9.608  6.020   10.218  1.00 24.20 ? 158 PRO A O   1 
ATOM   1404 C  CB  . PRO A 1 176 ? -11.282 7.391   8.535   1.00 32.52 ? 158 PRO A CB  1 
ATOM   1405 C  CG  . PRO A 1 176 ? -12.457 6.529   8.160   1.00 31.56 ? 158 PRO A CG  1 
ATOM   1406 C  CD  . PRO A 1 176 ? -11.991 5.693   6.954   1.00 26.43 ? 158 PRO A CD  1 
ATOM   1407 N  N   . PHE A 1 177 ? -8.051  5.486   8.681   1.00 26.60 ? 159 PHE A N   1 
ATOM   1408 C  CA  . PHE A 1 177 ? -7.210  4.799   9.650   1.00 24.81 ? 159 PHE A CA  1 
ATOM   1409 C  C   . PHE A 1 177 ? -6.805  5.662   10.816  1.00 28.54 ? 159 PHE A C   1 
ATOM   1410 O  O   . PHE A 1 177 ? -6.497  6.828   10.635  1.00 25.81 ? 159 PHE A O   1 
ATOM   1411 C  CB  . PHE A 1 177 ? -5.935  4.338   8.979   1.00 24.92 ? 159 PHE A CB  1 
ATOM   1412 C  CG  . PHE A 1 177 ? -6.161  3.203   8.038   1.00 26.43 ? 159 PHE A CG  1 
ATOM   1413 C  CD1 . PHE A 1 177 ? -6.657  1.992   8.525   1.00 22.39 ? 159 PHE A CD1 1 
ATOM   1414 C  CD2 . PHE A 1 177 ? -5.885  3.351   6.650   1.00 24.16 ? 159 PHE A CD2 1 
ATOM   1415 C  CE1 . PHE A 1 177 ? -6.830  0.910   7.672   1.00 25.55 ? 159 PHE A CE1 1 
ATOM   1416 C  CE2 . PHE A 1 177 ? -6.077  2.286   5.800   1.00 23.37 ? 159 PHE A CE2 1 
ATOM   1417 C  CZ  . PHE A 1 177 ? -6.549  1.075   6.280   1.00 24.77 ? 159 PHE A CZ  1 
ATOM   1418 N  N   . LYS A 1 178 ? -6.766  5.068   12.004  1.00 30.79 ? 160 LYS A N   1 
ATOM   1419 C  CA  . LYS A 1 178 ? -6.375  5.797   13.236  1.00 30.79 ? 160 LYS A CA  1 
ATOM   1420 C  C   . LYS A 1 178 ? -5.154  5.097   13.820  1.00 27.98 ? 160 LYS A C   1 
ATOM   1421 O  O   . LYS A 1 178 ? -4.855  3.968   13.448  1.00 25.90 ? 160 LYS A O   1 
ATOM   1422 C  CB  . LYS A 1 178 ? -7.464  5.676   14.320  1.00 34.05 ? 160 LYS A CB  1 
ATOM   1423 C  CG  . LYS A 1 178 ? -8.875  6.124   13.977  1.00 43.08 ? 160 LYS A CG  1 
ATOM   1424 C  CD  . LYS A 1 178 ? -8.911  7.546   13.457  1.00 49.75 ? 160 LYS A CD  1 
ATOM   1425 C  CE  . LYS A 1 178 ? -10.366 8.012   13.350  1.00 54.83 ? 160 LYS A CE  1 
ATOM   1426 N  NZ  . LYS A 1 178 ? -10.414 9.229   12.506  1.00 52.28 ? 160 LYS A NZ  1 
ATOM   1427 N  N   . TYR A 1 179 ? -4.499  5.729   14.801  1.00 25.63 ? 161 TYR A N   1 
ATOM   1428 C  CA  . TYR A 1 179 ? -3.502  5.052   15.605  1.00 28.58 ? 161 TYR A CA  1 
ATOM   1429 C  C   . TYR A 1 179 ? -3.722  5.603   17.071  1.00 32.77 ? 161 TYR A C   1 
ATOM   1430 O  O   . TYR A 1 179 ? -4.327  6.660   17.203  1.00 37.68 ? 161 TYR A O   1 
ATOM   1431 C  CB  . TYR A 1 179 ? -2.130  5.467   15.090  1.00 27.34 ? 161 TYR A CB  1 
ATOM   1432 C  CG  . TYR A 1 179 ? -1.703  6.931   15.331  1.00 30.18 ? 161 TYR A CG  1 
ATOM   1433 C  CD1 . TYR A 1 179 ? -1.917  7.932   14.350  1.00 31.25 ? 161 TYR A CD1 1 
ATOM   1434 C  CD2 . TYR A 1 179 ? -0.973  7.286   16.467  1.00 28.21 ? 161 TYR A CD2 1 
ATOM   1435 C  CE1 . TYR A 1 179 ? -1.458  9.247   14.552  1.00 32.12 ? 161 TYR A CE1 1 
ATOM   1436 C  CE2 . TYR A 1 179 ? -0.502  8.608   16.683  1.00 33.47 ? 161 TYR A CE2 1 
ATOM   1437 C  CZ  . TYR A 1 179 ? -0.772  9.574   15.736  1.00 32.56 ? 161 TYR A CZ  1 
ATOM   1438 O  OH  . TYR A 1 179 ? -0.339  10.838  15.881  1.00 35.02 ? 161 TYR A OH  1 
ATOM   1439 N  N   . ILE A 1 180 ? -3.229  4.966   18.117  1.00 41.00 ? 162 ILE A N   1 
ATOM   1440 C  CA  . ILE A 1 180 ? -3.427  5.481   19.548  1.00 47.14 ? 162 ILE A CA  1 
ATOM   1441 C  C   . ILE A 1 180 ? -2.118  5.981   20.153  1.00 46.96 ? 162 ILE A C   1 
ATOM   1442 O  O   . ILE A 1 180 ? -1.045  5.663   19.599  1.00 40.44 ? 162 ILE A O   1 
ATOM   1443 C  CB  . ILE A 1 180 ? -4.081  4.455   20.522  1.00 53.06 ? 162 ILE A CB  1 
ATOM   1444 C  CG1 . ILE A 1 180 ? -3.294  3.145   20.578  1.00 61.08 ? 162 ILE A CG1 1 
ATOM   1445 C  CG2 . ILE A 1 180 ? -5.543  4.153   20.154  1.00 49.97 ? 162 ILE A CG2 1 
ATOM   1446 C  CD1 . ILE A 1 180 ? -3.862  2.147   21.581  1.00 67.17 ? 162 ILE A CD1 1 
HETATM 1447 CL CL1 . 5JF B 2 .   ? -2.237  1.548   0.754   1.00 32.59 ? 201 5JF A CL1 1 
HETATM 1448 C  CAI . 5JF B 2 .   ? -2.453  0.392   2.183   1.00 30.60 ? 201 5JF A CAI 1 
HETATM 1449 C  CAH . 5JF B 2 .   ? -1.364  -0.228  2.805   1.00 31.20 ? 201 5JF A CAH 1 
HETATM 1450 CL CL2 . 5JF B 2 .   ? 0.214   0.235   2.158   1.00 36.20 ? 201 5JF A CL2 1 
HETATM 1451 C  CAF . 5JF B 2 .   ? -1.507  -1.128  3.871   1.00 29.61 ? 201 5JF A CAF 1 
HETATM 1452 C  CAD . 5JF B 2 .   ? -2.824  -1.359  4.327   1.00 26.98 ? 201 5JF A CAD 1 
HETATM 1453 C  CAE . 5JF B 2 .   ? -3.931  -0.771  3.727   1.00 29.10 ? 201 5JF A CAE 1 
HETATM 1454 C  CAG . 5JF B 2 .   ? -3.725  0.098   2.645   1.00 32.27 ? 201 5JF A CAG 1 
HETATM 1455 O  OAA . 5JF B 2 .   ? -4.722  0.742   2.013   1.00 33.29 ? 201 5JF A OAA 1 
HETATM 1456 O  O   . HOH C 3 .   ? -0.048  4.224   18.854  1.00 47.04 ? 301 HOH A O   1 
HETATM 1457 O  O   . HOH C 3 .   ? -14.611 3.185   7.402   1.00 51.89 ? 302 HOH A O   1 
HETATM 1458 O  O   . HOH C 3 .   ? -2.311  -14.281 -4.867  1.00 39.04 ? 303 HOH A O   1 
HETATM 1459 O  O   . HOH C 3 .   ? 26.854  15.112  -4.830  1.00 63.53 ? 304 HOH A O   1 
HETATM 1460 O  O   . HOH C 3 .   ? -4.577  16.960  -12.172 1.00 49.05 ? 305 HOH A O   1 
HETATM 1461 O  O   . HOH C 3 .   ? -1.873  2.996   17.517  1.00 44.26 ? 306 HOH A O   1 
HETATM 1462 O  O   . HOH C 3 .   ? -12.100 14.748  -4.901  1.00 41.92 ? 307 HOH A O   1 
HETATM 1463 O  O   . HOH C 3 .   ? 9.699   1.524   15.864  1.00 27.80 ? 308 HOH A O   1 
HETATM 1464 O  O   . HOH C 3 .   ? 1.491   -2.941  4.834   1.00 39.95 ? 309 HOH A O   1 
HETATM 1465 O  O   . HOH C 3 .   ? -1.302  11.820  11.120  1.00 34.20 ? 310 HOH A O   1 
HETATM 1466 O  O   . HOH C 3 .   ? 3.513   16.585  15.340  1.00 34.36 ? 311 HOH A O   1 
HETATM 1467 O  O   . HOH C 3 .   ? 6.202   -11.390 -0.064  1.00 28.49 ? 312 HOH A O   1 
HETATM 1468 O  O   . HOH C 3 .   ? 27.534  14.800  -11.012 1.00 26.92 ? 313 HOH A O   1 
HETATM 1469 O  O   . HOH C 3 .   ? -13.966 5.109   -6.963  1.00 33.57 ? 314 HOH A O   1 
HETATM 1470 O  O   . HOH C 3 .   ? 3.230   -8.005  15.677  1.00 39.10 ? 315 HOH A O   1 
HETATM 1471 O  O   . HOH C 3 .   ? 24.761  22.775  -4.368  1.00 44.83 ? 316 HOH A O   1 
HETATM 1472 O  O   . HOH C 3 .   ? 7.920   19.075  10.889  1.00 36.52 ? 317 HOH A O   1 
HETATM 1473 O  O   . HOH C 3 .   ? -3.194  12.759  -7.602  1.00 22.66 ? 318 HOH A O   1 
HETATM 1474 O  O   . HOH C 3 .   ? -11.654 -0.807  3.569   1.00 22.64 ? 319 HOH A O   1 
HETATM 1475 O  O   . HOH C 3 .   ? -0.968  -2.112  12.301  1.00 25.68 ? 320 HOH A O   1 
HETATM 1476 O  O   . HOH C 3 .   ? -20.746 -2.307  -2.355  1.00 35.38 ? 321 HOH A O   1 
HETATM 1477 O  O   . HOH C 3 .   ? 7.578   17.740  8.413   1.00 25.50 ? 322 HOH A O   1 
HETATM 1478 O  O   . HOH C 3 .   ? 28.419  12.750  -6.713  1.00 34.88 ? 323 HOH A O   1 
HETATM 1479 O  O   . HOH C 3 .   ? 10.253  1.389   -6.226  1.00 37.22 ? 324 HOH A O   1 
HETATM 1480 O  O   . HOH C 3 .   ? -7.639  -22.402 9.905   1.00 34.05 ? 325 HOH A O   1 
HETATM 1481 O  O   . HOH C 3 .   ? 14.791  3.300   11.925  1.00 50.44 ? 326 HOH A O   1 
HETATM 1482 O  O   . HOH C 3 .   ? -11.298 4.667   11.750  1.00 35.63 ? 327 HOH A O   1 
HETATM 1483 O  O   . HOH C 3 .   ? -18.395 -3.289  -8.533  1.00 33.24 ? 328 HOH A O   1 
HETATM 1484 O  O   . HOH C 3 .   ? -7.230  3.213   2.237   1.00 23.76 ? 329 HOH A O   1 
HETATM 1485 O  O   . HOH C 3 .   ? 12.454  13.793  18.457  1.00 34.25 ? 330 HOH A O   1 
HETATM 1486 O  O   . HOH C 3 .   ? 14.640  24.339  -2.927  1.00 40.54 ? 331 HOH A O   1 
HETATM 1487 O  O   . HOH C 3 .   ? 9.643   -5.352  15.834  1.00 33.41 ? 332 HOH A O   1 
HETATM 1488 O  O   . HOH C 3 .   ? -18.626 -3.218  1.417   1.00 35.54 ? 333 HOH A O   1 
HETATM 1489 O  O   . HOH C 3 .   ? -6.637  5.392   3.954   1.00 24.95 ? 334 HOH A O   1 
HETATM 1490 O  O   . HOH C 3 .   ? -18.035 -13.879 -3.005  1.00 50.42 ? 335 HOH A O   1 
HETATM 1491 O  O   . HOH C 3 .   ? 10.377  7.995   20.946  1.00 39.94 ? 336 HOH A O   1 
HETATM 1492 O  O   . HOH C 3 .   ? -9.650  8.140   -9.023  1.00 29.17 ? 337 HOH A O   1 
HETATM 1493 O  O   . HOH C 3 .   ? 9.431   -11.847 -3.494  1.00 42.96 ? 338 HOH A O   1 
HETATM 1494 O  O   . HOH C 3 .   ? 40.549  15.975  -14.941 1.00 37.11 ? 339 HOH A O   1 
HETATM 1495 O  O   . HOH C 3 .   ? -8.431  12.299  -12.931 1.00 38.59 ? 340 HOH A O   1 
HETATM 1496 O  O   . HOH C 3 .   ? -15.993 3.168   -6.711  1.00 29.93 ? 341 HOH A O   1 
HETATM 1497 O  O   . HOH C 3 .   ? 25.561  20.037  -7.585  1.00 32.83 ? 342 HOH A O   1 
HETATM 1498 O  O   . HOH C 3 .   ? -18.073 10.910  -4.041  1.00 46.55 ? 343 HOH A O   1 
HETATM 1499 O  O   . HOH C 3 .   ? 11.960  -8.220  -1.821  1.00 26.80 ? 344 HOH A O   1 
HETATM 1500 O  O   . HOH C 3 .   ? 14.595  -9.085  14.451  1.00 38.06 ? 345 HOH A O   1 
HETATM 1501 O  O   . HOH C 3 .   ? -1.893  16.467  8.845   1.00 29.41 ? 346 HOH A O   1 
HETATM 1502 O  O   . HOH C 3 .   ? 22.482  22.998  -17.207 1.00 31.04 ? 347 HOH A O   1 
HETATM 1503 O  O   . HOH C 3 .   ? 5.539   -6.117  -2.690  1.00 30.13 ? 348 HOH A O   1 
HETATM 1504 O  O   . HOH C 3 .   ? -2.850  -10.609 13.630  1.00 38.78 ? 349 HOH A O   1 
HETATM 1505 O  O   . HOH C 3 .   ? -10.633 10.289  0.752   1.00 28.37 ? 350 HOH A O   1 
HETATM 1506 O  O   . HOH C 3 .   ? 13.876  -8.799  4.486   1.00 25.54 ? 351 HOH A O   1 
HETATM 1507 O  O   . HOH C 3 .   ? -18.808 -4.050  3.908   1.00 47.44 ? 352 HOH A O   1 
HETATM 1508 O  O   . HOH C 3 .   ? -15.831 12.685  -10.662 1.00 39.07 ? 353 HOH A O   1 
HETATM 1509 O  O   . HOH C 3 .   ? -13.298 -8.391  9.372   1.00 36.81 ? 354 HOH A O   1 
HETATM 1510 O  O   . HOH C 3 .   ? -14.604 5.349   3.589   1.00 32.06 ? 355 HOH A O   1 
HETATM 1511 O  O   . HOH C 3 .   ? 0.684   -7.223  15.833  1.00 39.53 ? 356 HOH A O   1 
HETATM 1512 O  O   . HOH C 3 .   ? -5.139  3.321   0.447   1.00 25.90 ? 357 HOH A O   1 
HETATM 1513 O  O   . HOH C 3 .   ? -14.575 -24.274 7.606   1.00 63.32 ? 358 HOH A O   1 
HETATM 1514 O  O   . HOH C 3 .   ? 0.154   12.373  13.489  1.00 32.47 ? 359 HOH A O   1 
HETATM 1515 O  O   . HOH C 3 .   ? 9.420   3.750   -5.016  1.00 35.00 ? 360 HOH A O   1 
HETATM 1516 O  O   . HOH C 3 .   ? 17.039  -3.313  11.996  1.00 41.14 ? 361 HOH A O   1 
HETATM 1517 O  O   . HOH C 3 .   ? -9.980  -21.010 2.224   1.00 36.12 ? 362 HOH A O   1 
HETATM 1518 O  O   . HOH C 3 .   ? -11.357 4.528   -7.841  1.00 36.63 ? 363 HOH A O   1 
HETATM 1519 O  O   . HOH C 3 .   ? 17.855  -10.944 3.429   1.00 41.32 ? 364 HOH A O   1 
HETATM 1520 O  O   . HOH C 3 .   ? -13.457 -20.101 2.509   1.00 36.16 ? 365 HOH A O   1 
HETATM 1521 O  O   . HOH C 3 .   ? 0.995   -3.158  2.322   1.00 36.11 ? 366 HOH A O   1 
HETATM 1522 O  O   . HOH C 3 .   ? -3.239  9.668   7.924   1.00 40.64 ? 367 HOH A O   1 
HETATM 1523 O  O   . HOH C 3 .   ? -11.341 12.089  -10.973 1.00 29.20 ? 368 HOH A O   1 
HETATM 1524 O  O   . HOH C 3 .   ? -2.536  1.657   -9.014  1.00 37.71 ? 369 HOH A O   1 
HETATM 1525 O  O   . HOH C 3 .   ? -5.420  8.703   14.754  1.00 40.27 ? 370 HOH A O   1 
HETATM 1526 O  O   . HOH C 3 .   ? 28.729  17.716  -16.454 1.00 35.44 ? 371 HOH A O   1 
HETATM 1527 O  O   . HOH C 3 .   ? -4.420  18.656  5.200   1.00 38.89 ? 372 HOH A O   1 
HETATM 1528 O  O   . HOH C 3 .   ? 42.043  18.267  -1.094  1.00 43.91 ? 373 HOH A O   1 
HETATM 1529 O  O   . HOH C 3 .   ? -4.135  16.232  -13.149 1.00 47.45 ? 374 HOH A O   1 
HETATM 1530 O  O   . HOH C 3 .   ? -2.552  -3.376  13.754  1.00 31.46 ? 375 HOH A O   1 
HETATM 1531 O  O   . HOH C 3 .   ? 19.428  4.606   11.362  1.00 50.42 ? 376 HOH A O   1 
HETATM 1532 O  O   . HOH C 3 .   ? 6.417   20.294  15.603  1.00 57.94 ? 377 HOH A O   1 
HETATM 1533 O  O   . HOH C 3 .   ? 18.271  25.374  -5.418  1.00 52.96 ? 378 HOH A O   1 
HETATM 1534 O  O   . HOH C 3 .   ? 4.782   -5.753  16.785  1.00 44.50 ? 379 HOH A O   1 
HETATM 1535 O  O   . HOH C 3 .   ? 8.325   14.901  8.827   0.50 31.08 ? 380 HOH A O   1 
HETATM 1536 O  O   . HOH C 3 .   ? -2.955  14.282  10.297  1.00 33.16 ? 381 HOH A O   1 
HETATM 1537 O  O   . HOH C 3 .   ? 26.412  18.746  -5.200  1.00 35.70 ? 382 HOH A O   1 
HETATM 1538 O  O   . HOH C 3 .   ? -14.228 2.768   -8.463  1.00 59.38 ? 383 HOH A O   1 
HETATM 1539 O  O   . HOH C 3 .   ? -13.474 6.516   11.673  1.00 33.53 ? 384 HOH A O   1 
HETATM 1540 O  O   . HOH C 3 .   ? 10.749  -6.918  -3.734  1.00 42.33 ? 385 HOH A O   1 
HETATM 1541 O  O   . HOH C 3 .   ? 5.944   -7.935  -4.603  1.00 37.83 ? 386 HOH A O   1 
HETATM 1542 O  O   . HOH C 3 .   ? -6.531  -8.952  -14.914 1.00 44.84 ? 387 HOH A O   1 
HETATM 1543 O  O   . HOH C 3 .   ? -15.276 7.299   5.357   1.00 40.04 ? 388 HOH A O   1 
# 
